data_8H2C
#
_entry.id   8H2C
#
_cell.length_a   176.805
_cell.length_b   176.805
_cell.length_c   99.824
_cell.angle_alpha   90.000
_cell.angle_beta   90.000
_cell.angle_gamma   90.000
#
_symmetry.space_group_name_H-M   'P 4 21 2'
#
loop_
_entity.id
_entity.type
_entity.pdbx_description
1 polymer 'Pseudaminic acid synthase'
2 non-polymer 'MANGANESE (II) ION'
3 water water
#
_entity_poly.entity_id   1
_entity_poly.type   'polypeptide(L)'
_entity_poly.pdbx_seq_one_letter_code
;GSAKDPMQIGNFNTDKKVFIIAELSANHAGSLEMALKSIKAAKKAGADAIKIQTYTPDSLTLNSDKEDFIIKGGLWDKRK
LYELYESAKTPYEWHSQIFETAQNEGILCFSSPFAKEDVEFLKRFDPIAYKIASFEANDENFVRLIAKEKKPTIVSTGIA
TEEELFKICEIFKEEKNPDLIFLKCTSAYPAAIEDMNLKGIVSLKEKFNVEVGLSDHSFGFLAPVMAVALGARVIEKHFM
LDKSIESEDSKFSLDFDEFKAMVDAVRQAESALGDDKLDLDEKALKNRVFARSLYASKDIKKGEIFSEENVKSVRPSFGL
HPKFYQELLGKKATKDIKFGDALKQGDFQ
;
_entity_poly.pdbx_strand_id   A,B,C,D
#
# COMPACT_ATOMS: atom_id res chain seq x y z
N MET A 7 -17.00 -14.12 -9.43
CA MET A 7 -17.34 -13.37 -10.63
C MET A 7 -16.60 -12.03 -10.66
N GLN A 8 -16.38 -11.50 -11.87
CA GLN A 8 -15.47 -10.39 -12.08
C GLN A 8 -16.19 -9.25 -12.79
N ILE A 9 -16.07 -8.04 -12.25
CA ILE A 9 -16.52 -6.83 -12.92
C ILE A 9 -15.27 -6.08 -13.38
N GLY A 10 -15.02 -6.11 -14.68
CA GLY A 10 -13.77 -5.59 -15.19
C GLY A 10 -12.61 -6.43 -14.67
N ASN A 11 -11.72 -5.80 -13.91
CA ASN A 11 -10.61 -6.49 -13.26
C ASN A 11 -10.89 -6.73 -11.78
N PHE A 12 -12.09 -6.40 -11.31
CA PHE A 12 -12.42 -6.43 -9.89
C PHE A 12 -13.07 -7.75 -9.51
N ASN A 13 -12.52 -8.42 -8.50
CA ASN A 13 -13.08 -9.66 -7.97
C ASN A 13 -14.03 -9.32 -6.82
N THR A 14 -15.33 -9.47 -7.06
CA THR A 14 -16.29 -9.09 -6.04
C THR A 14 -16.53 -10.18 -5.01
N ASP A 15 -15.92 -11.35 -5.18
CA ASP A 15 -15.94 -12.39 -4.16
C ASP A 15 -14.80 -12.23 -3.17
N LYS A 16 -13.85 -11.35 -3.46
CA LYS A 16 -12.71 -11.06 -2.58
C LYS A 16 -12.85 -9.71 -1.88
N LYS A 17 -13.42 -8.72 -2.57
CA LYS A 17 -13.61 -7.39 -2.02
C LYS A 17 -15.03 -6.94 -2.35
N VAL A 18 -15.60 -6.12 -1.48
CA VAL A 18 -16.91 -5.57 -1.74
C VAL A 18 -16.79 -4.46 -2.77
N PHE A 19 -17.64 -4.49 -3.78
CA PHE A 19 -17.64 -3.51 -4.87
C PHE A 19 -18.40 -2.27 -4.41
N ILE A 20 -17.68 -1.20 -4.10
CA ILE A 20 -18.30 0.04 -3.63
C ILE A 20 -18.42 0.99 -4.82
N ILE A 21 -19.65 1.38 -5.14
CA ILE A 21 -19.94 2.24 -6.29
C ILE A 21 -20.41 3.60 -5.77
N ALA A 22 -19.80 4.66 -6.29
CA ALA A 22 -20.23 6.02 -6.00
C ALA A 22 -21.09 6.51 -7.18
N GLU A 23 -22.35 6.81 -6.91
CA GLU A 23 -23.25 7.25 -7.97
C GLU A 23 -23.05 8.74 -8.19
N LEU A 24 -22.47 9.09 -9.34
CA LEU A 24 -22.32 10.50 -9.65
C LEU A 24 -23.68 11.16 -9.81
N SER A 25 -24.65 10.41 -10.34
CA SER A 25 -26.03 10.84 -10.48
C SER A 25 -26.13 12.20 -11.16
N ALA A 26 -26.97 13.07 -10.60
CA ALA A 26 -27.10 14.44 -11.07
C ALA A 26 -26.39 15.43 -10.14
N ASN A 27 -25.46 14.95 -9.31
CA ASN A 27 -24.76 15.78 -8.35
C ASN A 27 -23.59 16.55 -8.94
N HIS A 28 -23.45 16.54 -10.28
CA HIS A 28 -22.53 17.44 -10.94
C HIS A 28 -23.14 18.83 -11.14
N ALA A 29 -24.45 18.96 -10.93
CA ALA A 29 -25.16 20.24 -11.03
C ALA A 29 -25.00 20.87 -12.42
N GLY A 30 -24.89 20.06 -13.46
CA GLY A 30 -24.79 20.59 -14.79
C GLY A 30 -23.43 21.18 -15.14
N SER A 31 -22.39 20.84 -14.38
CA SER A 31 -21.06 21.36 -14.60
C SER A 31 -20.10 20.20 -14.84
N LEU A 32 -19.44 20.21 -16.01
CA LEU A 32 -18.46 19.18 -16.29
C LEU A 32 -17.26 19.29 -15.36
N GLU A 33 -16.91 20.51 -14.94
CA GLU A 33 -15.80 20.70 -14.00
C GLU A 33 -16.08 20.01 -12.67
N MET A 34 -17.31 20.15 -12.16
CA MET A 34 -17.68 19.47 -10.93
C MET A 34 -17.73 17.96 -11.13
N ALA A 35 -18.14 17.51 -12.32
CA ALA A 35 -18.19 16.08 -12.61
C ALA A 35 -16.80 15.46 -12.54
N LEU A 36 -15.82 16.09 -13.21
CA LEU A 36 -14.46 15.56 -13.20
C LEU A 36 -13.83 15.69 -11.81
N LYS A 37 -14.17 16.75 -11.07
CA LYS A 37 -13.68 16.88 -9.70
C LYS A 37 -14.26 15.81 -8.79
N SER A 38 -15.51 15.40 -9.05
CA SER A 38 -16.14 14.37 -8.24
C SER A 38 -15.54 12.99 -8.50
N ILE A 39 -15.13 12.71 -9.74
CA ILE A 39 -14.60 11.39 -10.06
C ILE A 39 -13.28 11.14 -9.33
N LYS A 40 -12.37 12.11 -9.32
CA LYS A 40 -11.10 11.89 -8.64
C LYS A 40 -11.28 11.84 -7.13
N ALA A 41 -12.28 12.57 -6.60
CA ALA A 41 -12.50 12.56 -5.16
C ALA A 41 -13.14 11.25 -4.70
N ALA A 42 -13.95 10.61 -5.55
CA ALA A 42 -14.48 9.30 -5.22
C ALA A 42 -13.38 8.25 -5.14
N LYS A 43 -12.38 8.36 -6.03
CA LYS A 43 -11.23 7.46 -5.95
C LYS A 43 -10.40 7.74 -4.71
N LYS A 44 -10.27 9.02 -4.34
CA LYS A 44 -9.58 9.38 -3.12
C LYS A 44 -10.36 8.93 -1.89
N ALA A 45 -11.71 8.94 -1.97
CA ALA A 45 -12.54 8.49 -0.87
C ALA A 45 -12.44 6.99 -0.63
N GLY A 46 -11.99 6.23 -1.61
CA GLY A 46 -11.90 4.80 -1.49
C GLY A 46 -12.93 4.00 -2.28
N ALA A 47 -13.67 4.64 -3.17
CA ALA A 47 -14.61 3.93 -4.01
C ALA A 47 -13.89 3.12 -5.07
N ASP A 48 -14.52 2.04 -5.52
CA ASP A 48 -13.95 1.20 -6.57
C ASP A 48 -14.49 1.54 -7.95
N ALA A 49 -15.65 2.18 -8.03
CA ALA A 49 -16.22 2.54 -9.32
C ALA A 49 -17.11 3.77 -9.18
N ILE A 50 -17.21 4.52 -10.27
CA ILE A 50 -18.12 5.65 -10.37
C ILE A 50 -19.22 5.29 -11.37
N LYS A 51 -20.46 5.60 -11.02
CA LYS A 51 -21.60 5.29 -11.87
C LYS A 51 -22.33 6.58 -12.26
N ILE A 52 -22.37 6.86 -13.55
CA ILE A 52 -23.12 7.98 -14.07
C ILE A 52 -24.40 7.46 -14.71
N GLN A 53 -25.31 8.38 -15.02
CA GLN A 53 -26.56 8.05 -15.69
C GLN A 53 -26.51 8.58 -17.11
N THR A 54 -26.77 7.71 -18.07
CA THR A 54 -26.76 8.06 -19.50
C THR A 54 -28.19 8.03 -20.00
N TYR A 55 -28.74 9.20 -20.26
CA TYR A 55 -30.08 9.28 -20.82
C TYR A 55 -30.29 10.65 -21.44
N THR A 56 -31.30 10.74 -22.27
CA THR A 56 -31.90 11.98 -22.73
C THR A 56 -33.34 11.99 -22.24
N PRO A 57 -34.01 13.13 -22.24
CA PRO A 57 -35.42 13.12 -21.83
C PRO A 57 -36.27 12.17 -22.65
N ASP A 58 -35.93 12.00 -23.94
CA ASP A 58 -36.61 11.01 -24.76
C ASP A 58 -36.43 9.60 -24.20
N SER A 59 -35.30 9.35 -23.53
CA SER A 59 -35.04 8.03 -22.98
C SER A 59 -36.05 7.65 -21.91
N LEU A 60 -36.60 8.64 -21.20
CA LEU A 60 -37.37 8.40 -19.99
C LEU A 60 -38.88 8.57 -20.18
N THR A 61 -39.32 9.65 -20.82
CA THR A 61 -40.74 10.02 -20.77
C THR A 61 -41.13 10.70 -22.07
N LEU A 62 -42.34 11.23 -22.10
CA LEU A 62 -42.90 11.91 -23.27
C LEU A 62 -43.02 13.40 -22.99
N ASN A 63 -42.88 14.19 -24.05
CA ASN A 63 -43.03 15.65 -23.98
C ASN A 63 -44.51 15.99 -24.13
N SER A 64 -45.24 15.89 -23.02
CA SER A 64 -46.69 16.04 -23.06
C SER A 64 -47.17 16.92 -21.91
N ASP A 65 -48.29 17.59 -22.14
CA ASP A 65 -48.94 18.44 -21.15
C ASP A 65 -49.96 17.69 -20.33
N LYS A 66 -50.19 16.41 -20.64
CA LYS A 66 -51.22 15.63 -19.97
C LYS A 66 -50.86 15.41 -18.50
N GLU A 67 -51.89 15.08 -17.70
CA GLU A 67 -51.71 14.96 -16.26
C GLU A 67 -50.64 13.96 -15.90
N ASP A 68 -50.54 12.86 -16.66
CA ASP A 68 -49.58 11.82 -16.31
C ASP A 68 -48.15 12.31 -16.30
N PHE A 69 -47.83 13.31 -17.14
CA PHE A 69 -46.43 13.70 -17.35
C PHE A 69 -46.04 14.99 -16.62
N ILE A 70 -46.89 15.52 -15.74
CA ILE A 70 -46.53 16.69 -14.94
C ILE A 70 -46.28 16.23 -13.51
N ILE A 71 -45.24 16.80 -12.90
CA ILE A 71 -44.85 16.40 -11.55
C ILE A 71 -45.78 17.06 -10.55
N LYS A 72 -46.06 16.36 -9.45
CA LYS A 72 -46.95 16.87 -8.42
C LYS A 72 -46.18 17.08 -7.13
N GLY A 73 -46.20 18.32 -6.63
CA GLY A 73 -45.83 18.62 -5.25
C GLY A 73 -44.36 18.85 -4.99
N GLY A 74 -43.47 18.52 -5.91
CA GLY A 74 -42.03 18.66 -5.69
C GLY A 74 -41.55 20.08 -5.87
N LEU A 75 -40.22 20.21 -6.02
CA LEU A 75 -39.66 21.47 -6.47
C LEU A 75 -40.20 21.86 -7.83
N TRP A 76 -40.44 20.87 -8.68
CA TRP A 76 -41.08 21.05 -9.99
C TRP A 76 -42.59 20.79 -9.86
N ASP A 77 -43.22 21.57 -8.98
CA ASP A 77 -44.58 21.27 -8.51
C ASP A 77 -45.62 21.29 -9.62
N LYS A 78 -45.32 21.92 -10.76
CA LYS A 78 -46.27 21.92 -11.87
C LYS A 78 -45.59 21.80 -13.23
N ARG A 79 -44.31 21.44 -13.28
CA ARG A 79 -43.57 21.36 -14.52
C ARG A 79 -43.66 19.94 -15.11
N LYS A 80 -43.06 19.76 -16.28
CA LYS A 80 -43.12 18.50 -16.99
C LYS A 80 -42.05 17.55 -16.49
N LEU A 81 -42.32 16.24 -16.63
CA LEU A 81 -41.27 15.24 -16.41
C LEU A 81 -40.16 15.37 -17.43
N TYR A 82 -40.52 15.69 -18.68
CA TYR A 82 -39.51 15.88 -19.72
C TYR A 82 -38.56 17.02 -19.36
N GLU A 83 -39.09 18.09 -18.77
CA GLU A 83 -38.24 19.22 -18.40
C GLU A 83 -37.37 18.88 -17.20
N LEU A 84 -37.89 18.12 -16.24
CA LEU A 84 -37.09 17.71 -15.09
C LEU A 84 -35.89 16.86 -15.53
N TYR A 85 -36.15 15.87 -16.37
CA TYR A 85 -35.07 15.01 -16.86
C TYR A 85 -34.08 15.78 -17.74
N GLU A 86 -34.52 16.88 -18.35
CA GLU A 86 -33.62 17.68 -19.17
C GLU A 86 -32.57 18.39 -18.31
N SER A 87 -32.98 18.92 -17.15
CA SER A 87 -32.04 19.65 -16.31
C SER A 87 -31.11 18.71 -15.56
N ALA A 88 -31.57 17.51 -15.22
CA ALA A 88 -30.77 16.54 -14.48
C ALA A 88 -29.95 15.64 -15.39
N LYS A 89 -30.08 15.75 -16.70
CA LYS A 89 -29.38 14.86 -17.61
C LYS A 89 -27.87 15.04 -17.49
N THR A 90 -27.14 13.95 -17.70
CA THR A 90 -25.70 14.01 -17.90
C THR A 90 -25.45 14.01 -19.40
N PRO A 91 -24.94 15.09 -19.97
CA PRO A 91 -24.84 15.19 -21.43
C PRO A 91 -23.98 14.09 -22.03
N TYR A 92 -24.32 13.70 -23.26
CA TYR A 92 -23.48 12.76 -23.99
C TYR A 92 -22.10 13.35 -24.23
N GLU A 93 -22.02 14.68 -24.33
CA GLU A 93 -20.77 15.34 -24.65
C GLU A 93 -19.73 15.13 -23.56
N TRP A 94 -20.16 14.95 -22.32
CA TRP A 94 -19.24 14.76 -21.21
C TRP A 94 -18.71 13.34 -21.10
N HIS A 95 -19.38 12.38 -21.73
CA HIS A 95 -19.06 10.97 -21.48
C HIS A 95 -17.63 10.66 -21.88
N SER A 96 -17.15 11.24 -22.98
CA SER A 96 -15.77 11.01 -23.40
C SER A 96 -14.81 11.40 -22.29
N GLN A 97 -14.99 12.59 -21.72
CA GLN A 97 -14.12 13.05 -20.64
C GLN A 97 -14.34 12.25 -19.36
N ILE A 98 -15.59 11.91 -19.04
CA ILE A 98 -15.87 11.23 -17.78
C ILE A 98 -15.17 9.87 -17.73
N PHE A 99 -15.34 9.06 -18.78
CA PHE A 99 -14.73 7.73 -18.78
C PHE A 99 -13.21 7.83 -18.79
N GLU A 100 -12.67 8.77 -19.56
CA GLU A 100 -11.22 8.95 -19.61
C GLU A 100 -10.67 9.49 -18.30
N THR A 101 -11.42 10.37 -17.64
CA THR A 101 -10.96 10.90 -16.35
C THR A 101 -10.97 9.81 -15.28
N ALA A 102 -11.98 8.93 -15.32
CA ALA A 102 -12.02 7.81 -14.39
C ALA A 102 -10.85 6.86 -14.63
N GLN A 103 -10.54 6.61 -15.90
CA GLN A 103 -9.40 5.77 -16.25
C GLN A 103 -8.09 6.39 -15.77
N ASN A 104 -7.96 7.71 -15.87
CA ASN A 104 -6.75 8.38 -15.43
C ASN A 104 -6.57 8.28 -13.93
N GLU A 105 -7.65 8.45 -13.17
CA GLU A 105 -7.61 8.40 -11.72
C GLU A 105 -7.57 6.98 -11.16
N GLY A 106 -7.80 5.97 -11.99
CA GLY A 106 -7.73 4.60 -11.54
C GLY A 106 -9.01 4.02 -11.00
N ILE A 107 -10.10 4.77 -11.04
CA ILE A 107 -11.39 4.29 -10.55
C ILE A 107 -12.17 3.72 -11.73
N LEU A 108 -12.99 2.72 -11.46
CA LEU A 108 -13.79 2.12 -12.53
C LEU A 108 -14.95 3.03 -12.88
N CYS A 109 -15.47 2.85 -14.09
CA CYS A 109 -16.56 3.69 -14.57
C CYS A 109 -17.53 2.87 -15.40
N PHE A 110 -18.81 3.01 -15.08
CA PHE A 110 -19.88 2.44 -15.89
C PHE A 110 -21.10 3.33 -15.74
N SER A 111 -22.10 3.09 -16.56
CA SER A 111 -23.24 4.00 -16.64
C SER A 111 -24.54 3.24 -16.53
N SER A 112 -25.59 3.98 -16.16
CA SER A 112 -26.95 3.49 -16.09
C SER A 112 -27.73 4.03 -17.27
N PRO A 113 -27.96 3.25 -18.32
CA PRO A 113 -28.78 3.71 -19.44
C PRO A 113 -30.25 3.60 -19.10
N PHE A 114 -31.06 4.38 -19.82
CA PHE A 114 -32.50 4.36 -19.63
C PHE A 114 -33.29 4.13 -20.91
N ALA A 115 -32.63 3.96 -22.06
CA ALA A 115 -33.32 3.62 -23.30
C ALA A 115 -32.37 2.90 -24.23
N LYS A 116 -32.91 2.43 -25.36
CA LYS A 116 -32.10 1.73 -26.35
C LYS A 116 -31.02 2.63 -26.94
N GLU A 117 -31.36 3.89 -27.22
CA GLU A 117 -30.39 4.82 -27.80
C GLU A 117 -29.21 5.06 -26.86
N ASP A 118 -29.45 5.05 -25.55
CA ASP A 118 -28.34 5.27 -24.61
C ASP A 118 -27.37 4.09 -24.64
N VAL A 119 -27.88 2.88 -24.84
CA VAL A 119 -26.99 1.71 -24.91
C VAL A 119 -26.12 1.78 -26.14
N GLU A 120 -26.70 2.13 -27.30
CA GLU A 120 -25.90 2.25 -28.52
C GLU A 120 -24.84 3.32 -28.37
N PHE A 121 -25.15 4.39 -27.64
CA PHE A 121 -24.13 5.41 -27.35
C PHE A 121 -23.09 4.86 -26.38
N LEU A 122 -23.52 4.07 -25.40
CA LEU A 122 -22.59 3.55 -24.41
C LEU A 122 -21.65 2.50 -24.99
N LYS A 123 -22.07 1.80 -26.06
CA LYS A 123 -21.22 0.76 -26.63
C LYS A 123 -19.91 1.30 -27.14
N ARG A 124 -19.84 2.60 -27.47
CA ARG A 124 -18.60 3.16 -27.95
C ARG A 124 -17.55 3.22 -26.84
N PHE A 125 -17.97 3.14 -25.59
CA PHE A 125 -17.06 3.13 -24.46
C PHE A 125 -16.76 1.72 -23.96
N ASP A 126 -17.49 0.71 -24.45
CA ASP A 126 -17.38 -0.69 -24.01
C ASP A 126 -17.44 -0.77 -22.49
N PRO A 127 -18.60 -0.50 -21.89
CA PRO A 127 -18.66 -0.42 -20.42
C PRO A 127 -18.51 -1.79 -19.78
N ILE A 128 -17.79 -1.81 -18.66
CA ILE A 128 -17.54 -3.05 -17.93
C ILE A 128 -18.83 -3.60 -17.33
N ALA A 129 -19.80 -2.74 -17.05
CA ALA A 129 -21.03 -3.20 -16.43
C ALA A 129 -22.17 -2.27 -16.83
N TYR A 130 -23.40 -2.71 -16.56
CA TYR A 130 -24.59 -1.91 -16.77
C TYR A 130 -25.42 -1.89 -15.50
N LYS A 131 -26.18 -0.81 -15.33
CA LYS A 131 -27.07 -0.63 -14.20
C LYS A 131 -28.47 -0.38 -14.69
N ILE A 132 -29.42 -1.18 -14.23
CA ILE A 132 -30.83 -1.02 -14.55
C ILE A 132 -31.51 -0.44 -13.32
N ALA A 133 -32.03 0.78 -13.45
CA ALA A 133 -32.69 1.41 -12.32
C ALA A 133 -33.96 0.65 -11.95
N SER A 134 -34.45 0.89 -10.72
CA SER A 134 -35.60 0.16 -10.22
C SER A 134 -36.80 0.32 -11.14
N PHE A 135 -37.01 1.53 -11.66
CA PHE A 135 -38.20 1.80 -12.47
C PHE A 135 -38.18 1.10 -13.82
N GLU A 136 -37.00 0.75 -14.32
CA GLU A 136 -36.89 0.06 -15.61
C GLU A 136 -36.81 -1.46 -15.48
N ALA A 137 -36.90 -1.99 -14.26
CA ALA A 137 -36.75 -3.42 -14.05
C ALA A 137 -37.91 -4.22 -14.62
N ASN A 138 -39.09 -3.61 -14.73
CA ASN A 138 -40.25 -4.32 -15.24
C ASN A 138 -40.33 -4.29 -16.76
N ASP A 139 -39.35 -3.68 -17.42
CA ASP A 139 -39.32 -3.59 -18.89
C ASP A 139 -38.47 -4.74 -19.42
N GLU A 140 -39.14 -5.81 -19.87
CA GLU A 140 -38.43 -7.00 -20.30
C GLU A 140 -37.62 -6.73 -21.57
N ASN A 141 -38.15 -5.91 -22.49
CA ASN A 141 -37.45 -5.62 -23.73
C ASN A 141 -36.18 -4.81 -23.47
N PHE A 142 -36.24 -3.86 -22.55
CA PHE A 142 -35.05 -3.12 -22.16
C PHE A 142 -34.06 -4.03 -21.43
N VAL A 143 -34.56 -4.87 -20.53
CA VAL A 143 -33.69 -5.78 -19.80
C VAL A 143 -33.05 -6.77 -20.76
N ARG A 144 -33.82 -7.28 -21.72
CA ARG A 144 -33.27 -8.22 -22.69
C ARG A 144 -32.20 -7.54 -23.55
N LEU A 145 -32.44 -6.29 -23.93
CA LEU A 145 -31.46 -5.56 -24.75
C LEU A 145 -30.13 -5.38 -24.00
N ILE A 146 -30.20 -5.14 -22.70
CA ILE A 146 -28.98 -4.97 -21.91
C ILE A 146 -28.32 -6.32 -21.68
N ALA A 147 -29.11 -7.39 -21.54
CA ALA A 147 -28.52 -8.70 -21.31
C ALA A 147 -27.71 -9.17 -22.50
N LYS A 148 -28.13 -8.81 -23.72
CA LYS A 148 -27.38 -9.19 -24.91
C LYS A 148 -26.00 -8.54 -24.98
N GLU A 149 -25.71 -7.58 -24.11
CA GLU A 149 -24.39 -6.97 -24.07
C GLU A 149 -23.35 -7.85 -23.39
N LYS A 150 -23.78 -8.92 -22.71
CA LYS A 150 -22.87 -9.91 -22.13
C LYS A 150 -21.94 -9.30 -21.08
N LYS A 151 -22.42 -8.28 -20.37
CA LYS A 151 -21.65 -7.64 -19.31
C LYS A 151 -22.36 -7.82 -17.97
N PRO A 152 -21.63 -7.72 -16.86
CA PRO A 152 -22.29 -7.76 -15.55
C PRO A 152 -23.36 -6.67 -15.46
N THR A 153 -24.57 -7.10 -15.13
CA THR A 153 -25.70 -6.19 -15.07
C THR A 153 -26.22 -6.13 -13.64
N ILE A 154 -26.27 -4.93 -13.07
CA ILE A 154 -26.81 -4.70 -11.75
C ILE A 154 -28.23 -4.16 -11.89
N VAL A 155 -29.17 -4.77 -11.17
CA VAL A 155 -30.58 -4.42 -11.26
C VAL A 155 -31.06 -4.00 -9.88
N SER A 156 -31.71 -2.85 -9.81
CA SER A 156 -32.33 -2.39 -8.58
C SER A 156 -33.72 -3.01 -8.48
N THR A 157 -33.98 -3.66 -7.35
CA THR A 157 -35.25 -4.37 -7.14
C THR A 157 -36.25 -3.54 -6.36
N GLY A 158 -36.10 -2.21 -6.36
CA GLY A 158 -36.89 -1.37 -5.49
C GLY A 158 -38.39 -1.50 -5.71
N ILE A 159 -38.80 -1.55 -6.98
CA ILE A 159 -40.22 -1.64 -7.32
C ILE A 159 -40.59 -2.93 -8.02
N ALA A 160 -39.62 -3.76 -8.40
CA ALA A 160 -39.93 -4.97 -9.16
C ALA A 160 -40.58 -6.02 -8.28
N THR A 161 -41.58 -6.70 -8.85
CA THR A 161 -42.23 -7.81 -8.18
C THR A 161 -41.43 -9.09 -8.39
N GLU A 162 -41.79 -10.13 -7.63
CA GLU A 162 -41.10 -11.42 -7.77
C GLU A 162 -41.26 -11.99 -9.17
N GLU A 163 -42.46 -11.90 -9.74
CA GLU A 163 -42.67 -12.39 -11.10
C GLU A 163 -41.76 -11.65 -12.07
N GLU A 164 -41.60 -10.34 -11.88
CA GLU A 164 -40.71 -9.58 -12.75
C GLU A 164 -39.25 -9.94 -12.49
N LEU A 165 -38.89 -10.15 -11.21
CA LEU A 165 -37.53 -10.57 -10.90
C LEU A 165 -37.24 -11.97 -11.45
N PHE A 166 -38.22 -12.87 -11.39
CA PHE A 166 -38.04 -14.18 -12.01
C PHE A 166 -37.91 -14.04 -13.51
N LYS A 167 -38.69 -13.14 -14.12
CA LYS A 167 -38.61 -12.94 -15.56
C LYS A 167 -37.25 -12.36 -15.96
N ILE A 168 -36.67 -11.51 -15.11
CA ILE A 168 -35.32 -10.99 -15.38
C ILE A 168 -34.31 -12.11 -15.41
N CYS A 169 -34.42 -13.05 -14.47
CA CYS A 169 -33.46 -14.17 -14.42
C CYS A 169 -33.58 -15.04 -15.67
N GLU A 170 -34.81 -15.37 -16.06
CA GLU A 170 -35.00 -16.19 -17.26
C GLU A 170 -34.42 -15.51 -18.48
N ILE A 171 -34.57 -14.18 -18.57
CA ILE A 171 -34.03 -13.44 -19.71
C ILE A 171 -32.50 -13.55 -19.73
N PHE A 172 -31.87 -13.38 -18.58
CA PHE A 172 -30.41 -13.46 -18.53
C PHE A 172 -29.93 -14.88 -18.83
N LYS A 173 -30.68 -15.90 -18.38
CA LYS A 173 -30.36 -17.26 -18.79
C LYS A 173 -30.63 -17.46 -20.28
N GLU A 174 -31.70 -16.86 -20.80
CA GLU A 174 -31.99 -16.95 -22.23
C GLU A 174 -30.86 -16.35 -23.06
N GLU A 175 -30.39 -15.18 -22.67
CA GLU A 175 -29.34 -14.49 -23.42
C GLU A 175 -27.95 -14.95 -23.02
N LYS A 176 -27.84 -16.01 -22.22
CA LYS A 176 -26.55 -16.60 -21.89
C LYS A 176 -25.63 -15.57 -21.24
N ASN A 177 -26.21 -14.75 -20.35
CA ASN A 177 -25.48 -13.79 -19.55
C ASN A 177 -25.50 -14.22 -18.10
N PRO A 178 -24.41 -14.72 -17.53
CA PRO A 178 -24.44 -15.26 -16.17
C PRO A 178 -24.17 -14.24 -15.06
N ASP A 179 -23.74 -13.02 -15.40
CA ASP A 179 -23.35 -12.04 -14.40
C ASP A 179 -24.51 -11.11 -14.12
N LEU A 180 -25.47 -11.60 -13.33
CA LEU A 180 -26.63 -10.84 -12.90
C LEU A 180 -26.52 -10.55 -11.40
N ILE A 181 -26.68 -9.28 -11.03
CA ILE A 181 -26.60 -8.85 -9.63
C ILE A 181 -27.88 -8.12 -9.28
N PHE A 182 -28.46 -8.47 -8.13
CA PHE A 182 -29.67 -7.82 -7.61
C PHE A 182 -29.33 -6.98 -6.39
N LEU A 183 -29.84 -5.75 -6.37
CA LEU A 183 -29.65 -4.87 -5.23
C LEU A 183 -30.94 -4.75 -4.45
N LYS A 184 -30.83 -4.80 -3.13
CA LYS A 184 -31.93 -4.35 -2.28
C LYS A 184 -31.81 -2.85 -2.13
N CYS A 185 -32.93 -2.15 -2.26
CA CYS A 185 -32.96 -0.70 -2.15
C CYS A 185 -33.44 -0.30 -0.75
N THR A 186 -32.80 0.73 -0.20
CA THR A 186 -33.23 1.34 1.05
C THR A 186 -33.64 2.78 0.76
N SER A 187 -34.83 3.15 1.22
CA SER A 187 -35.34 4.49 0.95
C SER A 187 -34.62 5.53 1.80
N ALA A 188 -34.66 6.77 1.31
CA ALA A 188 -34.01 7.87 1.99
C ALA A 188 -34.87 8.36 3.15
N TYR A 189 -34.20 8.93 4.15
CA TYR A 189 -34.90 9.43 5.33
C TYR A 189 -35.82 10.59 4.93
N PRO A 190 -36.93 10.82 5.66
CA PRO A 190 -37.36 10.32 6.97
C PRO A 190 -37.90 8.89 7.00
N ALA A 191 -37.65 8.08 5.98
CA ALA A 191 -38.10 6.69 5.99
C ALA A 191 -37.55 5.99 7.23
N ALA A 192 -38.38 5.13 7.83
CA ALA A 192 -37.98 4.54 9.09
C ALA A 192 -37.04 3.36 8.87
N ILE A 193 -36.24 3.09 9.91
CA ILE A 193 -35.32 1.97 9.87
C ILE A 193 -36.05 0.63 9.81
N GLU A 194 -37.27 0.57 10.35
CA GLU A 194 -38.04 -0.67 10.30
C GLU A 194 -38.38 -1.08 8.87
N ASP A 195 -38.46 -0.12 7.96
CA ASP A 195 -38.82 -0.39 6.57
C ASP A 195 -37.63 -0.80 5.71
N MET A 196 -36.42 -0.88 6.28
CA MET A 196 -35.25 -1.23 5.49
C MET A 196 -35.33 -2.66 4.96
N ASN A 197 -35.66 -3.61 5.81
CA ASN A 197 -35.77 -5.02 5.47
C ASN A 197 -34.49 -5.53 4.82
N LEU A 198 -33.37 -5.35 5.53
CA LEU A 198 -32.09 -5.72 4.96
C LEU A 198 -31.96 -7.22 4.78
N LYS A 199 -32.79 -8.03 5.44
CA LYS A 199 -32.73 -9.47 5.23
C LYS A 199 -33.18 -9.87 3.83
N GLY A 200 -33.82 -8.97 3.08
CA GLY A 200 -34.14 -9.26 1.71
C GLY A 200 -32.91 -9.49 0.85
N ILE A 201 -31.74 -9.06 1.32
CA ILE A 201 -30.50 -9.36 0.63
C ILE A 201 -30.28 -10.87 0.58
N VAL A 202 -30.49 -11.54 1.71
CA VAL A 202 -30.37 -13.00 1.75
C VAL A 202 -31.44 -13.63 0.88
N SER A 203 -32.68 -13.13 0.98
CA SER A 203 -33.77 -13.71 0.21
C SER A 203 -33.54 -13.58 -1.29
N LEU A 204 -32.99 -12.44 -1.72
CA LEU A 204 -32.69 -12.24 -3.14
C LEU A 204 -31.67 -13.25 -3.63
N LYS A 205 -30.66 -13.58 -2.82
CA LYS A 205 -29.66 -14.53 -3.24
C LYS A 205 -30.22 -15.94 -3.32
N GLU A 206 -30.99 -16.34 -2.31
CA GLU A 206 -31.49 -17.71 -2.24
C GLU A 206 -32.52 -17.98 -3.34
N LYS A 207 -33.48 -17.06 -3.49
CA LYS A 207 -34.61 -17.32 -4.38
C LYS A 207 -34.18 -17.33 -5.85
N PHE A 208 -33.32 -16.39 -6.25
CA PHE A 208 -33.00 -16.20 -7.66
C PHE A 208 -31.60 -16.65 -8.06
N ASN A 209 -30.79 -17.12 -7.11
CA ASN A 209 -29.44 -17.63 -7.40
C ASN A 209 -28.63 -16.61 -8.20
N VAL A 210 -28.61 -15.37 -7.70
CA VAL A 210 -27.84 -14.28 -8.29
C VAL A 210 -26.98 -13.66 -7.20
N GLU A 211 -26.03 -12.84 -7.63
CA GLU A 211 -25.28 -12.06 -6.65
C GLU A 211 -26.12 -10.89 -6.16
N VAL A 212 -25.87 -10.49 -4.91
CA VAL A 212 -26.73 -9.52 -4.25
C VAL A 212 -25.89 -8.35 -3.76
N GLY A 213 -26.55 -7.20 -3.62
CA GLY A 213 -25.90 -5.99 -3.17
C GLY A 213 -26.90 -5.05 -2.55
N LEU A 214 -26.40 -3.88 -2.14
CA LEU A 214 -27.23 -2.89 -1.46
C LEU A 214 -27.12 -1.55 -2.18
N SER A 215 -28.29 -0.98 -2.52
CA SER A 215 -28.38 0.39 -3.04
C SER A 215 -28.93 1.25 -1.90
N ASP A 216 -28.04 1.99 -1.25
CA ASP A 216 -28.35 2.65 0.01
C ASP A 216 -28.59 4.13 -0.23
N HIS A 217 -29.81 4.56 0.07
CA HIS A 217 -30.13 5.98 0.11
C HIS A 217 -30.29 6.48 1.54
N SER A 218 -29.89 5.68 2.52
CA SER A 218 -29.98 6.04 3.92
C SER A 218 -28.63 6.54 4.43
N PHE A 219 -28.67 7.27 5.54
CA PHE A 219 -27.47 7.84 6.15
C PHE A 219 -27.02 7.01 7.33
N GLY A 220 -25.71 6.99 7.55
CA GLY A 220 -25.13 6.25 8.63
C GLY A 220 -24.40 5.02 8.14
N PHE A 221 -24.11 4.12 9.08
CA PHE A 221 -23.38 2.91 8.78
C PHE A 221 -24.21 1.65 8.96
N LEU A 222 -25.43 1.76 9.49
CA LEU A 222 -26.23 0.58 9.78
C LEU A 222 -26.48 -0.25 8.52
N ALA A 223 -27.00 0.38 7.47
CA ALA A 223 -27.36 -0.37 6.27
C ALA A 223 -26.15 -0.95 5.55
N PRO A 224 -25.08 -0.19 5.25
CA PRO A 224 -23.96 -0.80 4.52
C PRO A 224 -23.20 -1.83 5.34
N VAL A 225 -23.03 -1.60 6.65
CA VAL A 225 -22.27 -2.53 7.47
C VAL A 225 -23.02 -3.86 7.61
N MET A 226 -24.34 -3.80 7.79
CA MET A 226 -25.11 -5.03 7.86
C MET A 226 -25.20 -5.74 6.52
N ALA A 227 -25.22 -4.97 5.43
CA ALA A 227 -25.27 -5.58 4.10
C ALA A 227 -24.07 -6.46 3.85
N VAL A 228 -22.88 -6.01 4.27
CA VAL A 228 -21.68 -6.83 4.12
C VAL A 228 -21.84 -8.16 4.84
N ALA A 229 -22.33 -8.11 6.09
CA ALA A 229 -22.55 -9.32 6.85
C ALA A 229 -23.62 -10.19 6.21
N LEU A 230 -24.63 -9.58 5.60
CA LEU A 230 -25.72 -10.34 4.98
C LEU A 230 -25.34 -10.91 3.62
N GLY A 231 -24.12 -10.67 3.16
CA GLY A 231 -23.64 -11.27 1.93
C GLY A 231 -23.63 -10.35 0.73
N ALA A 232 -23.95 -9.07 0.91
CA ALA A 232 -23.94 -8.14 -0.21
C ALA A 232 -22.51 -7.89 -0.65
N ARG A 233 -22.25 -8.01 -1.95
CA ARG A 233 -20.91 -7.80 -2.47
C ARG A 233 -20.81 -6.57 -3.36
N VAL A 234 -21.89 -5.80 -3.50
CA VAL A 234 -21.89 -4.55 -4.24
C VAL A 234 -22.60 -3.52 -3.37
N ILE A 235 -21.93 -2.40 -3.09
CA ILE A 235 -22.51 -1.32 -2.29
C ILE A 235 -22.58 -0.06 -3.16
N GLU A 236 -23.76 0.51 -3.24
CA GLU A 236 -24.04 1.67 -4.08
C GLU A 236 -24.52 2.81 -3.20
N LYS A 237 -23.85 3.96 -3.30
CA LYS A 237 -24.22 5.14 -2.54
C LYS A 237 -24.11 6.36 -3.46
N HIS A 238 -25.06 7.28 -3.32
CA HIS A 238 -25.04 8.51 -4.09
C HIS A 238 -23.98 9.46 -3.55
N PHE A 239 -23.24 10.08 -4.46
CA PHE A 239 -22.05 10.86 -4.12
C PHE A 239 -22.18 12.28 -4.66
N MET A 240 -21.81 13.25 -3.83
CA MET A 240 -21.71 14.65 -4.25
C MET A 240 -20.46 15.22 -3.60
N LEU A 241 -19.78 16.12 -4.31
CA LEU A 241 -18.51 16.64 -3.82
C LEU A 241 -18.70 17.55 -2.62
N ASP A 242 -19.66 18.46 -2.67
CA ASP A 242 -19.86 19.46 -1.63
C ASP A 242 -21.22 19.30 -0.98
N LYS A 243 -21.30 19.68 0.30
CA LYS A 243 -22.54 19.62 1.05
C LYS A 243 -23.46 20.80 0.77
N SER A 244 -22.96 21.85 0.12
CA SER A 244 -23.80 22.96 -0.34
C SER A 244 -24.10 22.87 -1.83
N ILE A 245 -23.70 21.78 -2.49
CA ILE A 245 -23.98 21.58 -3.91
C ILE A 245 -25.41 21.09 -4.06
N GLU A 246 -26.37 22.02 -4.04
CA GLU A 246 -27.78 21.66 -4.17
C GLU A 246 -28.05 21.08 -5.55
N SER A 247 -28.72 19.93 -5.57
CA SER A 247 -29.04 19.25 -6.82
C SER A 247 -30.34 18.47 -6.61
N GLU A 248 -30.65 17.58 -7.56
CA GLU A 248 -31.86 16.77 -7.48
C GLU A 248 -31.70 15.58 -6.53
N ASP A 249 -30.48 15.30 -6.06
CA ASP A 249 -30.24 14.17 -5.17
C ASP A 249 -29.41 14.56 -3.95
N SER A 250 -29.20 15.85 -3.71
CA SER A 250 -28.34 16.29 -2.63
C SER A 250 -28.92 16.00 -1.25
N LYS A 251 -30.18 15.56 -1.17
CA LYS A 251 -30.80 15.36 0.14
C LYS A 251 -30.36 14.04 0.78
N PHE A 252 -30.13 13.00 -0.03
CA PHE A 252 -29.71 11.71 0.49
C PHE A 252 -28.32 11.28 0.03
N SER A 253 -27.53 12.19 -0.53
CA SER A 253 -26.19 11.85 -0.97
C SER A 253 -25.17 12.06 0.14
N LEU A 254 -23.96 11.55 -0.09
CA LEU A 254 -22.85 11.71 0.83
C LEU A 254 -21.79 12.60 0.21
N ASP A 255 -21.22 13.49 1.03
CA ASP A 255 -20.10 14.29 0.58
C ASP A 255 -18.81 13.46 0.67
N PHE A 256 -17.69 14.09 0.35
CA PHE A 256 -16.42 13.38 0.39
C PHE A 256 -16.14 12.82 1.78
N ASP A 257 -16.46 13.59 2.82
CA ASP A 257 -16.16 13.14 4.18
C ASP A 257 -17.01 11.93 4.55
N GLU A 258 -18.32 12.01 4.34
CA GLU A 258 -19.20 10.91 4.72
C GLU A 258 -19.00 9.68 3.86
N PHE A 259 -18.70 9.87 2.56
CA PHE A 259 -18.48 8.71 1.70
C PHE A 259 -17.19 7.99 2.07
N LYS A 260 -16.11 8.73 2.34
CA LYS A 260 -14.88 8.11 2.79
C LYS A 260 -15.08 7.39 4.11
N ALA A 261 -15.86 7.98 5.03
CA ALA A 261 -16.14 7.32 6.29
C ALA A 261 -16.98 6.06 6.10
N MET A 262 -17.92 6.10 5.15
CA MET A 262 -18.71 4.90 4.88
C MET A 262 -17.84 3.80 4.30
N VAL A 263 -16.90 4.16 3.41
CA VAL A 263 -16.00 3.19 2.83
C VAL A 263 -15.17 2.51 3.91
N ASP A 264 -14.64 3.30 4.85
CA ASP A 264 -13.86 2.71 5.94
C ASP A 264 -14.72 1.80 6.79
N ALA A 265 -15.99 2.16 7.00
CA ALA A 265 -16.88 1.29 7.77
C ALA A 265 -17.15 -0.02 7.04
N VAL A 266 -17.34 0.05 5.72
CA VAL A 266 -17.58 -1.17 4.96
C VAL A 266 -16.33 -2.03 4.91
N ARG A 267 -15.15 -1.40 4.72
CA ARG A 267 -13.90 -2.18 4.67
C ARG A 267 -13.59 -2.81 6.02
N GLN A 268 -13.93 -2.15 7.12
CA GLN A 268 -13.76 -2.78 8.43
C GLN A 268 -14.65 -3.99 8.56
N ALA A 269 -15.90 -3.90 8.08
CA ALA A 269 -16.81 -5.03 8.14
C ALA A 269 -16.30 -6.20 7.31
N GLU A 270 -15.66 -5.91 6.18
CA GLU A 270 -15.12 -6.97 5.34
C GLU A 270 -14.06 -7.78 6.10
N SER A 271 -13.08 -7.08 6.68
CA SER A 271 -12.01 -7.77 7.39
C SER A 271 -12.52 -8.39 8.68
N ALA A 272 -13.51 -7.76 9.32
CA ALA A 272 -14.09 -8.31 10.54
C ALA A 272 -15.03 -9.48 10.25
N LEU A 273 -15.42 -9.69 8.99
CA LEU A 273 -16.17 -10.90 8.65
C LEU A 273 -15.27 -12.13 8.75
N GLY A 274 -14.04 -11.99 8.30
CA GLY A 274 -13.01 -13.01 8.51
C GLY A 274 -13.31 -14.33 7.85
N ASP A 275 -12.96 -15.40 8.56
CA ASP A 275 -12.98 -16.75 8.02
C ASP A 275 -14.10 -17.56 8.65
N ASP A 276 -14.59 -18.54 7.89
CA ASP A 276 -15.51 -19.53 8.45
C ASP A 276 -14.79 -20.54 9.33
N LYS A 277 -13.52 -20.81 9.03
CA LYS A 277 -12.74 -21.80 9.74
C LYS A 277 -12.79 -21.60 11.25
N LEU A 278 -12.97 -22.71 11.97
CA LEU A 278 -13.06 -22.72 13.42
C LEU A 278 -11.73 -23.16 14.03
N ASP A 279 -10.64 -22.89 13.33
CA ASP A 279 -9.30 -23.19 13.81
C ASP A 279 -8.95 -22.25 14.95
N LEU A 280 -8.10 -22.73 15.86
CA LEU A 280 -7.72 -21.89 17.00
C LEU A 280 -6.62 -20.94 16.57
N ASP A 281 -6.83 -19.65 16.79
CA ASP A 281 -5.86 -18.63 16.42
C ASP A 281 -4.75 -18.57 17.46
N GLU A 282 -3.76 -17.71 17.20
CA GLU A 282 -2.66 -17.55 18.13
C GLU A 282 -3.14 -17.07 19.49
N LYS A 283 -4.12 -16.16 19.51
CA LYS A 283 -4.67 -15.70 20.78
C LYS A 283 -5.48 -16.78 21.47
N ALA A 284 -6.19 -17.60 20.69
CA ALA A 284 -6.98 -18.67 21.28
C ALA A 284 -6.08 -19.73 21.91
N LEU A 285 -4.92 -19.99 21.30
CA LEU A 285 -4.00 -20.96 21.89
C LEU A 285 -3.36 -20.41 23.16
N LYS A 286 -3.17 -19.09 23.26
CA LYS A 286 -2.63 -18.51 24.47
C LYS A 286 -3.62 -18.61 25.62
N ASN A 287 -4.92 -18.47 25.34
CA ASN A 287 -5.94 -18.61 26.37
C ASN A 287 -6.23 -20.06 26.70
N ARG A 288 -5.83 -21.00 25.84
CA ARG A 288 -6.11 -22.39 26.12
C ARG A 288 -5.19 -22.95 27.20
N VAL A 289 -4.17 -22.20 27.61
CA VAL A 289 -3.32 -22.62 28.72
C VAL A 289 -4.16 -22.82 29.97
N PHE A 290 -5.16 -21.97 30.17
CA PHE A 290 -6.02 -22.01 31.33
C PHE A 290 -7.26 -22.87 31.12
N ALA A 291 -7.22 -23.78 30.14
CA ALA A 291 -8.34 -24.69 29.96
C ALA A 291 -8.31 -25.77 31.03
N ARG A 292 -9.43 -26.49 31.17
CA ARG A 292 -9.53 -27.51 32.20
C ARG A 292 -8.61 -28.69 31.88
N SER A 293 -8.02 -29.27 32.92
CA SER A 293 -7.24 -30.49 32.77
C SER A 293 -7.21 -31.23 34.10
N LEU A 294 -6.80 -32.49 34.03
CA LEU A 294 -6.78 -33.38 35.20
C LEU A 294 -5.48 -33.25 35.98
N TYR A 295 -5.61 -33.00 37.28
CA TYR A 295 -4.50 -32.87 38.21
C TYR A 295 -4.72 -33.79 39.40
N ALA A 296 -3.68 -34.01 40.17
CA ALA A 296 -3.78 -34.80 41.40
C ALA A 296 -4.19 -33.89 42.55
N SER A 297 -5.37 -34.14 43.10
CA SER A 297 -5.89 -33.36 44.22
C SER A 297 -5.42 -33.88 45.56
N LYS A 298 -4.61 -34.94 45.57
CA LYS A 298 -3.97 -35.45 46.77
C LYS A 298 -2.68 -36.13 46.35
N ASP A 299 -1.87 -36.50 47.34
CA ASP A 299 -0.69 -37.30 47.05
C ASP A 299 -1.09 -38.73 46.74
N ILE A 300 -0.43 -39.31 45.74
CA ILE A 300 -0.76 -40.66 45.26
C ILE A 300 0.53 -41.48 45.21
N LYS A 301 0.59 -42.52 46.01
CA LYS A 301 1.74 -43.42 45.99
C LYS A 301 1.61 -44.41 44.84
N LYS A 302 2.73 -44.99 44.44
CA LYS A 302 2.71 -45.97 43.37
C LYS A 302 1.84 -47.15 43.75
N GLY A 303 0.96 -47.55 42.85
CA GLY A 303 0.02 -48.62 43.10
C GLY A 303 -1.31 -48.20 43.66
N GLU A 304 -1.46 -46.93 44.06
CA GLU A 304 -2.76 -46.42 44.50
C GLU A 304 -3.67 -46.20 43.29
N ILE A 305 -4.95 -46.42 43.50
CA ILE A 305 -5.91 -46.27 42.42
C ILE A 305 -6.41 -44.84 42.35
N PHE A 306 -6.69 -44.38 41.14
CA PHE A 306 -7.20 -43.03 40.94
C PHE A 306 -8.70 -42.99 41.17
N SER A 307 -9.18 -41.89 41.74
CA SER A 307 -10.60 -41.75 42.06
C SER A 307 -10.97 -40.28 42.06
N GLU A 308 -12.23 -40.00 42.38
CA GLU A 308 -12.67 -38.62 42.53
C GLU A 308 -11.94 -37.92 43.67
N GLU A 309 -11.48 -38.67 44.67
CA GLU A 309 -10.87 -38.05 45.84
C GLU A 309 -9.45 -37.54 45.57
N ASN A 310 -8.73 -38.15 44.62
CA ASN A 310 -7.36 -37.76 44.35
C ASN A 310 -7.15 -37.19 42.96
N VAL A 311 -8.21 -37.10 42.14
CA VAL A 311 -8.12 -36.52 40.80
C VAL A 311 -9.13 -35.38 40.73
N LYS A 312 -8.70 -34.23 40.23
CA LYS A 312 -9.59 -33.09 40.11
C LYS A 312 -9.37 -32.40 38.77
N SER A 313 -10.47 -32.01 38.13
CA SER A 313 -10.42 -31.23 36.90
C SER A 313 -10.29 -29.76 37.25
N VAL A 314 -9.13 -29.17 36.95
CA VAL A 314 -8.84 -27.80 37.32
C VAL A 314 -8.09 -27.11 36.19
N ARG A 315 -7.93 -25.79 36.35
CA ARG A 315 -7.06 -24.91 35.58
C ARG A 315 -5.68 -24.87 36.22
N PRO A 316 -4.59 -24.84 35.45
CA PRO A 316 -4.54 -24.69 33.99
C PRO A 316 -4.71 -26.02 33.24
N SER A 317 -4.32 -26.03 31.96
CA SER A 317 -4.57 -27.15 31.06
C SER A 317 -3.35 -28.06 30.91
N PHE A 318 -2.36 -27.93 31.78
CA PHE A 318 -1.12 -28.67 31.59
C PHE A 318 -1.25 -30.15 31.92
N GLY A 319 -2.37 -30.58 32.48
CA GLY A 319 -2.57 -31.96 32.87
C GLY A 319 -3.23 -32.77 31.77
N LEU A 320 -3.78 -33.90 32.17
CA LEU A 320 -4.49 -34.75 31.23
C LEU A 320 -5.76 -34.07 30.76
N HIS A 321 -6.10 -34.28 29.50
CA HIS A 321 -7.34 -33.73 28.98
C HIS A 321 -8.53 -34.31 29.74
N PRO A 322 -9.54 -33.50 30.05
CA PRO A 322 -10.66 -34.02 30.86
C PRO A 322 -11.38 -35.21 30.25
N LYS A 323 -11.13 -35.53 28.98
CA LYS A 323 -11.71 -36.72 28.37
C LYS A 323 -11.19 -38.00 29.02
N PHE A 324 -10.00 -37.95 29.64
CA PHE A 324 -9.42 -39.12 30.28
C PHE A 324 -10.06 -39.45 31.62
N TYR A 325 -10.95 -38.61 32.14
CA TYR A 325 -11.38 -38.74 33.53
C TYR A 325 -12.06 -40.06 33.82
N GLN A 326 -12.97 -40.49 32.94
CA GLN A 326 -13.66 -41.76 33.20
C GLN A 326 -12.73 -42.95 33.00
N GLU A 327 -11.90 -42.92 31.96
CA GLU A 327 -10.97 -44.01 31.72
C GLU A 327 -9.91 -44.09 32.82
N LEU A 328 -9.46 -42.93 33.31
CA LEU A 328 -8.42 -42.90 34.34
C LEU A 328 -8.92 -43.44 35.66
N LEU A 329 -10.16 -43.13 36.02
CA LEU A 329 -10.69 -43.52 37.32
C LEU A 329 -10.70 -45.04 37.48
N GLY A 330 -10.15 -45.51 38.59
CA GLY A 330 -10.04 -46.92 38.88
C GLY A 330 -8.73 -47.57 38.49
N LYS A 331 -7.90 -46.92 37.68
CA LYS A 331 -6.60 -47.49 37.36
C LYS A 331 -5.61 -47.17 38.48
N LYS A 332 -4.44 -47.79 38.42
CA LYS A 332 -3.44 -47.67 39.47
C LYS A 332 -2.28 -46.79 39.01
N ALA A 333 -1.76 -46.00 39.93
CA ALA A 333 -0.63 -45.12 39.62
C ALA A 333 0.65 -45.93 39.41
N THR A 334 1.41 -45.54 38.38
CA THR A 334 2.69 -46.15 38.08
C THR A 334 3.85 -45.39 38.70
N LYS A 335 3.59 -44.28 39.40
CA LYS A 335 4.64 -43.45 39.96
C LYS A 335 4.11 -42.77 41.21
N ASP A 336 5.03 -42.25 42.02
CA ASP A 336 4.64 -41.40 43.16
C ASP A 336 4.23 -40.04 42.61
N ILE A 337 3.01 -39.62 42.94
CA ILE A 337 2.45 -38.38 42.42
C ILE A 337 2.19 -37.45 43.60
N LYS A 338 2.84 -36.30 43.62
CA LYS A 338 2.62 -35.33 44.67
C LYS A 338 1.42 -34.46 44.34
N PHE A 339 0.84 -33.85 45.38
CA PHE A 339 -0.31 -32.98 45.20
C PHE A 339 0.08 -31.78 44.34
N GLY A 340 -0.79 -31.46 43.37
CA GLY A 340 -0.48 -30.39 42.44
C GLY A 340 0.28 -30.82 41.21
N ASP A 341 0.49 -32.12 41.02
CA ASP A 341 1.22 -32.62 39.87
C ASP A 341 0.28 -32.74 38.68
N ALA A 342 0.73 -32.27 37.52
CA ALA A 342 -0.04 -32.45 36.30
C ALA A 342 0.06 -33.90 35.86
N LEU A 343 -1.09 -34.53 35.65
CA LEU A 343 -1.10 -35.93 35.22
C LEU A 343 -0.70 -36.03 33.76
N LYS A 344 0.07 -37.07 33.44
CA LYS A 344 0.51 -37.31 32.09
C LYS A 344 0.19 -38.75 31.73
N GLN A 345 0.28 -39.07 30.45
CA GLN A 345 0.14 -40.46 30.04
C GLN A 345 1.37 -41.23 30.50
N GLY A 346 1.14 -42.39 31.10
CA GLY A 346 2.17 -43.14 31.78
C GLY A 346 2.11 -43.04 33.29
N ASP A 347 1.44 -42.03 33.83
CA ASP A 347 1.19 -41.96 35.26
C ASP A 347 0.20 -43.01 35.73
N PHE A 348 -0.52 -43.64 34.81
CA PHE A 348 -1.50 -44.67 35.14
C PHE A 348 -1.42 -45.88 34.22
N MET B 7 -37.48 -21.07 20.46
CA MET B 7 -36.74 -21.23 21.71
C MET B 7 -37.08 -20.14 22.72
N GLN B 8 -37.32 -20.54 23.96
CA GLN B 8 -37.63 -19.61 25.04
C GLN B 8 -36.60 -19.77 26.17
N ILE B 9 -36.02 -18.64 26.59
CA ILE B 9 -35.14 -18.59 27.75
C ILE B 9 -35.92 -17.92 28.87
N GLY B 10 -36.35 -18.72 29.85
CA GLY B 10 -37.25 -18.19 30.87
C GLY B 10 -38.53 -17.73 30.20
N ASN B 11 -38.81 -16.44 30.29
CA ASN B 11 -39.94 -15.84 29.61
C ASN B 11 -39.52 -15.12 28.34
N PHE B 12 -38.25 -15.21 27.95
CA PHE B 12 -37.74 -14.46 26.82
C PHE B 12 -37.79 -15.35 25.58
N ASN B 13 -38.46 -14.85 24.53
CA ASN B 13 -38.57 -15.56 23.26
C ASN B 13 -37.42 -15.09 22.38
N THR B 14 -36.44 -15.96 22.13
CA THR B 14 -35.25 -15.55 21.40
C THR B 14 -35.41 -15.54 19.88
N ASP B 15 -36.55 -15.98 19.35
CA ASP B 15 -36.78 -15.87 17.92
C ASP B 15 -37.35 -14.53 17.50
N LYS B 16 -37.80 -13.71 18.45
CA LYS B 16 -38.35 -12.38 18.16
C LYS B 16 -37.41 -11.24 18.51
N LYS B 17 -36.62 -11.40 19.57
CA LYS B 17 -35.74 -10.34 20.05
C LYS B 17 -34.36 -10.92 20.33
N VAL B 18 -33.33 -10.10 20.15
CA VAL B 18 -31.97 -10.52 20.46
C VAL B 18 -31.78 -10.48 21.98
N PHE B 19 -31.27 -11.58 22.53
CA PHE B 19 -31.06 -11.71 23.98
C PHE B 19 -29.73 -11.07 24.33
N ILE B 20 -29.76 -9.89 24.94
CA ILE B 20 -28.55 -9.16 25.31
C ILE B 20 -28.24 -9.46 26.77
N ILE B 21 -27.07 -10.03 27.01
CA ILE B 21 -26.64 -10.40 28.36
C ILE B 21 -25.51 -9.45 28.77
N ALA B 22 -25.65 -8.86 29.95
CA ALA B 22 -24.60 -8.02 30.54
C ALA B 22 -23.80 -8.86 31.53
N GLU B 23 -22.53 -9.05 31.25
CA GLU B 23 -21.68 -9.89 32.10
C GLU B 23 -21.20 -9.05 33.27
N LEU B 24 -21.73 -9.32 34.47
CA LEU B 24 -21.28 -8.62 35.66
C LEU B 24 -19.85 -8.98 36.01
N SER B 25 -19.45 -10.24 35.78
CA SER B 25 -18.10 -10.72 36.00
C SER B 25 -17.63 -10.40 37.40
N ALA B 26 -16.40 -9.91 37.55
CA ALA B 26 -15.88 -9.46 38.83
C ALA B 26 -15.88 -7.94 38.93
N ASN B 27 -16.70 -7.26 38.13
CA ASN B 27 -16.72 -5.82 38.07
C ASN B 27 -17.49 -5.17 39.22
N HIS B 28 -17.88 -5.95 40.22
CA HIS B 28 -18.41 -5.39 41.46
C HIS B 28 -17.31 -4.96 42.43
N ALA B 29 -16.06 -5.36 42.16
CA ALA B 29 -14.90 -5.00 42.98
C ALA B 29 -15.04 -5.51 44.41
N GLY B 30 -15.73 -6.64 44.58
CA GLY B 30 -15.85 -7.27 45.88
C GLY B 30 -16.82 -6.59 46.84
N SER B 31 -17.71 -5.72 46.35
CA SER B 31 -18.69 -5.05 47.18
C SER B 31 -20.09 -5.31 46.65
N LEU B 32 -20.97 -5.84 47.52
CA LEU B 32 -22.36 -6.09 47.12
C LEU B 32 -23.09 -4.81 46.76
N GLU B 33 -22.75 -3.68 47.38
CA GLU B 33 -23.42 -2.43 47.06
C GLU B 33 -23.22 -2.06 45.59
N MET B 34 -22.00 -2.23 45.08
CA MET B 34 -21.74 -1.94 43.67
C MET B 34 -22.43 -2.94 42.74
N ALA B 35 -22.51 -4.21 43.17
CA ALA B 35 -23.15 -5.22 42.34
C ALA B 35 -24.63 -4.91 42.13
N LEU B 36 -25.33 -4.56 43.20
CA LEU B 36 -26.75 -4.27 43.09
C LEU B 36 -27.01 -3.02 42.25
N LYS B 37 -26.12 -2.02 42.31
CA LYS B 37 -26.28 -0.87 41.43
C LYS B 37 -26.07 -1.25 39.98
N SER B 38 -25.23 -2.25 39.71
CA SER B 38 -24.99 -2.67 38.34
C SER B 38 -26.23 -3.35 37.75
N ILE B 39 -26.97 -4.08 38.58
CA ILE B 39 -28.19 -4.73 38.11
C ILE B 39 -29.23 -3.69 37.73
N LYS B 40 -29.35 -2.62 38.52
CA LYS B 40 -30.34 -1.58 38.23
C LYS B 40 -29.97 -0.81 36.97
N ALA B 41 -28.68 -0.65 36.68
CA ALA B 41 -28.24 0.05 35.47
C ALA B 41 -28.40 -0.80 34.22
N ALA B 42 -28.33 -2.12 34.35
CA ALA B 42 -28.49 -3.00 33.19
C ALA B 42 -29.89 -2.86 32.58
N LYS B 43 -30.91 -2.66 33.42
CA LYS B 43 -32.24 -2.43 32.89
C LYS B 43 -32.33 -1.08 32.20
N LYS B 44 -31.64 -0.06 32.74
CA LYS B 44 -31.64 1.25 32.09
C LYS B 44 -30.88 1.21 30.77
N ALA B 45 -29.80 0.41 30.70
CA ALA B 45 -29.05 0.30 29.46
C ALA B 45 -29.82 -0.42 28.36
N GLY B 46 -30.81 -1.24 28.73
CA GLY B 46 -31.59 -2.00 27.78
C GLY B 46 -31.27 -3.47 27.70
N ALA B 47 -30.45 -3.99 28.61
CA ALA B 47 -30.13 -5.40 28.61
C ALA B 47 -31.34 -6.22 29.07
N ASP B 48 -31.40 -7.46 28.58
CA ASP B 48 -32.49 -8.36 28.97
C ASP B 48 -32.10 -9.31 30.08
N ALA B 49 -30.81 -9.53 30.31
CA ALA B 49 -30.36 -10.38 31.40
C ALA B 49 -28.97 -9.95 31.83
N ILE B 50 -28.68 -10.17 33.10
CA ILE B 50 -27.35 -9.99 33.68
C ILE B 50 -26.83 -11.36 34.10
N LYS B 51 -25.57 -11.63 33.83
CA LYS B 51 -24.95 -12.93 34.10
C LYS B 51 -23.86 -12.75 35.15
N ILE B 52 -24.01 -13.44 36.27
CA ILE B 52 -23.03 -13.41 37.32
C ILE B 52 -22.24 -14.71 37.28
N GLN B 53 -21.14 -14.75 38.03
CA GLN B 53 -20.28 -15.93 38.11
C GLN B 53 -20.43 -16.58 39.47
N THR B 54 -20.71 -17.88 39.49
CA THR B 54 -20.87 -18.63 40.72
C THR B 54 -19.71 -19.61 40.84
N TYR B 55 -18.77 -19.32 41.74
CA TYR B 55 -17.67 -20.23 42.00
C TYR B 55 -17.02 -19.89 43.33
N THR B 56 -16.27 -20.86 43.84
CA THR B 56 -15.29 -20.70 44.90
C THR B 56 -13.93 -21.05 44.32
N PRO B 57 -12.84 -20.70 44.98
CA PRO B 57 -11.52 -21.04 44.41
C PRO B 57 -11.33 -22.53 44.19
N ASP B 58 -11.90 -23.37 45.05
CA ASP B 58 -11.82 -24.81 44.82
C ASP B 58 -12.49 -25.21 43.51
N SER B 59 -13.51 -24.46 43.09
CA SER B 59 -14.22 -24.79 41.85
C SER B 59 -13.31 -24.73 40.64
N LEU B 60 -12.28 -23.89 40.68
CA LEU B 60 -11.46 -23.59 39.51
C LEU B 60 -10.09 -24.24 39.53
N THR B 61 -9.40 -24.21 40.65
CA THR B 61 -7.98 -24.52 40.66
C THR B 61 -7.61 -25.15 42.01
N LEU B 62 -6.31 -25.34 42.21
CA LEU B 62 -5.78 -25.96 43.41
C LEU B 62 -5.08 -24.92 44.26
N ASN B 63 -5.12 -25.10 45.59
CA ASN B 63 -4.44 -24.20 46.51
C ASN B 63 -2.99 -24.69 46.62
N SER B 64 -2.20 -24.32 45.62
CA SER B 64 -0.84 -24.83 45.51
C SER B 64 0.13 -23.72 45.14
N ASP B 65 1.38 -23.88 45.58
CA ASP B 65 2.46 -22.97 45.26
C ASP B 65 3.25 -23.41 44.04
N LYS B 66 2.89 -24.55 43.44
CA LYS B 66 3.62 -25.06 42.30
C LYS B 66 3.50 -24.10 41.11
N GLU B 67 4.44 -24.24 40.18
CA GLU B 67 4.52 -23.29 39.07
C GLU B 67 3.23 -23.18 38.28
N ASP B 68 2.54 -24.30 38.09
CA ASP B 68 1.35 -24.30 37.25
C ASP B 68 0.26 -23.38 37.80
N PHE B 69 0.21 -23.19 39.11
CA PHE B 69 -0.90 -22.50 39.75
C PHE B 69 -0.57 -21.07 40.16
N ILE B 70 0.56 -20.53 39.73
CA ILE B 70 0.89 -19.13 39.97
C ILE B 70 0.73 -18.38 38.65
N ILE B 71 0.16 -17.17 38.73
CA ILE B 71 -0.15 -16.37 37.56
C ILE B 71 1.10 -15.64 37.08
N LYS B 72 1.21 -15.47 35.76
CA LYS B 72 2.34 -14.78 35.16
C LYS B 72 1.88 -13.52 34.43
N GLY B 73 2.46 -12.38 34.80
CA GLY B 73 2.42 -11.17 34.01
C GLY B 73 1.26 -10.22 34.21
N GLY B 74 0.22 -10.62 34.94
CA GLY B 74 -0.90 -9.73 35.20
C GLY B 74 -0.61 -8.73 36.32
N LEU B 75 -1.70 -8.21 36.90
CA LEU B 75 -1.59 -7.54 38.19
C LEU B 75 -1.11 -8.50 39.27
N TRP B 76 -1.48 -9.78 39.14
CA TRP B 76 -1.03 -10.84 40.03
C TRP B 76 0.19 -11.54 39.43
N ASP B 77 1.24 -10.74 39.21
CA ASP B 77 2.37 -11.17 38.38
C ASP B 77 3.13 -12.37 38.94
N LYS B 78 2.99 -12.66 40.24
CA LYS B 78 3.64 -13.83 40.82
C LYS B 78 2.79 -14.52 41.88
N ARG B 79 1.50 -14.19 41.99
CA ARG B 79 0.64 -14.73 43.01
C ARG B 79 -0.04 -16.01 42.53
N LYS B 80 -0.85 -16.61 43.40
CA LYS B 80 -1.49 -17.89 43.11
C LYS B 80 -2.74 -17.69 42.27
N LEU B 81 -3.09 -18.73 41.50
CA LEU B 81 -4.40 -18.74 40.85
C LEU B 81 -5.51 -18.84 41.90
N TYR B 82 -5.27 -19.61 42.96
CA TYR B 82 -6.26 -19.73 44.02
C TYR B 82 -6.54 -18.39 44.68
N GLU B 83 -5.50 -17.55 44.80
CA GLU B 83 -5.67 -16.24 45.44
C GLU B 83 -6.47 -15.28 44.56
N LEU B 84 -6.25 -15.32 43.24
CA LEU B 84 -7.01 -14.46 42.34
C LEU B 84 -8.48 -14.81 42.37
N TYR B 85 -8.80 -16.10 42.27
CA TYR B 85 -10.18 -16.54 42.29
C TYR B 85 -10.84 -16.29 43.64
N GLU B 86 -10.05 -16.19 44.72
CA GLU B 86 -10.66 -15.88 46.01
C GLU B 86 -11.13 -14.43 46.06
N SER B 87 -10.34 -13.50 45.54
CA SER B 87 -10.69 -12.08 45.60
C SER B 87 -11.74 -11.70 44.57
N ALA B 88 -11.73 -12.35 43.40
CA ALA B 88 -12.66 -12.01 42.33
C ALA B 88 -13.97 -12.77 42.44
N LYS B 89 -14.11 -13.65 43.43
CA LYS B 89 -15.29 -14.47 43.56
C LYS B 89 -16.53 -13.61 43.83
N THR B 90 -17.67 -14.10 43.37
CA THR B 90 -18.94 -13.56 43.79
C THR B 90 -19.42 -14.43 44.94
N PRO B 91 -19.50 -13.92 46.16
CA PRO B 91 -19.83 -14.79 47.31
C PRO B 91 -21.19 -15.43 47.14
N TYR B 92 -21.37 -16.59 47.76
CA TYR B 92 -22.67 -17.27 47.63
C TYR B 92 -23.72 -16.51 48.42
N GLU B 93 -23.29 -15.78 49.44
CA GLU B 93 -24.25 -15.03 50.24
C GLU B 93 -24.94 -13.93 49.44
N TRP B 94 -24.29 -13.41 48.40
CA TRP B 94 -24.87 -12.34 47.60
C TRP B 94 -25.92 -12.82 46.61
N HIS B 95 -25.95 -14.11 46.29
CA HIS B 95 -26.79 -14.56 45.18
C HIS B 95 -28.27 -14.29 45.47
N SER B 96 -28.70 -14.53 46.72
CA SER B 96 -30.10 -14.32 47.07
C SER B 96 -30.52 -12.87 46.83
N GLN B 97 -29.72 -11.92 47.30
CA GLN B 97 -30.04 -10.51 47.08
C GLN B 97 -29.93 -10.17 45.60
N ILE B 98 -28.95 -10.73 44.91
CA ILE B 98 -28.75 -10.43 43.49
C ILE B 98 -29.97 -10.88 42.68
N PHE B 99 -30.42 -12.13 42.91
CA PHE B 99 -31.58 -12.63 42.19
C PHE B 99 -32.83 -11.85 42.54
N GLU B 100 -33.00 -11.50 43.83
CA GLU B 100 -34.18 -10.76 44.24
C GLU B 100 -34.15 -9.34 43.67
N THR B 101 -32.97 -8.74 43.53
CA THR B 101 -32.88 -7.42 42.89
C THR B 101 -33.21 -7.50 41.41
N ALA B 102 -32.85 -8.60 40.74
CA ALA B 102 -33.15 -8.75 39.32
C ALA B 102 -34.64 -8.79 39.06
N GLN B 103 -35.39 -9.52 39.88
CA GLN B 103 -36.84 -9.58 39.68
C GLN B 103 -37.50 -8.22 39.92
N ASN B 104 -37.03 -7.49 40.94
CA ASN B 104 -37.60 -6.17 41.22
C ASN B 104 -37.33 -5.19 40.09
N GLU B 105 -36.13 -5.25 39.51
CA GLU B 105 -35.81 -4.37 38.39
C GLU B 105 -36.42 -4.84 37.08
N GLY B 106 -36.92 -6.07 37.02
CA GLY B 106 -37.55 -6.59 35.83
C GLY B 106 -36.63 -7.26 34.84
N ILE B 107 -35.34 -7.36 35.16
CA ILE B 107 -34.36 -7.97 34.27
C ILE B 107 -34.16 -9.43 34.67
N LEU B 108 -33.82 -10.26 33.68
CA LEU B 108 -33.55 -11.66 33.95
C LEU B 108 -32.15 -11.84 34.55
N CYS B 109 -31.97 -12.94 35.25
CA CYS B 109 -30.70 -13.24 35.90
C CYS B 109 -30.41 -14.73 35.84
N PHE B 110 -29.20 -15.08 35.45
CA PHE B 110 -28.71 -16.45 35.52
C PHE B 110 -27.21 -16.38 35.77
N SER B 111 -26.61 -17.54 36.06
CA SER B 111 -25.25 -17.55 36.54
C SER B 111 -24.40 -18.53 35.74
N SER B 112 -23.09 -18.31 35.82
CA SER B 112 -22.09 -19.16 35.19
C SER B 112 -21.44 -20.03 36.26
N PRO B 113 -21.78 -21.30 36.36
CA PRO B 113 -21.10 -22.18 37.33
C PRO B 113 -19.76 -22.65 36.78
N PHE B 114 -18.88 -23.04 37.70
CA PHE B 114 -17.56 -23.51 37.33
C PHE B 114 -17.18 -24.85 37.94
N ALA B 115 -18.06 -25.46 38.73
CA ALA B 115 -17.82 -26.80 39.26
C ALA B 115 -19.16 -27.43 39.60
N LYS B 116 -19.10 -28.71 39.98
CA LYS B 116 -20.31 -29.42 40.35
C LYS B 116 -20.97 -28.79 41.57
N GLU B 117 -20.15 -28.39 42.56
CA GLU B 117 -20.70 -27.81 43.78
C GLU B 117 -21.44 -26.51 43.50
N ASP B 118 -20.97 -25.73 42.53
CA ASP B 118 -21.65 -24.47 42.20
C ASP B 118 -23.02 -24.72 41.59
N VAL B 119 -23.18 -25.79 40.82
CA VAL B 119 -24.46 -26.10 40.20
C VAL B 119 -25.48 -26.47 41.27
N GLU B 120 -25.09 -27.31 42.22
CA GLU B 120 -26.01 -27.72 43.29
C GLU B 120 -26.44 -26.53 44.13
N PHE B 121 -25.55 -25.55 44.32
CA PHE B 121 -25.95 -24.34 45.03
C PHE B 121 -26.95 -23.52 44.23
N LEU B 122 -26.78 -23.47 42.91
CA LEU B 122 -27.66 -22.68 42.06
C LEU B 122 -29.06 -23.28 41.91
N LYS B 123 -29.20 -24.60 42.12
CA LYS B 123 -30.49 -25.26 41.92
C LYS B 123 -31.57 -24.69 42.84
N ARG B 124 -31.18 -24.11 43.97
CA ARG B 124 -32.15 -23.51 44.88
C ARG B 124 -32.77 -22.24 44.30
N PHE B 125 -32.13 -21.64 43.30
CA PHE B 125 -32.65 -20.45 42.64
C PHE B 125 -33.42 -20.74 41.37
N ASP B 126 -33.40 -21.99 40.88
CA ASP B 126 -34.05 -22.40 39.65
C ASP B 126 -33.67 -21.46 38.50
N PRO B 127 -32.42 -21.50 38.05
CA PRO B 127 -31.98 -20.54 37.03
C PRO B 127 -32.59 -20.82 35.68
N ILE B 128 -32.93 -19.75 34.95
CA ILE B 128 -33.53 -19.87 33.64
C ILE B 128 -32.55 -20.49 32.65
N ALA B 129 -31.25 -20.30 32.88
CA ALA B 129 -30.24 -20.79 31.95
C ALA B 129 -28.95 -21.05 32.72
N TYR B 130 -28.02 -21.70 32.05
CA TYR B 130 -26.66 -21.89 32.55
C TYR B 130 -25.66 -21.43 31.51
N LYS B 131 -24.51 -20.97 31.98
CA LYS B 131 -23.45 -20.50 31.11
C LYS B 131 -22.18 -21.28 31.41
N ILE B 132 -21.61 -21.89 30.37
CA ILE B 132 -20.36 -22.62 30.48
C ILE B 132 -19.26 -21.75 29.89
N ALA B 133 -18.30 -21.36 30.72
CA ALA B 133 -17.22 -20.51 30.24
C ALA B 133 -16.38 -21.28 29.21
N SER B 134 -15.60 -20.53 28.44
CA SER B 134 -14.81 -21.16 27.38
C SER B 134 -13.86 -22.19 27.98
N PHE B 135 -13.26 -21.87 29.12
CA PHE B 135 -12.25 -22.73 29.70
C PHE B 135 -12.81 -24.06 30.19
N GLU B 136 -14.11 -24.12 30.48
CA GLU B 136 -14.76 -25.34 30.91
C GLU B 136 -15.40 -26.11 29.76
N ALA B 137 -15.27 -25.62 28.52
CA ALA B 137 -15.94 -26.25 27.40
C ALA B 137 -15.34 -27.61 27.06
N ASN B 138 -14.06 -27.81 27.35
CA ASN B 138 -13.42 -29.08 27.02
C ASN B 138 -13.61 -30.13 28.10
N ASP B 139 -14.34 -29.80 29.17
CA ASP B 139 -14.61 -30.74 30.26
C ASP B 139 -15.97 -31.38 29.99
N GLU B 140 -15.94 -32.57 29.39
CA GLU B 140 -17.20 -33.21 29.01
C GLU B 140 -17.98 -33.66 30.24
N ASN B 141 -17.30 -34.06 31.31
CA ASN B 141 -18.02 -34.45 32.51
C ASN B 141 -18.75 -33.26 33.11
N PHE B 142 -18.11 -32.08 33.08
CA PHE B 142 -18.78 -30.87 33.53
C PHE B 142 -19.91 -30.48 32.60
N VAL B 143 -19.67 -30.57 31.28
CA VAL B 143 -20.71 -30.23 30.31
C VAL B 143 -21.89 -31.18 30.43
N ARG B 144 -21.61 -32.47 30.63
CA ARG B 144 -22.68 -33.44 30.79
C ARG B 144 -23.49 -33.15 32.05
N LEU B 145 -22.82 -32.75 33.13
CA LEU B 145 -23.52 -32.42 34.36
C LEU B 145 -24.44 -31.21 34.18
N ILE B 146 -23.99 -30.21 33.42
CA ILE B 146 -24.81 -29.03 33.19
C ILE B 146 -25.91 -29.34 32.19
N ALA B 147 -25.62 -30.16 31.19
CA ALA B 147 -26.62 -30.51 30.18
C ALA B 147 -27.77 -31.30 30.80
N LYS B 148 -27.48 -32.11 31.83
CA LYS B 148 -28.51 -32.89 32.51
C LYS B 148 -29.51 -32.02 33.26
N GLU B 149 -29.27 -30.71 33.39
CA GLU B 149 -30.23 -29.81 34.03
C GLU B 149 -31.42 -29.50 33.13
N LYS B 150 -31.36 -29.84 31.84
CA LYS B 150 -32.48 -29.65 30.92
C LYS B 150 -32.86 -28.18 30.79
N LYS B 151 -31.90 -27.28 30.96
CA LYS B 151 -32.10 -25.85 30.82
C LYS B 151 -31.30 -25.33 29.65
N PRO B 152 -31.70 -24.21 29.06
CA PRO B 152 -30.90 -23.59 28.00
C PRO B 152 -29.48 -23.32 28.50
N THR B 153 -28.50 -23.84 27.76
CA THR B 153 -27.10 -23.72 28.14
C THR B 153 -26.38 -22.93 27.07
N ILE B 154 -25.75 -21.81 27.45
CA ILE B 154 -24.98 -21.00 26.53
C ILE B 154 -23.51 -21.37 26.73
N VAL B 155 -22.81 -21.69 25.63
CA VAL B 155 -21.44 -22.18 25.68
C VAL B 155 -20.54 -21.25 24.87
N SER B 156 -19.43 -20.84 25.47
CA SER B 156 -18.43 -20.05 24.78
C SER B 156 -17.47 -20.97 24.02
N THR B 157 -17.32 -20.72 22.72
CA THR B 157 -16.46 -21.53 21.88
C THR B 157 -15.09 -20.91 21.70
N GLY B 158 -14.70 -20.00 22.61
CA GLY B 158 -13.50 -19.22 22.41
C GLY B 158 -12.24 -20.07 22.31
N ILE B 159 -12.14 -21.08 23.16
CA ILE B 159 -10.96 -21.95 23.17
C ILE B 159 -11.29 -23.39 22.77
N ALA B 160 -12.57 -23.72 22.61
CA ALA B 160 -12.95 -25.10 22.30
C ALA B 160 -12.55 -25.47 20.89
N THR B 161 -12.08 -26.71 20.71
CA THR B 161 -11.74 -27.23 19.39
C THR B 161 -13.00 -27.75 18.68
N GLU B 162 -12.86 -28.05 17.39
CA GLU B 162 -14.00 -28.60 16.66
C GLU B 162 -14.45 -29.94 17.27
N GLU B 163 -13.48 -30.80 17.60
CA GLU B 163 -13.81 -32.09 18.21
C GLU B 163 -14.57 -31.88 19.51
N GLU B 164 -14.16 -30.89 20.30
CA GLU B 164 -14.80 -30.65 21.58
C GLU B 164 -16.22 -30.11 21.41
N LEU B 165 -16.43 -29.25 20.41
CA LEU B 165 -17.78 -28.75 20.15
C LEU B 165 -18.72 -29.86 19.73
N PHE B 166 -18.24 -30.81 18.93
CA PHE B 166 -19.08 -31.93 18.54
C PHE B 166 -19.44 -32.78 19.75
N LYS B 167 -18.49 -32.97 20.67
CA LYS B 167 -18.78 -33.77 21.86
C LYS B 167 -19.81 -33.08 22.74
N ILE B 168 -19.79 -31.75 22.80
CA ILE B 168 -20.82 -31.02 23.55
C ILE B 168 -22.19 -31.28 22.93
N CYS B 169 -22.29 -31.25 21.61
CA CYS B 169 -23.56 -31.52 20.96
C CYS B 169 -24.00 -32.96 21.21
N GLU B 170 -23.07 -33.91 21.05
CA GLU B 170 -23.40 -35.30 21.31
C GLU B 170 -23.86 -35.50 22.75
N ILE B 171 -23.22 -34.79 23.69
CA ILE B 171 -23.63 -34.87 25.09
C ILE B 171 -25.03 -34.31 25.28
N PHE B 172 -25.31 -33.15 24.68
CA PHE B 172 -26.65 -32.57 24.82
C PHE B 172 -27.70 -33.43 24.12
N LYS B 173 -27.34 -34.05 22.99
CA LYS B 173 -28.23 -35.03 22.38
C LYS B 173 -28.37 -36.27 23.26
N GLU B 174 -27.28 -36.70 23.90
CA GLU B 174 -27.35 -37.84 24.81
C GLU B 174 -28.28 -37.55 25.98
N GLU B 175 -28.13 -36.38 26.59
CA GLU B 175 -28.92 -36.03 27.76
C GLU B 175 -30.27 -35.41 27.42
N LYS B 176 -30.62 -35.37 26.13
CA LYS B 176 -31.94 -34.89 25.68
C LYS B 176 -32.23 -33.47 26.15
N ASN B 177 -31.23 -32.60 26.07
CA ASN B 177 -31.41 -31.17 26.30
C ASN B 177 -31.24 -30.48 24.96
N PRO B 178 -32.30 -29.98 24.33
CA PRO B 178 -32.18 -29.42 22.98
C PRO B 178 -31.83 -27.94 22.92
N ASP B 179 -31.80 -27.24 24.06
CA ASP B 179 -31.57 -25.81 24.07
C ASP B 179 -30.08 -25.56 24.29
N LEU B 180 -29.32 -25.74 23.22
CA LEU B 180 -27.88 -25.51 23.20
C LEU B 180 -27.58 -24.30 22.33
N ILE B 181 -26.82 -23.35 22.88
CA ILE B 181 -26.45 -22.12 22.19
C ILE B 181 -24.94 -22.00 22.20
N PHE B 182 -24.35 -21.71 21.05
CA PHE B 182 -22.91 -21.51 20.92
C PHE B 182 -22.63 -20.02 20.68
N LEU B 183 -21.65 -19.48 21.39
CA LEU B 183 -21.24 -18.10 21.22
C LEU B 183 -19.91 -18.05 20.47
N LYS B 184 -19.81 -17.11 19.53
CA LYS B 184 -18.52 -16.76 18.97
C LYS B 184 -17.84 -15.76 19.89
N CYS B 185 -16.56 -15.99 20.16
CA CYS B 185 -15.79 -15.10 21.03
C CYS B 185 -14.92 -14.16 20.19
N THR B 186 -14.87 -12.90 20.60
CA THR B 186 -13.97 -11.91 20.03
C THR B 186 -13.03 -11.43 21.12
N SER B 187 -11.73 -11.44 20.84
CA SER B 187 -10.78 -11.06 21.88
C SER B 187 -10.78 -9.55 22.09
N ALA B 188 -10.35 -9.14 23.28
CA ALA B 188 -10.33 -7.73 23.64
C ALA B 188 -9.11 -7.04 23.02
N TYR B 189 -9.17 -5.71 22.99
CA TYR B 189 -8.03 -4.91 22.58
C TYR B 189 -6.80 -5.38 23.35
N PRO B 190 -5.64 -5.54 22.69
CA PRO B 190 -5.26 -5.10 21.33
C PRO B 190 -5.69 -6.00 20.16
N ALA B 191 -6.67 -6.89 20.35
CA ALA B 191 -7.09 -7.75 19.24
C ALA B 191 -7.53 -6.92 18.03
N ALA B 192 -7.11 -7.37 16.85
CA ALA B 192 -7.38 -6.64 15.63
C ALA B 192 -8.77 -6.98 15.08
N ILE B 193 -9.32 -6.06 14.29
CA ILE B 193 -10.60 -6.32 13.67
C ILE B 193 -10.48 -7.46 12.67
N GLU B 194 -9.31 -7.61 12.03
CA GLU B 194 -9.12 -8.69 11.08
C GLU B 194 -9.18 -10.06 11.74
N ASP B 195 -8.85 -10.13 13.03
CA ASP B 195 -8.82 -11.39 13.75
C ASP B 195 -10.18 -11.78 14.32
N MET B 196 -11.22 -10.99 14.05
CA MET B 196 -12.54 -11.27 14.61
C MET B 196 -13.12 -12.57 14.05
N ASN B 197 -13.07 -12.73 12.73
CA ASN B 197 -13.61 -13.92 12.06
C ASN B 197 -15.07 -14.15 12.46
N LEU B 198 -15.87 -13.09 12.29
CA LEU B 198 -17.28 -13.13 12.68
C LEU B 198 -18.10 -14.08 11.82
N LYS B 199 -17.57 -14.52 10.67
CA LYS B 199 -18.29 -15.47 9.84
C LYS B 199 -18.43 -16.83 10.53
N GLY B 200 -17.69 -17.07 11.61
CA GLY B 200 -17.87 -18.27 12.40
C GLY B 200 -19.22 -18.36 13.06
N ILE B 201 -19.94 -17.24 13.16
CA ILE B 201 -21.31 -17.30 13.67
C ILE B 201 -22.18 -18.17 12.78
N VAL B 202 -22.08 -17.98 11.46
CA VAL B 202 -22.83 -18.81 10.53
C VAL B 202 -22.33 -20.25 10.56
N SER B 203 -21.01 -20.44 10.59
CA SER B 203 -20.46 -21.80 10.58
C SER B 203 -20.90 -22.58 11.82
N LEU B 204 -20.95 -21.91 12.98
CA LEU B 204 -21.43 -22.57 14.19
C LEU B 204 -22.88 -23.01 14.02
N LYS B 205 -23.68 -22.19 13.35
CA LYS B 205 -25.08 -22.55 13.11
C LYS B 205 -25.18 -23.73 12.14
N GLU B 206 -24.40 -23.69 11.06
CA GLU B 206 -24.50 -24.71 10.02
C GLU B 206 -23.98 -26.06 10.51
N LYS B 207 -22.78 -26.07 11.10
CA LYS B 207 -22.11 -27.34 11.38
C LYS B 207 -22.79 -28.09 12.52
N PHE B 208 -23.19 -27.40 13.58
CA PHE B 208 -23.66 -28.05 14.79
C PHE B 208 -25.15 -27.93 15.02
N ASN B 209 -25.87 -27.22 14.15
CA ASN B 209 -27.33 -27.09 14.24
C ASN B 209 -27.74 -26.60 15.63
N VAL B 210 -27.13 -25.51 16.07
CA VAL B 210 -27.43 -24.91 17.34
C VAL B 210 -27.78 -23.44 17.10
N GLU B 211 -28.32 -22.80 18.12
CA GLU B 211 -28.49 -21.36 18.09
C GLU B 211 -27.15 -20.69 18.33
N VAL B 212 -26.97 -19.50 17.79
CA VAL B 212 -25.67 -18.85 17.81
C VAL B 212 -25.78 -17.49 18.48
N GLY B 213 -24.66 -17.03 19.03
CA GLY B 213 -24.58 -15.74 19.68
C GLY B 213 -23.16 -15.24 19.68
N LEU B 214 -22.99 -14.06 20.27
CA LEU B 214 -21.71 -13.36 20.28
C LEU B 214 -21.29 -13.00 21.70
N SER B 215 -20.07 -13.36 22.07
CA SER B 215 -19.41 -12.89 23.29
C SER B 215 -18.37 -11.87 22.86
N ASP B 216 -18.67 -10.59 23.05
CA ASP B 216 -17.90 -9.50 22.47
C ASP B 216 -17.04 -8.84 23.55
N HIS B 217 -15.72 -8.91 23.38
CA HIS B 217 -14.78 -8.18 24.22
C HIS B 217 -14.18 -6.97 23.51
N SER B 218 -14.72 -6.58 22.37
CA SER B 218 -14.24 -5.43 21.62
C SER B 218 -15.12 -4.21 21.87
N PHE B 219 -14.58 -3.04 21.55
CA PHE B 219 -15.29 -1.79 21.73
C PHE B 219 -15.87 -1.33 20.40
N GLY B 220 -16.99 -0.64 20.47
CA GLY B 220 -17.68 -0.14 19.29
C GLY B 220 -18.94 -0.93 18.98
N PHE B 221 -19.44 -0.73 17.77
CA PHE B 221 -20.67 -1.36 17.31
C PHE B 221 -20.46 -2.34 16.17
N LEU B 222 -19.25 -2.44 15.63
CA LEU B 222 -19.01 -3.31 14.48
C LEU B 222 -19.40 -4.75 14.77
N ALA B 223 -18.86 -5.32 15.84
CA ALA B 223 -19.13 -6.74 16.13
C ALA B 223 -20.59 -7.00 16.47
N PRO B 224 -21.24 -6.27 17.40
CA PRO B 224 -22.64 -6.63 17.72
C PRO B 224 -23.61 -6.38 16.59
N VAL B 225 -23.44 -5.29 15.83
CA VAL B 225 -24.38 -4.99 14.75
C VAL B 225 -24.25 -6.03 13.63
N MET B 226 -23.02 -6.45 13.31
CA MET B 226 -22.85 -7.49 12.31
C MET B 226 -23.33 -8.84 12.81
N ALA B 227 -23.20 -9.11 14.10
CA ALA B 227 -23.67 -10.39 14.64
C ALA B 227 -25.17 -10.54 14.45
N VAL B 228 -25.93 -9.46 14.64
CA VAL B 228 -27.37 -9.50 14.41
C VAL B 228 -27.65 -9.89 12.95
N ALA B 229 -26.94 -9.25 12.02
CA ALA B 229 -27.12 -9.59 10.61
C ALA B 229 -26.69 -11.03 10.33
N LEU B 230 -25.68 -11.52 11.03
CA LEU B 230 -25.17 -12.87 10.81
C LEU B 230 -26.00 -13.96 11.49
N GLY B 231 -27.07 -13.58 12.20
CA GLY B 231 -27.97 -14.55 12.76
C GLY B 231 -27.82 -14.81 14.25
N ALA B 232 -26.99 -14.05 14.95
CA ALA B 232 -26.81 -14.23 16.37
C ALA B 232 -28.06 -13.75 17.12
N ARG B 233 -28.52 -14.57 18.07
CA ARG B 233 -29.67 -14.24 18.91
C ARG B 233 -29.27 -14.00 20.35
N VAL B 234 -27.98 -14.05 20.67
CA VAL B 234 -27.45 -13.75 21.99
C VAL B 234 -26.23 -12.85 21.85
N ILE B 235 -26.25 -11.71 22.52
CA ILE B 235 -25.11 -10.80 22.57
C ILE B 235 -24.68 -10.69 24.02
N GLU B 236 -23.40 -10.95 24.28
CA GLU B 236 -22.86 -10.99 25.63
C GLU B 236 -21.75 -9.96 25.73
N LYS B 237 -21.87 -9.05 26.70
CA LYS B 237 -20.87 -8.01 26.89
C LYS B 237 -20.61 -7.80 28.37
N HIS B 238 -19.35 -7.55 28.71
CA HIS B 238 -18.97 -7.30 30.10
C HIS B 238 -19.38 -5.88 30.50
N PHE B 239 -19.96 -5.76 31.69
CA PHE B 239 -20.58 -4.53 32.15
C PHE B 239 -19.96 -4.11 33.48
N MET B 240 -19.66 -2.83 33.63
CA MET B 240 -19.21 -2.28 34.90
C MET B 240 -19.84 -0.92 35.13
N LEU B 241 -20.19 -0.64 36.38
CA LEU B 241 -20.90 0.59 36.73
C LEU B 241 -19.98 1.81 36.63
N LYS B 251 -11.18 -3.48 31.89
CA LYS B 251 -10.42 -2.87 30.80
C LYS B 251 -11.16 -2.97 29.48
N PHE B 252 -11.89 -4.07 29.28
CA PHE B 252 -12.67 -4.30 28.08
C PHE B 252 -14.17 -4.30 28.37
N SER B 253 -14.57 -3.79 29.52
CA SER B 253 -15.97 -3.69 29.88
C SER B 253 -16.55 -2.37 29.38
N LEU B 254 -17.87 -2.26 29.43
CA LEU B 254 -18.57 -1.06 29.03
C LEU B 254 -19.23 -0.42 30.23
N ASP B 255 -19.18 0.91 30.30
CA ASP B 255 -19.90 1.62 31.34
C ASP B 255 -21.37 1.73 30.96
N PHE B 256 -22.15 2.44 31.76
CA PHE B 256 -23.57 2.57 31.46
C PHE B 256 -23.80 3.21 30.09
N ASP B 257 -23.03 4.26 29.76
CA ASP B 257 -23.24 4.95 28.50
C ASP B 257 -22.88 4.07 27.32
N GLU B 258 -21.74 3.38 27.40
CA GLU B 258 -21.30 2.54 26.27
C GLU B 258 -22.24 1.35 26.08
N PHE B 259 -22.74 0.79 27.18
CA PHE B 259 -23.65 -0.36 27.08
C PHE B 259 -25.00 0.08 26.52
N LYS B 260 -25.52 1.21 27.00
CA LYS B 260 -26.77 1.73 26.45
C LYS B 260 -26.63 2.06 24.97
N ALA B 261 -25.48 2.62 24.58
CA ALA B 261 -25.25 2.93 23.17
C ALA B 261 -25.17 1.65 22.33
N MET B 262 -24.57 0.59 22.90
CA MET B 262 -24.52 -0.69 22.19
C MET B 262 -25.88 -1.33 22.07
N VAL B 263 -26.68 -1.29 23.15
CA VAL B 263 -28.01 -1.91 23.10
C VAL B 263 -28.88 -1.23 22.05
N ASP B 264 -28.87 0.10 22.02
CA ASP B 264 -29.63 0.83 21.01
C ASP B 264 -29.14 0.50 19.61
N ALA B 265 -27.83 0.31 19.46
CA ALA B 265 -27.28 -0.06 18.17
C ALA B 265 -27.73 -1.46 17.76
N VAL B 266 -27.78 -2.39 18.74
CA VAL B 266 -28.22 -3.75 18.44
C VAL B 266 -29.70 -3.76 18.08
N ARG B 267 -30.51 -2.99 18.82
CA ARG B 267 -31.94 -2.92 18.50
C ARG B 267 -32.18 -2.24 17.16
N GLN B 268 -31.34 -1.26 16.82
CA GLN B 268 -31.42 -0.65 15.49
C GLN B 268 -31.18 -1.68 14.40
N ALA B 269 -30.21 -2.56 14.61
CA ALA B 269 -29.94 -3.61 13.64
C ALA B 269 -31.12 -4.57 13.50
N GLU B 270 -31.80 -4.88 14.62
CA GLU B 270 -32.93 -5.79 14.57
C GLU B 270 -34.05 -5.26 13.69
N SER B 271 -34.43 -4.00 13.89
CA SER B 271 -35.55 -3.47 13.13
C SER B 271 -35.20 -3.32 11.65
N ALA B 272 -33.94 -3.00 11.34
CA ALA B 272 -33.50 -2.89 9.95
C ALA B 272 -33.31 -4.24 9.27
N LEU B 273 -33.29 -5.33 10.04
CA LEU B 273 -33.20 -6.65 9.41
C LEU B 273 -34.50 -7.00 8.70
N GLY B 274 -35.64 -6.71 9.33
CA GLY B 274 -36.92 -6.86 8.66
C GLY B 274 -37.22 -8.29 8.22
N ASP B 275 -37.80 -8.42 7.04
CA ASP B 275 -38.29 -9.69 6.52
C ASP B 275 -37.44 -10.21 5.37
N ASP B 276 -37.47 -11.53 5.19
CA ASP B 276 -37.00 -12.10 3.94
C ASP B 276 -38.01 -11.83 2.83
N LYS B 277 -39.28 -11.69 3.20
CA LYS B 277 -40.36 -11.47 2.26
C LYS B 277 -40.03 -10.33 1.30
N LEU B 278 -40.28 -10.56 0.01
CA LEU B 278 -40.02 -9.59 -1.04
C LEU B 278 -41.30 -8.90 -1.54
N ASP B 279 -42.32 -8.81 -0.70
CA ASP B 279 -43.53 -8.08 -1.06
C ASP B 279 -43.25 -6.58 -1.03
N LEU B 280 -44.01 -5.84 -1.83
CA LEU B 280 -43.83 -4.40 -1.93
C LEU B 280 -44.51 -3.72 -0.75
N ASP B 281 -43.76 -2.88 -0.05
CA ASP B 281 -44.29 -2.14 1.09
C ASP B 281 -45.08 -0.92 0.59
N GLU B 282 -45.65 -0.17 1.52
CA GLU B 282 -46.41 1.02 1.16
C GLU B 282 -45.54 2.04 0.41
N LYS B 283 -44.29 2.20 0.83
CA LYS B 283 -43.39 3.11 0.13
C LYS B 283 -42.98 2.56 -1.23
N ALA B 284 -42.82 1.24 -1.33
CA ALA B 284 -42.47 0.63 -2.61
C ALA B 284 -43.60 0.76 -3.62
N LEU B 285 -44.85 0.65 -3.16
CA LEU B 285 -45.98 0.82 -4.06
C LEU B 285 -46.16 2.25 -4.51
N LYS B 286 -45.74 3.21 -3.68
CA LYS B 286 -45.81 4.62 -4.09
C LYS B 286 -44.82 4.92 -5.21
N ASN B 287 -43.67 4.27 -5.20
CA ASN B 287 -42.68 4.49 -6.26
C ASN B 287 -42.99 3.73 -7.53
N ARG B 288 -43.87 2.72 -7.50
CA ARG B 288 -44.15 1.99 -8.73
C ARG B 288 -44.99 2.82 -9.69
N VAL B 289 -45.55 3.95 -9.24
CA VAL B 289 -46.25 4.84 -10.15
C VAL B 289 -45.33 5.28 -11.28
N PHE B 290 -44.05 5.47 -10.97
CA PHE B 290 -43.07 5.93 -11.95
C PHE B 290 -42.37 4.78 -12.67
N ALA B 291 -42.96 3.59 -12.67
CA ALA B 291 -42.42 2.48 -13.44
C ALA B 291 -42.76 2.64 -14.92
N ARG B 292 -42.10 1.84 -15.75
CA ARG B 292 -42.29 1.90 -17.20
C ARG B 292 -43.68 1.40 -17.59
N SER B 293 -44.22 2.00 -18.65
CA SER B 293 -45.48 1.56 -19.25
C SER B 293 -45.51 1.97 -20.71
N LEU B 294 -46.42 1.35 -21.45
CA LEU B 294 -46.54 1.60 -22.89
C LEU B 294 -47.47 2.78 -23.12
N TYR B 295 -46.97 3.77 -23.86
CA TYR B 295 -47.71 4.98 -24.21
C TYR B 295 -47.62 5.18 -25.72
N ALA B 296 -48.49 6.04 -26.23
CA ALA B 296 -48.46 6.41 -27.65
C ALA B 296 -47.47 7.55 -27.83
N SER B 297 -46.38 7.27 -28.56
CA SER B 297 -45.36 8.27 -28.82
C SER B 297 -45.65 9.13 -30.04
N LYS B 298 -46.80 8.90 -30.68
CA LYS B 298 -47.29 9.71 -31.79
C LYS B 298 -48.80 9.60 -31.80
N ASP B 299 -49.44 10.40 -32.66
CA ASP B 299 -50.87 10.21 -32.89
C ASP B 299 -51.05 8.96 -33.74
N ILE B 300 -52.04 8.14 -33.39
CA ILE B 300 -52.25 6.86 -34.07
C ILE B 300 -53.70 6.79 -34.51
N LYS B 301 -53.91 6.71 -35.82
CA LYS B 301 -55.27 6.59 -36.33
C LYS B 301 -55.74 5.15 -36.22
N LYS B 302 -57.06 4.99 -36.22
CA LYS B 302 -57.68 3.67 -36.12
C LYS B 302 -57.31 2.84 -37.36
N GLY B 303 -56.85 1.61 -37.13
CA GLY B 303 -56.40 0.75 -38.20
C GLY B 303 -54.92 0.82 -38.50
N GLU B 304 -54.19 1.76 -37.90
CA GLU B 304 -52.74 1.79 -38.04
C GLU B 304 -52.11 0.70 -37.19
N ILE B 305 -51.02 0.13 -37.69
CA ILE B 305 -50.38 -0.95 -36.94
C ILE B 305 -49.36 -0.32 -36.00
N PHE B 306 -49.17 -0.96 -34.86
CA PHE B 306 -48.25 -0.46 -33.85
C PHE B 306 -46.81 -0.84 -34.18
N SER B 307 -45.88 0.04 -33.82
CA SER B 307 -44.47 -0.15 -34.11
C SER B 307 -43.64 0.56 -33.06
N GLU B 308 -42.32 0.52 -33.23
CA GLU B 308 -41.43 1.28 -32.37
C GLU B 308 -41.68 2.77 -32.51
N GLU B 309 -42.13 3.20 -33.69
CA GLU B 309 -42.26 4.63 -33.95
C GLU B 309 -43.45 5.24 -33.24
N ASN B 310 -44.50 4.45 -32.97
CA ASN B 310 -45.70 4.98 -32.35
C ASN B 310 -45.98 4.41 -30.96
N VAL B 311 -45.14 3.49 -30.47
CA VAL B 311 -45.27 2.95 -29.12
C VAL B 311 -43.93 3.15 -28.41
N LYS B 312 -43.97 3.68 -27.19
CA LYS B 312 -42.75 3.90 -26.43
C LYS B 312 -42.97 3.46 -25.00
N SER B 313 -42.01 2.74 -24.45
CA SER B 313 -42.02 2.34 -23.04
C SER B 313 -41.42 3.48 -22.24
N VAL B 314 -42.25 4.15 -21.43
CA VAL B 314 -41.84 5.34 -20.69
C VAL B 314 -42.46 5.32 -19.30
N ARG B 315 -42.04 6.26 -18.48
CA ARG B 315 -42.60 6.63 -17.18
C ARG B 315 -43.70 7.67 -17.40
N PRO B 316 -44.82 7.63 -16.67
CA PRO B 316 -45.14 6.76 -15.54
C PRO B 316 -45.71 5.41 -15.95
N SER B 317 -46.35 4.73 -14.99
CA SER B 317 -46.81 3.36 -15.17
C SER B 317 -48.29 3.26 -15.50
N PHE B 318 -48.93 4.36 -15.88
CA PHE B 318 -50.38 4.34 -16.08
C PHE B 318 -50.80 3.68 -17.39
N GLY B 319 -49.86 3.34 -18.27
CA GLY B 319 -50.16 2.72 -19.54
C GLY B 319 -50.14 1.21 -19.47
N LEU B 320 -49.97 0.60 -20.64
CA LEU B 320 -49.86 -0.85 -20.72
C LEU B 320 -48.56 -1.32 -20.08
N HIS B 321 -48.62 -2.47 -19.42
CA HIS B 321 -47.43 -3.07 -18.86
C HIS B 321 -46.45 -3.42 -19.99
N PRO B 322 -45.15 -3.20 -19.81
CA PRO B 322 -44.19 -3.47 -20.89
C PRO B 322 -44.16 -4.90 -21.40
N LYS B 323 -44.79 -5.86 -20.68
CA LYS B 323 -44.81 -7.24 -21.18
C LYS B 323 -45.56 -7.36 -22.49
N PHE B 324 -46.48 -6.44 -22.79
CA PHE B 324 -47.28 -6.49 -24.00
C PHE B 324 -46.54 -6.00 -25.24
N TYR B 325 -45.32 -5.48 -25.09
CA TYR B 325 -44.67 -4.79 -26.21
C TYR B 325 -44.48 -5.71 -27.40
N GLN B 326 -44.07 -6.96 -27.15
CA GLN B 326 -43.89 -7.90 -28.26
C GLN B 326 -45.22 -8.27 -28.88
N GLU B 327 -46.24 -8.56 -28.06
CA GLU B 327 -47.55 -8.91 -28.59
C GLU B 327 -48.21 -7.72 -29.28
N LEU B 328 -48.02 -6.52 -28.74
CA LEU B 328 -48.68 -5.34 -29.29
C LEU B 328 -48.12 -4.96 -30.66
N LEU B 329 -46.82 -5.08 -30.85
CA LEU B 329 -46.22 -4.70 -32.12
C LEU B 329 -46.78 -5.56 -33.26
N GLY B 330 -47.21 -4.87 -34.32
CA GLY B 330 -47.80 -5.52 -35.48
C GLY B 330 -49.32 -5.60 -35.47
N LYS B 331 -49.95 -5.37 -34.33
CA LYS B 331 -51.40 -5.34 -34.30
C LYS B 331 -51.90 -3.95 -34.70
N LYS B 332 -53.21 -3.83 -34.91
CA LYS B 332 -53.82 -2.60 -35.39
C LYS B 332 -54.61 -1.93 -34.27
N ALA B 333 -54.59 -0.61 -34.27
CA ALA B 333 -55.36 0.15 -33.30
C ALA B 333 -56.85 0.02 -33.58
N THR B 334 -57.64 -0.15 -32.53
CA THR B 334 -59.09 -0.28 -32.64
C THR B 334 -59.80 1.05 -32.46
N LYS B 335 -59.07 2.11 -32.13
CA LYS B 335 -59.64 3.43 -31.90
C LYS B 335 -58.59 4.47 -32.26
N ASP B 336 -59.04 5.72 -32.33
CA ASP B 336 -58.10 6.83 -32.49
C ASP B 336 -57.40 7.10 -31.17
N ILE B 337 -56.07 7.08 -31.20
CA ILE B 337 -55.24 7.26 -30.01
C ILE B 337 -54.37 8.49 -30.23
N LYS B 338 -54.45 9.46 -29.31
CA LYS B 338 -53.67 10.67 -29.43
C LYS B 338 -52.30 10.50 -28.77
N PHE B 339 -51.39 11.44 -29.07
CA PHE B 339 -50.06 11.40 -28.51
C PHE B 339 -50.11 11.70 -27.01
N GLY B 340 -49.41 10.89 -26.23
CA GLY B 340 -49.44 11.01 -24.79
C GLY B 340 -50.55 10.22 -24.12
N ASP B 341 -51.30 9.42 -24.88
CA ASP B 341 -52.36 8.61 -24.30
C ASP B 341 -51.79 7.32 -23.76
N ALA B 342 -52.25 6.94 -22.57
CA ALA B 342 -51.84 5.67 -22.00
C ALA B 342 -52.49 4.52 -22.78
N LEU B 343 -51.67 3.60 -23.26
CA LEU B 343 -52.20 2.46 -23.99
C LEU B 343 -52.88 1.51 -23.01
N LYS B 344 -54.01 0.96 -23.43
CA LYS B 344 -54.81 0.06 -22.61
C LYS B 344 -55.15 -1.19 -23.41
N GLN B 345 -55.67 -2.19 -22.71
CA GLN B 345 -56.23 -3.35 -23.37
C GLN B 345 -57.51 -2.94 -24.08
N GLY B 346 -57.66 -3.36 -25.34
CA GLY B 346 -58.74 -2.90 -26.18
C GLY B 346 -58.33 -1.88 -27.22
N ASP B 347 -57.20 -1.20 -27.03
CA ASP B 347 -56.64 -0.35 -28.06
C ASP B 347 -56.11 -1.16 -29.24
N PHE B 348 -55.98 -2.47 -29.08
CA PHE B 348 -55.49 -3.38 -30.11
C PHE B 348 -56.33 -4.65 -30.19
N MET C 7 36.01 -6.64 -21.62
CA MET C 7 35.96 -5.33 -22.24
C MET C 7 37.21 -4.54 -21.91
N GLN C 8 38.31 -4.86 -22.59
CA GLN C 8 39.60 -4.20 -22.37
C GLN C 8 39.89 -3.26 -23.53
N ILE C 9 40.23 -2.02 -23.20
CA ILE C 9 40.68 -1.03 -24.18
C ILE C 9 42.19 -0.88 -24.00
N GLY C 10 42.95 -1.42 -24.95
CA GLY C 10 44.39 -1.48 -24.78
C GLY C 10 44.74 -2.34 -23.59
N ASN C 11 45.36 -1.71 -22.58
CA ASN C 11 45.68 -2.37 -21.32
C ASN C 11 44.69 -2.01 -20.21
N PHE C 12 43.64 -1.25 -20.52
CA PHE C 12 42.74 -0.74 -19.51
C PHE C 12 41.53 -1.65 -19.33
N ASN C 13 41.30 -2.09 -18.10
CA ASN C 13 40.14 -2.91 -17.75
C ASN C 13 39.02 -1.98 -17.27
N THR C 14 37.96 -1.88 -18.07
CA THR C 14 36.87 -0.96 -17.74
C THR C 14 35.90 -1.55 -16.73
N ASP C 15 36.06 -2.81 -16.36
CA ASP C 15 35.28 -3.42 -15.30
C ASP C 15 35.86 -3.17 -13.92
N LYS C 16 37.10 -2.69 -13.84
CA LYS C 16 37.76 -2.37 -12.58
C LYS C 16 37.87 -0.88 -12.32
N LYS C 17 38.11 -0.07 -13.36
CA LYS C 17 38.33 1.36 -13.21
C LYS C 17 37.52 2.11 -14.26
N VAL C 18 37.08 3.31 -13.90
CA VAL C 18 36.36 4.15 -14.86
C VAL C 18 37.36 4.77 -15.81
N PHE C 19 37.09 4.64 -17.11
CA PHE C 19 37.98 5.12 -18.16
C PHE C 19 37.75 6.60 -18.38
N ILE C 20 38.68 7.43 -17.89
CA ILE C 20 38.57 8.89 -18.01
C ILE C 20 39.38 9.35 -19.21
N ILE C 21 38.71 9.99 -20.17
CA ILE C 21 39.33 10.46 -21.40
C ILE C 21 39.34 11.98 -21.39
N ALA C 22 40.50 12.57 -21.68
CA ALA C 22 40.65 14.01 -21.86
C ALA C 22 40.63 14.31 -23.36
N GLU C 23 39.65 15.10 -23.80
CA GLU C 23 39.49 15.41 -25.21
C GLU C 23 40.40 16.58 -25.58
N LEU C 24 41.45 16.29 -26.36
CA LEU C 24 42.32 17.36 -26.82
C LEU C 24 41.57 18.30 -27.76
N SER C 25 40.68 17.74 -28.57
CA SER C 25 39.78 18.49 -29.47
C SER C 25 40.64 19.42 -30.33
N ALA C 26 40.26 20.68 -30.50
CA ALA C 26 41.09 21.67 -31.19
C ALA C 26 41.75 22.65 -30.22
N ASN C 27 41.93 22.25 -28.97
CA ASN C 27 42.48 23.12 -27.93
C ASN C 27 43.99 23.28 -28.00
N HIS C 28 44.61 22.80 -29.08
CA HIS C 28 46.00 23.11 -29.36
C HIS C 28 46.18 24.46 -30.03
N ALA C 29 45.08 25.07 -30.51
CA ALA C 29 45.09 26.39 -31.15
C ALA C 29 46.02 26.43 -32.37
N GLY C 30 46.14 25.30 -33.06
CA GLY C 30 46.96 25.27 -34.26
C GLY C 30 48.44 25.25 -34.02
N SER C 31 48.88 24.96 -32.79
CA SER C 31 50.30 24.90 -32.44
C SER C 31 50.61 23.53 -31.87
N LEU C 32 51.56 22.82 -32.50
CA LEU C 32 51.96 21.51 -32.01
C LEU C 32 52.63 21.59 -30.64
N GLU C 33 53.33 22.69 -30.35
CA GLU C 33 54.00 22.81 -29.06
C GLU C 33 53.01 22.74 -27.91
N MET C 34 51.87 23.42 -28.05
CA MET C 34 50.83 23.31 -27.04
C MET C 34 50.19 21.93 -27.06
N ALA C 35 50.06 21.32 -28.25
CA ALA C 35 49.46 19.99 -28.35
C ALA C 35 50.29 18.95 -27.61
N LEU C 36 51.60 18.91 -27.86
CA LEU C 36 52.43 17.93 -27.18
C LEU C 36 52.54 18.23 -25.69
N LYS C 37 52.57 19.51 -25.31
CA LYS C 37 52.57 19.87 -23.90
C LYS C 37 51.25 19.47 -23.23
N SER C 38 50.14 19.51 -23.97
CA SER C 38 48.85 19.14 -23.40
C SER C 38 48.79 17.64 -23.11
N ILE C 39 49.47 16.83 -23.91
CA ILE C 39 49.48 15.39 -23.67
C ILE C 39 50.17 15.09 -22.35
N LYS C 40 51.27 15.78 -22.07
CA LYS C 40 52.00 15.56 -20.83
C LYS C 40 51.20 16.02 -19.62
N ALA C 41 50.42 17.10 -19.78
CA ALA C 41 49.59 17.58 -18.69
C ALA C 41 48.36 16.72 -18.47
N ALA C 42 47.83 16.12 -19.55
CA ALA C 42 46.69 15.23 -19.40
C ALA C 42 47.06 14.01 -18.56
N LYS C 43 48.28 13.49 -18.74
CA LYS C 43 48.75 12.38 -17.92
C LYS C 43 48.98 12.82 -16.48
N LYS C 44 49.47 14.04 -16.30
CA LYS C 44 49.68 14.57 -14.95
C LYS C 44 48.36 14.79 -14.22
N ALA C 45 47.32 15.19 -14.95
CA ALA C 45 46.02 15.43 -14.33
C ALA C 45 45.36 14.15 -13.84
N GLY C 46 45.77 13.00 -14.34
CA GLY C 46 45.17 11.74 -13.97
C GLY C 46 44.29 11.10 -15.03
N ALA C 47 44.32 11.61 -16.25
CA ALA C 47 43.55 11.01 -17.33
C ALA C 47 44.18 9.68 -17.74
N ASP C 48 43.33 8.79 -18.24
CA ASP C 48 43.79 7.48 -18.71
C ASP C 48 44.00 7.44 -20.22
N ALA C 49 43.41 8.37 -20.96
CA ALA C 49 43.56 8.39 -22.41
C ALA C 49 43.42 9.81 -22.94
N ILE C 50 44.07 10.06 -24.07
CA ILE C 50 43.95 11.30 -24.81
C ILE C 50 43.21 11.02 -26.10
N LYS C 51 42.26 11.88 -26.46
CA LYS C 51 41.49 11.74 -27.68
C LYS C 51 41.69 12.97 -28.55
N ILE C 52 42.25 12.77 -29.74
CA ILE C 52 42.41 13.84 -30.71
C ILE C 52 41.36 13.64 -31.80
N GLN C 53 41.18 14.66 -32.63
CA GLN C 53 40.25 14.61 -33.75
C GLN C 53 41.02 14.57 -35.06
N THR C 54 40.71 13.57 -35.88
CA THR C 54 41.36 13.40 -37.18
C THR C 54 40.35 13.70 -38.27
N TYR C 55 40.51 14.83 -38.94
CA TYR C 55 39.63 15.16 -40.05
C TYR C 55 40.31 16.21 -40.93
N THR C 56 39.80 16.32 -42.15
CA THR C 56 40.07 17.43 -43.05
C THR C 56 38.73 18.10 -43.31
N PRO C 57 38.69 19.31 -43.88
CA PRO C 57 37.39 19.94 -44.16
C PRO C 57 36.51 19.13 -45.09
N ASP C 58 37.09 18.42 -46.07
CA ASP C 58 36.30 17.54 -46.92
C ASP C 58 35.64 16.43 -46.12
N SER C 59 36.27 16.00 -45.03
CA SER C 59 35.70 14.92 -44.22
C SER C 59 34.35 15.29 -43.63
N LEU C 60 34.10 16.58 -43.42
CA LEU C 60 32.94 17.02 -42.67
C LEU C 60 31.84 17.61 -43.55
N THR C 61 32.20 18.50 -44.48
CA THR C 61 31.20 19.29 -45.18
C THR C 61 31.71 19.63 -46.58
N LEU C 62 30.98 20.48 -47.27
CA LEU C 62 31.29 20.91 -48.63
C LEU C 62 31.72 22.37 -48.64
N ASN C 63 32.59 22.71 -49.61
CA ASN C 63 33.04 24.08 -49.80
C ASN C 63 32.04 24.82 -50.66
N SER C 64 30.98 25.31 -50.02
CA SER C 64 29.88 25.95 -50.73
C SER C 64 29.49 27.23 -50.02
N ASP C 65 28.96 28.18 -50.79
CA ASP C 65 28.48 29.45 -50.27
C ASP C 65 27.00 29.44 -49.93
N LYS C 66 26.30 28.34 -50.19
CA LYS C 66 24.86 28.31 -49.95
C LYS C 66 24.54 28.46 -48.47
N GLU C 67 23.29 28.83 -48.19
CA GLU C 67 22.86 29.12 -46.83
C GLU C 67 23.15 27.96 -45.89
N ASP C 68 23.00 26.73 -46.37
CA ASP C 68 23.19 25.56 -45.50
C ASP C 68 24.59 25.50 -44.93
N PHE C 69 25.59 26.00 -45.66
CA PHE C 69 26.98 25.80 -45.29
C PHE C 69 27.63 27.04 -44.68
N ILE C 70 26.85 28.08 -44.37
CA ILE C 70 27.37 29.27 -43.72
C ILE C 70 26.90 29.30 -42.27
N ILE C 71 27.78 29.74 -41.37
CA ILE C 71 27.47 29.77 -39.95
C ILE C 71 26.63 30.99 -39.63
N LYS C 72 25.68 30.83 -38.72
CA LYS C 72 24.78 31.91 -38.32
C LYS C 72 24.99 32.27 -36.85
N GLY C 74 28.48 32.65 -34.47
CA GLY C 74 29.30 33.03 -33.34
C GLY C 74 30.48 33.88 -33.76
N LEU C 75 31.69 33.35 -33.52
CA LEU C 75 32.90 34.03 -34.01
C LEU C 75 32.97 34.00 -35.52
N TRP C 76 32.51 32.91 -36.14
CA TRP C 76 32.40 32.83 -37.60
C TRP C 76 30.99 33.21 -38.05
N ASP C 77 30.61 34.45 -37.71
CA ASP C 77 29.21 34.85 -37.82
C ASP C 77 28.68 34.82 -39.24
N LYS C 78 29.56 34.84 -40.25
CA LYS C 78 29.09 34.78 -41.63
C LYS C 78 29.99 33.94 -42.54
N ARG C 79 30.91 33.15 -41.98
CA ARG C 79 31.83 32.36 -42.79
C ARG C 79 31.24 30.97 -43.05
N LYS C 80 31.98 30.17 -43.80
CA LYS C 80 31.54 28.83 -44.18
C LYS C 80 31.87 27.82 -43.10
N LEU C 81 31.14 26.71 -43.10
CA LEU C 81 31.52 25.56 -42.28
C LEU C 81 32.87 25.02 -42.71
N TYR C 82 33.12 25.04 -44.02
CA TYR C 82 34.41 24.58 -44.55
C TYR C 82 35.56 25.42 -43.99
N GLU C 83 35.33 26.72 -43.82
CA GLU C 83 36.37 27.60 -43.30
C GLU C 83 36.61 27.35 -41.81
N LEU C 84 35.54 27.11 -41.04
CA LEU C 84 35.70 26.82 -39.61
C LEU C 84 36.51 25.55 -39.40
N TYR C 85 36.15 24.49 -40.10
CA TYR C 85 36.84 23.21 -39.96
C TYR C 85 38.28 23.29 -40.46
N GLU C 86 38.60 24.24 -41.34
CA GLU C 86 39.97 24.37 -41.82
C GLU C 86 40.89 24.89 -40.72
N SER C 87 40.44 25.87 -39.95
CA SER C 87 41.30 26.47 -38.93
C SER C 87 41.40 25.61 -37.68
N ALA C 88 40.34 24.87 -37.32
CA ALA C 88 40.34 24.05 -36.12
C ALA C 88 40.86 22.65 -36.34
N LYS C 89 41.22 22.29 -37.58
CA LYS C 89 41.66 20.94 -37.88
C LYS C 89 42.96 20.61 -37.16
N THR C 90 43.11 19.33 -36.82
CA THR C 90 44.38 18.80 -36.34
C THR C 90 45.14 18.19 -37.51
N PRO C 91 46.29 18.74 -37.90
CA PRO C 91 46.97 18.26 -39.10
C PRO C 91 47.36 16.79 -39.01
N TYR C 92 47.44 16.12 -40.14
CA TYR C 92 47.89 14.71 -40.09
C TYR C 92 49.39 14.71 -39.86
N GLU C 93 50.05 15.82 -40.14
CA GLU C 93 51.48 15.88 -39.92
C GLU C 93 51.84 15.71 -38.45
N TRP C 94 50.94 16.11 -37.55
CA TRP C 94 51.22 16.02 -36.11
C TRP C 94 51.01 14.63 -35.52
N HIS C 95 50.27 13.76 -36.21
CA HIS C 95 49.78 12.54 -35.57
C HIS C 95 50.91 11.65 -35.07
N SER C 96 51.99 11.51 -35.83
CA SER C 96 53.09 10.65 -35.40
C SER C 96 53.66 11.12 -34.07
N GLN C 97 53.92 12.42 -33.93
CA GLN C 97 54.46 12.94 -32.68
C GLN C 97 53.47 12.77 -31.53
N ILE C 98 52.18 12.95 -31.81
CA ILE C 98 51.16 12.87 -30.76
C ILE C 98 51.15 11.49 -30.12
N PHE C 99 51.12 10.43 -30.94
CA PHE C 99 51.07 9.08 -30.40
C PHE C 99 52.37 8.71 -29.68
N GLU C 100 53.52 9.06 -30.24
CA GLU C 100 54.77 8.71 -29.55
C GLU C 100 54.94 9.51 -28.27
N THR C 101 54.48 10.76 -28.25
CA THR C 101 54.52 11.53 -27.01
C THR C 101 53.55 10.96 -25.99
N ALA C 102 52.38 10.51 -26.44
CA ALA C 102 51.39 9.94 -25.53
C ALA C 102 51.86 8.63 -24.94
N GLN C 103 52.46 7.76 -25.76
CA GLN C 103 52.97 6.49 -25.25
C GLN C 103 54.13 6.71 -24.31
N ASN C 104 55.00 7.70 -24.61
CA ASN C 104 56.13 7.98 -23.72
C ASN C 104 55.66 8.48 -22.37
N GLU C 105 54.62 9.32 -22.35
CA GLU C 105 54.07 9.83 -21.10
C GLU C 105 53.24 8.80 -20.34
N GLY C 106 52.94 7.67 -20.97
CA GLY C 106 52.20 6.62 -20.32
C GLY C 106 50.69 6.70 -20.47
N ILE C 107 50.20 7.68 -21.20
CA ILE C 107 48.76 7.83 -21.40
C ILE C 107 48.38 7.16 -22.72
N LEU C 108 47.15 6.65 -22.77
CA LEU C 108 46.66 6.03 -23.99
C LEU C 108 46.28 7.11 -25.01
N CYS C 109 46.28 6.71 -26.28
CA CYS C 109 45.95 7.65 -27.34
C CYS C 109 45.14 6.94 -28.42
N PHE C 110 44.03 7.56 -28.80
CA PHE C 110 43.24 7.12 -29.94
C PHE C 110 42.58 8.37 -30.52
N SER C 111 42.01 8.24 -31.71
CA SER C 111 41.52 9.39 -32.44
C SER C 111 40.09 9.20 -32.90
N SER C 112 39.45 10.32 -33.21
CA SER C 112 38.08 10.33 -33.70
C SER C 112 38.09 10.63 -35.20
N PRO C 113 37.91 9.63 -36.07
CA PRO C 113 37.86 9.91 -37.51
C PRO C 113 36.52 10.48 -37.92
N PHE C 114 36.52 11.17 -39.05
CA PHE C 114 35.30 11.79 -39.55
C PHE C 114 34.98 11.45 -41.01
N ALA C 115 35.81 10.66 -41.68
CA ALA C 115 35.53 10.20 -43.03
C ALA C 115 36.30 8.91 -43.27
N LYS C 116 36.06 8.30 -44.43
CA LYS C 116 36.78 7.07 -44.77
C LYS C 116 38.28 7.33 -44.87
N GLU C 117 38.67 8.46 -45.46
CA GLU C 117 40.09 8.77 -45.60
C GLU C 117 40.77 8.93 -44.25
N ASP C 118 40.06 9.46 -43.25
CA ASP C 118 40.65 9.60 -41.92
C ASP C 118 40.88 8.26 -41.25
N VAL C 119 40.02 7.27 -41.50
CA VAL C 119 40.19 5.96 -40.89
C VAL C 119 41.42 5.27 -41.46
N GLU C 120 41.59 5.32 -42.78
CA GLU C 120 42.76 4.69 -43.40
C GLU C 120 44.05 5.36 -42.94
N PHE C 121 44.01 6.68 -42.70
CA PHE C 121 45.19 7.36 -42.18
C PHE C 121 45.48 6.92 -40.75
N LEU C 122 44.43 6.70 -39.95
CA LEU C 122 44.62 6.28 -38.57
C LEU C 122 45.13 4.85 -38.48
N LYS C 123 44.89 4.02 -39.50
CA LYS C 123 45.26 2.62 -39.45
C LYS C 123 46.76 2.43 -39.30
N ARG C 124 47.57 3.41 -39.71
CA ARG C 124 49.02 3.27 -39.57
C ARG C 124 49.46 3.33 -38.12
N PHE C 125 48.61 3.87 -37.24
CA PHE C 125 48.91 3.98 -35.82
C PHE C 125 48.33 2.84 -35.00
N ASP C 126 47.50 1.99 -35.61
CA ASP C 126 46.83 0.88 -34.93
C ASP C 126 46.15 1.39 -33.67
N PRO C 127 45.09 2.18 -33.79
CA PRO C 127 44.50 2.80 -32.60
C PRO C 127 43.80 1.77 -31.73
N ILE C 128 43.95 1.94 -30.42
CA ILE C 128 43.34 1.02 -29.47
C ILE C 128 41.82 1.09 -29.53
N ALA C 129 41.28 2.24 -29.95
CA ALA C 129 39.85 2.43 -30.00
C ALA C 129 39.52 3.47 -31.06
N TYR C 130 38.23 3.60 -31.37
CA TYR C 130 37.73 4.63 -32.26
C TYR C 130 36.58 5.35 -31.56
N LYS C 131 36.42 6.62 -31.89
CA LYS C 131 35.35 7.44 -31.34
C LYS C 131 34.54 8.03 -32.47
N ILE C 132 33.23 7.80 -32.44
CA ILE C 132 32.32 8.36 -33.42
C ILE C 132 31.57 9.50 -32.75
N ALA C 133 31.79 10.72 -33.24
CA ALA C 133 31.13 11.88 -32.65
C ALA C 133 29.62 11.79 -32.86
N SER C 134 28.90 12.58 -32.07
CA SER C 134 27.44 12.51 -32.12
C SER C 134 26.91 12.82 -33.52
N PHE C 135 27.53 13.77 -34.21
CA PHE C 135 26.99 14.19 -35.50
C PHE C 135 27.13 13.13 -36.58
N GLU C 136 28.06 12.19 -36.42
CA GLU C 136 28.26 11.11 -37.39
C GLU C 136 27.50 9.84 -37.05
N ALA C 137 26.71 9.84 -35.97
CA ALA C 137 26.07 8.61 -35.54
C ALA C 137 25.00 8.12 -36.52
N ASN C 138 24.41 9.02 -37.31
CA ASN C 138 23.34 8.66 -38.23
C ASN C 138 23.83 8.18 -39.59
N ASP C 139 25.14 8.10 -39.80
CA ASP C 139 25.71 7.65 -41.08
C ASP C 139 26.05 6.17 -40.95
N GLU C 140 25.18 5.31 -41.48
CA GLU C 140 25.38 3.87 -41.31
C GLU C 140 26.62 3.37 -42.02
N ASN C 141 26.91 3.92 -43.20
CA ASN C 141 28.08 3.51 -43.95
C ASN C 141 29.36 3.88 -43.22
N PHE C 142 29.37 5.05 -42.58
CA PHE C 142 30.51 5.44 -41.76
C PHE C 142 30.59 4.57 -40.51
N VAL C 143 29.45 4.27 -39.87
CA VAL C 143 29.45 3.44 -38.67
C VAL C 143 29.93 2.02 -39.00
N ARG C 144 29.45 1.46 -40.12
CA ARG C 144 29.93 0.14 -40.53
C ARG C 144 31.39 0.17 -40.92
N LEU C 145 31.85 1.23 -41.59
CA LEU C 145 33.26 1.31 -41.96
C LEU C 145 34.14 1.29 -40.72
N ILE C 146 33.69 1.95 -39.64
CA ILE C 146 34.42 1.95 -38.38
C ILE C 146 34.20 0.65 -37.61
N ALA C 147 32.98 0.10 -37.68
CA ALA C 147 32.69 -1.13 -36.93
C ALA C 147 33.50 -2.30 -37.45
N LYS C 148 33.77 -2.34 -38.76
CA LYS C 148 34.56 -3.42 -39.33
C LYS C 148 36.01 -3.39 -38.86
N GLU C 149 36.42 -2.36 -38.13
CA GLU C 149 37.79 -2.29 -37.61
C GLU C 149 38.02 -3.23 -36.43
N LYS C 150 36.95 -3.79 -35.86
CA LYS C 150 37.05 -4.79 -34.78
C LYS C 150 37.75 -4.25 -33.54
N LYS C 151 37.64 -2.94 -33.30
CA LYS C 151 38.18 -2.30 -32.12
C LYS C 151 37.03 -1.72 -31.30
N PRO C 152 37.22 -1.52 -30.00
CA PRO C 152 36.19 -0.86 -29.20
C PRO C 152 35.86 0.51 -29.75
N THR C 153 34.58 0.74 -30.03
CA THR C 153 34.14 1.99 -30.63
C THR C 153 33.18 2.68 -29.68
N ILE C 154 33.52 3.92 -29.32
CA ILE C 154 32.70 4.77 -28.47
C ILE C 154 31.89 5.71 -29.36
N VAL C 155 30.57 5.75 -29.13
CA VAL C 155 29.65 6.53 -29.95
C VAL C 155 28.92 7.52 -29.06
N SER C 156 28.93 8.79 -29.47
CA SER C 156 28.17 9.81 -28.76
C SER C 156 26.73 9.82 -29.27
N THR C 157 25.78 9.72 -28.34
CA THR C 157 24.37 9.62 -28.67
C THR C 157 23.65 10.96 -28.59
N GLY C 158 24.38 12.07 -28.70
CA GLY C 158 23.79 13.38 -28.45
C GLY C 158 22.63 13.71 -29.38
N ILE C 159 22.76 13.37 -30.65
CA ILE C 159 21.72 13.68 -31.63
C ILE C 159 21.05 12.45 -32.21
N ALA C 160 21.52 11.24 -31.90
CA ALA C 160 20.98 10.05 -32.53
C ALA C 160 19.57 9.75 -32.04
N THR C 161 18.72 9.32 -32.96
CA THR C 161 17.38 8.90 -32.57
C THR C 161 17.40 7.45 -32.09
N GLU C 162 16.31 7.05 -31.47
CA GLU C 162 16.20 5.68 -30.96
C GLU C 162 16.37 4.67 -32.08
N GLU C 163 15.74 4.93 -33.23
CA GLU C 163 15.85 4.04 -34.39
C GLU C 163 17.29 3.93 -34.88
N GLU C 164 18.03 5.04 -34.87
CA GLU C 164 19.42 5.02 -35.34
C GLU C 164 20.32 4.23 -34.40
N LEU C 165 20.10 4.34 -33.09
CA LEU C 165 20.91 3.58 -32.15
C LEU C 165 20.75 2.08 -32.35
N PHE C 166 19.52 1.64 -32.66
CA PHE C 166 19.31 0.22 -32.91
C PHE C 166 20.07 -0.25 -34.14
N LYS C 167 20.08 0.58 -35.20
CA LYS C 167 20.81 0.19 -36.41
C LYS C 167 22.31 0.11 -36.14
N ILE C 168 22.84 0.97 -35.27
CA ILE C 168 24.24 0.85 -34.89
C ILE C 168 24.48 -0.48 -34.19
N CYS C 169 23.56 -0.89 -33.33
CA CYS C 169 23.70 -2.17 -32.64
C CYS C 169 23.70 -3.32 -33.62
N GLU C 170 22.76 -3.31 -34.58
CA GLU C 170 22.71 -4.37 -35.58
C GLU C 170 24.00 -4.41 -36.39
N ILE C 171 24.56 -3.23 -36.70
CA ILE C 171 25.77 -3.17 -37.51
C ILE C 171 26.93 -3.83 -36.78
N PHE C 172 27.10 -3.53 -35.50
CA PHE C 172 28.20 -4.13 -34.75
C PHE C 172 27.99 -5.62 -34.54
N LYS C 173 26.75 -6.07 -34.36
CA LYS C 173 26.48 -7.51 -34.32
C LYS C 173 26.73 -8.14 -35.69
N GLU C 174 26.33 -7.43 -36.75
CA GLU C 174 26.57 -7.91 -38.11
C GLU C 174 28.05 -7.99 -38.42
N GLU C 175 28.82 -6.98 -38.03
CA GLU C 175 30.26 -6.92 -38.27
C GLU C 175 31.07 -7.62 -37.16
N LYS C 176 30.39 -8.32 -36.25
CA LYS C 176 31.04 -9.14 -35.21
C LYS C 176 31.97 -8.32 -34.31
N ASN C 177 31.53 -7.11 -33.95
CA ASN C 177 32.26 -6.28 -33.00
C ASN C 177 31.46 -6.12 -31.71
N PRO C 178 31.86 -6.75 -30.60
CA PRO C 178 31.05 -6.70 -29.38
C PRO C 178 31.36 -5.54 -28.45
N ASP C 179 32.43 -4.77 -28.70
CA ASP C 179 32.86 -3.70 -27.81
C ASP C 179 32.28 -2.38 -28.30
N LEU C 180 30.99 -2.17 -28.04
CA LEU C 180 30.31 -0.94 -28.40
C LEU C 180 29.97 -0.18 -27.12
N ILE C 181 30.33 1.10 -27.09
CA ILE C 181 30.06 1.96 -25.94
C ILE C 181 29.25 3.16 -26.40
N PHE C 182 28.17 3.46 -25.67
CA PHE C 182 27.32 4.60 -25.95
C PHE C 182 27.52 5.65 -24.86
N LEU C 183 27.69 6.91 -25.26
CA LEU C 183 27.82 8.01 -24.30
C LEU C 183 26.56 8.85 -24.27
N LYS C 184 26.14 9.21 -23.05
CA LYS C 184 25.17 10.27 -22.85
C LYS C 184 25.88 11.61 -22.90
N CYS C 185 25.30 12.55 -23.63
CA CYS C 185 25.88 13.88 -23.77
C CYS C 185 25.17 14.86 -22.86
N THR C 186 25.94 15.75 -22.26
CA THR C 186 25.43 16.88 -21.49
C THR C 186 25.87 18.16 -22.16
N SER C 187 24.92 19.07 -22.38
CA SER C 187 25.23 20.33 -23.02
C SER C 187 25.92 21.29 -22.05
N ALA C 188 26.64 22.25 -22.61
CA ALA C 188 27.40 23.21 -21.82
C ALA C 188 26.51 24.32 -21.26
N TYR C 189 26.99 24.95 -20.19
CA TYR C 189 26.38 26.15 -19.63
C TYR C 189 26.11 27.16 -20.76
N PRO C 190 24.98 27.89 -20.70
CA PRO C 190 23.96 27.99 -19.66
C PRO C 190 22.89 26.89 -19.67
N ALA C 191 23.16 25.75 -20.29
CA ALA C 191 22.19 24.65 -20.30
C ALA C 191 21.78 24.30 -18.87
N ALA C 192 20.50 24.05 -18.69
CA ALA C 192 20.00 23.83 -17.35
C ALA C 192 20.29 22.40 -16.91
N ILE C 193 20.36 22.23 -15.58
CA ILE C 193 20.56 20.91 -15.00
C ILE C 193 19.36 20.01 -15.29
N GLU C 194 18.17 20.60 -15.44
CA GLU C 194 16.98 19.82 -15.77
C GLU C 194 17.08 19.16 -17.13
N ASP C 195 17.88 19.72 -18.04
CA ASP C 195 18.02 19.20 -19.38
C ASP C 195 19.07 18.10 -19.51
N MET C 196 19.73 17.73 -18.41
CA MET C 196 20.77 16.70 -18.49
C MET C 196 20.17 15.34 -18.82
N ASN C 197 19.12 14.95 -18.09
CA ASN C 197 18.47 13.65 -18.26
C ASN C 197 19.47 12.52 -18.12
N LEU C 198 20.23 12.54 -17.01
CA LEU C 198 21.30 11.57 -16.80
C LEU C 198 20.78 10.15 -16.57
N LYS C 199 19.49 9.96 -16.28
CA LYS C 199 18.97 8.62 -16.15
C LYS C 199 18.96 7.86 -17.47
N GLY C 200 19.15 8.56 -18.59
CA GLY C 200 19.29 7.90 -19.88
C GLY C 200 20.52 7.02 -19.98
N ILE C 201 21.49 7.20 -19.09
CA ILE C 201 22.63 6.29 -19.03
C ILE C 201 22.16 4.87 -18.75
N VAL C 202 21.23 4.72 -17.81
CA VAL C 202 20.66 3.41 -17.52
C VAL C 202 19.88 2.89 -18.71
N SER C 203 19.09 3.76 -19.35
CA SER C 203 18.28 3.34 -20.48
C SER C 203 19.14 2.84 -21.63
N LEU C 204 20.27 3.52 -21.87
CA LEU C 204 21.17 3.10 -22.94
C LEU C 204 21.74 1.70 -22.67
N LYS C 205 22.07 1.40 -21.42
CA LYS C 205 22.60 0.08 -21.11
C LYS C 205 21.52 -0.99 -21.22
N GLU C 206 20.33 -0.72 -20.69
CA GLU C 206 19.27 -1.72 -20.68
C GLU C 206 18.77 -2.02 -22.09
N LYS C 207 18.47 -0.98 -22.86
CA LYS C 207 17.81 -1.18 -24.15
C LYS C 207 18.73 -1.85 -25.16
N PHE C 208 20.00 -1.43 -25.21
CA PHE C 208 20.89 -1.87 -26.28
C PHE C 208 21.96 -2.84 -25.81
N ASN C 209 22.03 -3.12 -24.51
CA ASN C 209 22.97 -4.08 -23.96
C ASN C 209 24.40 -3.78 -24.41
N VAL C 210 24.81 -2.53 -24.21
CA VAL C 210 26.15 -2.06 -24.52
C VAL C 210 26.71 -1.42 -23.26
N GLU C 211 28.02 -1.15 -23.28
CA GLU C 211 28.60 -0.37 -22.21
C GLU C 211 28.24 1.10 -22.40
N VAL C 212 28.12 1.82 -21.28
CA VAL C 212 27.61 3.17 -21.31
C VAL C 212 28.61 4.10 -20.63
N GLY C 213 28.55 5.37 -21.02
CA GLY C 213 29.44 6.38 -20.48
C GLY C 213 28.82 7.75 -20.61
N LEU C 214 29.62 8.75 -20.21
CA LEU C 214 29.17 10.14 -20.17
C LEU C 214 30.16 11.01 -20.94
N SER C 215 29.63 11.81 -21.86
CA SER C 215 30.39 12.87 -22.53
C SER C 215 29.91 14.18 -21.93
N ASP C 216 30.71 14.75 -21.03
CA ASP C 216 30.28 15.86 -20.20
C ASP C 216 30.88 17.17 -20.70
N HIS C 217 30.02 18.08 -21.13
CA HIS C 217 30.40 19.45 -21.46
C HIS C 217 29.96 20.43 -20.38
N SER C 218 29.54 19.93 -19.22
CA SER C 218 29.07 20.76 -18.12
C SER C 218 30.18 20.96 -17.10
N PHE C 219 29.99 21.98 -16.27
CA PHE C 219 30.95 22.32 -15.23
C PHE C 219 30.47 21.79 -13.89
N GLY C 220 31.42 21.44 -13.04
CA GLY C 220 31.11 20.93 -11.72
C GLY C 220 31.34 19.43 -11.64
N PHE C 221 30.80 18.86 -10.58
CA PHE C 221 30.94 17.44 -10.31
C PHE C 221 29.62 16.68 -10.35
N LEU C 222 28.49 17.39 -10.48
CA LEU C 222 27.19 16.73 -10.43
C LEU C 222 27.07 15.66 -11.51
N ALA C 223 27.34 16.03 -12.76
CA ALA C 223 27.23 15.06 -13.85
C ALA C 223 28.25 13.95 -13.75
N PRO C 224 29.56 14.21 -13.55
CA PRO C 224 30.51 13.08 -13.53
C PRO C 224 30.32 12.16 -12.33
N VAL C 225 30.05 12.72 -11.15
CA VAL C 225 29.90 11.90 -9.96
C VAL C 225 28.65 11.03 -10.06
N MET C 226 27.55 11.59 -10.59
CA MET C 226 26.32 10.82 -10.76
C MET C 226 26.45 9.77 -11.86
N ALA C 227 27.20 10.08 -12.92
CA ALA C 227 27.35 9.11 -14.00
C ALA C 227 27.99 7.82 -13.51
N VAL C 228 28.98 7.95 -12.61
CA VAL C 228 29.61 6.76 -12.03
C VAL C 228 28.56 5.94 -11.29
N ALA C 229 27.74 6.59 -10.47
CA ALA C 229 26.69 5.88 -9.76
C ALA C 229 25.69 5.25 -10.70
N LEU C 230 25.41 5.90 -11.83
CA LEU C 230 24.45 5.40 -12.80
C LEU C 230 25.02 4.32 -13.72
N GLY C 231 26.28 3.94 -13.54
CA GLY C 231 26.86 2.82 -14.26
C GLY C 231 27.79 3.17 -15.40
N ALA C 232 28.12 4.44 -15.58
CA ALA C 232 29.02 4.83 -16.66
C ALA C 232 30.43 4.37 -16.35
N ARG C 233 31.09 3.75 -17.34
CA ARG C 233 32.47 3.33 -17.16
C ARG C 233 33.42 4.11 -18.05
N VAL C 234 32.93 5.11 -18.78
CA VAL C 234 33.75 6.00 -19.59
C VAL C 234 33.28 7.43 -19.33
N ILE C 235 34.20 8.29 -18.93
CA ILE C 235 33.90 9.71 -18.72
C ILE C 235 34.77 10.52 -19.68
N GLU C 236 34.15 11.38 -20.46
CA GLU C 236 34.84 12.15 -21.49
C GLU C 236 34.63 13.64 -21.21
N LYS C 237 35.74 14.37 -21.11
CA LYS C 237 35.70 15.81 -20.83
C LYS C 237 36.72 16.53 -21.70
N HIS C 238 36.36 17.72 -22.16
CA HIS C 238 37.27 18.54 -22.95
C HIS C 238 38.36 19.16 -22.08
N PHE C 239 39.59 19.11 -22.57
CA PHE C 239 40.76 19.50 -21.81
C PHE C 239 41.53 20.56 -22.56
N MET C 240 41.99 21.58 -21.84
CA MET C 240 42.86 22.59 -22.42
C MET C 240 43.96 22.90 -21.42
N LEU C 241 45.16 23.13 -21.92
CA LEU C 241 46.30 23.32 -21.04
C LEU C 241 46.20 24.64 -20.28
N ASP C 242 46.10 25.75 -21.01
CA ASP C 242 45.99 27.06 -20.40
C ASP C 242 44.71 27.73 -20.89
N LYS C 243 44.09 28.51 -20.01
CA LYS C 243 42.90 29.28 -20.35
C LYS C 243 43.21 30.51 -21.19
N SER C 244 44.42 30.62 -21.73
CA SER C 244 44.81 31.74 -22.58
C SER C 244 44.46 31.53 -24.03
N ILE C 245 44.48 30.28 -24.51
CA ILE C 245 44.20 30.00 -25.91
C ILE C 245 42.71 30.18 -26.19
N GLU C 246 42.40 30.65 -27.39
CA GLU C 246 41.03 30.92 -27.82
C GLU C 246 40.66 29.88 -28.88
N SER C 247 40.02 28.80 -28.43
CA SER C 247 39.55 27.74 -29.30
C SER C 247 38.04 27.81 -29.44
N GLU C 248 37.48 26.91 -30.24
CA GLU C 248 36.04 26.77 -30.38
C GLU C 248 35.44 25.87 -29.33
N ASP C 249 36.26 25.37 -28.39
CA ASP C 249 35.77 24.56 -27.29
C ASP C 249 36.22 25.09 -25.93
N SER C 250 36.93 26.21 -25.89
CA SER C 250 37.50 26.69 -24.64
C SER C 250 36.43 27.14 -23.65
N LYS C 251 35.26 27.54 -24.14
CA LYS C 251 34.22 28.03 -23.24
C LYS C 251 33.71 26.94 -22.30
N PHE C 252 33.67 25.69 -22.76
CA PHE C 252 33.20 24.58 -21.95
C PHE C 252 34.31 23.58 -21.61
N SER C 253 35.57 23.95 -21.82
CA SER C 253 36.68 23.05 -21.51
C SER C 253 37.14 23.24 -20.06
N LEU C 254 37.99 22.32 -19.61
CA LEU C 254 38.56 22.37 -18.28
C LEU C 254 40.07 22.62 -18.39
N ASP C 255 40.58 23.47 -17.51
CA ASP C 255 42.02 23.66 -17.42
C ASP C 255 42.63 22.53 -16.60
N PHE C 256 43.93 22.61 -16.36
CA PHE C 256 44.62 21.56 -15.62
C PHE C 256 44.03 21.37 -14.23
N ASP C 257 43.75 22.46 -13.53
CA ASP C 257 43.27 22.36 -12.15
C ASP C 257 41.88 21.73 -12.08
N GLU C 258 40.95 22.21 -12.91
CA GLU C 258 39.58 21.70 -12.85
C GLU C 258 39.50 20.26 -13.35
N PHE C 259 40.30 19.90 -14.35
CA PHE C 259 40.29 18.53 -14.83
C PHE C 259 40.90 17.58 -13.81
N LYS C 260 42.00 17.98 -13.17
CA LYS C 260 42.56 17.19 -12.09
C LYS C 260 41.56 17.04 -10.96
N ALA C 261 40.82 18.11 -10.66
CA ALA C 261 39.79 18.05 -9.64
C ALA C 261 38.65 17.13 -10.05
N MET C 262 38.32 17.11 -11.35
CA MET C 262 37.24 16.24 -11.82
C MET C 262 37.63 14.77 -11.68
N VAL C 263 38.89 14.44 -12.00
CA VAL C 263 39.35 13.06 -11.88
C VAL C 263 39.24 12.59 -10.43
N ASP C 264 39.69 13.43 -9.50
CA ASP C 264 39.64 13.06 -8.09
C ASP C 264 38.21 12.85 -7.62
N ALA C 265 37.29 13.68 -8.10
CA ALA C 265 35.88 13.55 -7.72
C ALA C 265 35.30 12.24 -8.25
N VAL C 266 35.65 11.86 -9.47
CA VAL C 266 35.14 10.62 -10.05
C VAL C 266 35.69 9.42 -9.30
N ARG C 267 36.97 9.45 -8.95
CA ARG C 267 37.56 8.32 -8.22
C ARG C 267 36.95 8.17 -6.83
N GLN C 268 36.60 9.28 -6.19
CA GLN C 268 35.87 9.19 -4.92
C GLN C 268 34.53 8.51 -5.12
N ALA C 269 33.83 8.85 -6.20
CA ALA C 269 32.56 8.19 -6.48
C ALA C 269 32.75 6.70 -6.70
N GLU C 270 33.84 6.34 -7.39
CA GLU C 270 34.14 4.92 -7.62
C GLU C 270 34.35 4.20 -6.30
N SER C 271 35.17 4.76 -5.41
CA SER C 271 35.50 4.09 -4.17
C SER C 271 34.29 4.02 -3.25
N ALA C 272 33.45 5.06 -3.26
CA ALA C 272 32.25 5.06 -2.46
C ALA C 272 31.14 4.20 -3.05
N LEU C 273 31.29 3.75 -4.29
CA LEU C 273 30.33 2.83 -4.87
C LEU C 273 30.43 1.45 -4.22
N GLY C 274 31.65 0.96 -4.02
CA GLY C 274 31.87 -0.26 -3.26
C GLY C 274 31.20 -1.47 -3.86
N ASP C 275 30.64 -2.31 -2.99
CA ASP C 275 30.06 -3.59 -3.37
C ASP C 275 28.55 -3.54 -3.27
N ASP C 276 27.90 -4.41 -4.04
CA ASP C 276 26.49 -4.66 -3.83
C ASP C 276 26.25 -5.50 -2.59
N LYS C 277 27.22 -6.34 -2.22
CA LYS C 277 27.10 -7.26 -1.10
C LYS C 277 26.64 -6.56 0.18
N LEU C 278 25.66 -7.17 0.85
CA LEU C 278 25.06 -6.62 2.06
C LEU C 278 25.52 -7.31 3.33
N ASP C 279 26.68 -7.95 3.33
CA ASP C 279 27.21 -8.52 4.55
C ASP C 279 27.76 -7.42 5.46
N LEU C 280 27.78 -7.71 6.75
CA LEU C 280 28.19 -6.72 7.75
C LEU C 280 29.70 -6.59 7.75
N ASP C 281 30.19 -5.35 7.60
CA ASP C 281 31.62 -5.10 7.61
C ASP C 281 32.14 -5.06 9.05
N GLU C 282 33.46 -4.88 9.18
CA GLU C 282 34.08 -4.83 10.50
C GLU C 282 33.53 -3.68 11.32
N LYS C 283 33.25 -2.54 10.70
CA LYS C 283 32.68 -1.42 11.42
C LYS C 283 31.24 -1.70 11.83
N ALA C 284 30.47 -2.36 10.96
CA ALA C 284 29.10 -2.71 11.32
C ALA C 284 29.06 -3.76 12.43
N LEU C 285 30.00 -4.69 12.41
CA LEU C 285 30.05 -5.71 13.46
C LEU C 285 30.42 -5.11 14.81
N LYS C 286 31.23 -4.04 14.80
CA LYS C 286 31.54 -3.37 16.05
C LYS C 286 30.33 -2.63 16.60
N ASN C 287 29.50 -2.07 15.71
CA ASN C 287 28.29 -1.37 16.12
C ASN C 287 27.13 -2.32 16.41
N ARG C 288 27.23 -3.57 15.97
CA ARG C 288 26.17 -4.56 16.22
C ARG C 288 26.14 -5.00 17.68
N VAL C 289 27.14 -4.62 18.47
CA VAL C 289 27.12 -4.89 19.90
C VAL C 289 25.89 -4.28 20.56
N PHE C 290 25.47 -3.11 20.08
CA PHE C 290 24.34 -2.40 20.67
C PHE C 290 23.01 -2.78 20.04
N ALA C 291 22.93 -3.94 19.39
CA ALA C 291 21.67 -4.45 18.89
C ALA C 291 20.84 -5.04 20.03
N ARG C 292 19.58 -5.31 19.74
CA ARG C 292 18.68 -5.87 20.74
C ARG C 292 19.07 -7.29 21.12
N SER C 293 18.86 -7.63 22.39
CA SER C 293 19.00 -9.00 22.86
C SER C 293 18.15 -9.18 24.10
N LEU C 294 17.95 -10.44 24.46
CA LEU C 294 17.08 -10.78 25.58
C LEU C 294 17.86 -10.77 26.89
N TYR C 295 17.35 -10.03 27.87
CA TYR C 295 17.95 -9.94 29.19
C TYR C 295 16.87 -10.21 30.24
N ALA C 296 17.33 -10.50 31.45
CA ALA C 296 16.43 -10.68 32.59
C ALA C 296 16.20 -9.33 33.26
N SER C 297 14.96 -8.86 33.22
CA SER C 297 14.58 -7.60 33.83
C SER C 297 14.20 -7.74 35.30
N LYS C 298 14.33 -8.95 35.85
CA LYS C 298 14.05 -9.24 37.24
C LYS C 298 14.99 -10.36 37.68
N ASP C 299 15.00 -10.64 38.97
CA ASP C 299 15.64 -11.85 39.46
C ASP C 299 14.71 -13.02 39.15
N ILE C 300 15.29 -14.14 38.72
CA ILE C 300 14.52 -15.30 38.32
C ILE C 300 15.05 -16.52 39.06
N LYS C 301 14.21 -17.13 39.90
CA LYS C 301 14.61 -18.33 40.61
C LYS C 301 14.49 -19.54 39.70
N LYS C 302 15.25 -20.59 40.04
CA LYS C 302 15.20 -21.80 39.23
C LYS C 302 13.80 -22.40 39.27
N GLY C 303 13.29 -22.75 38.09
CA GLY C 303 11.95 -23.28 37.94
C GLY C 303 10.88 -22.25 37.67
N GLU C 304 11.19 -20.96 37.78
CA GLU C 304 10.24 -19.92 37.44
C GLU C 304 10.13 -19.84 35.92
N ILE C 305 8.93 -19.58 35.43
CA ILE C 305 8.75 -19.52 33.98
C ILE C 305 8.96 -18.10 33.50
N PHE C 306 9.43 -17.96 32.26
CA PHE C 306 9.72 -16.66 31.69
C PHE C 306 8.45 -15.98 31.22
N SER C 307 8.42 -14.66 31.34
CA SER C 307 7.25 -13.87 31.00
C SER C 307 7.67 -12.47 30.57
N GLU C 308 6.67 -11.64 30.28
CA GLU C 308 6.92 -10.24 29.95
C GLU C 308 7.54 -9.48 31.12
N GLU C 309 7.24 -9.88 32.36
CA GLU C 309 7.69 -9.11 33.52
C GLU C 309 9.18 -9.30 33.81
N ASN C 310 9.76 -10.46 33.49
CA ASN C 310 11.14 -10.75 33.82
C ASN C 310 12.05 -10.92 32.61
N VAL C 311 11.51 -10.78 31.39
CA VAL C 311 12.31 -10.83 30.18
C VAL C 311 12.09 -9.54 29.40
N LYS C 312 13.18 -8.93 28.97
CA LYS C 312 13.11 -7.66 28.24
C LYS C 312 14.07 -7.69 27.05
N SER C 313 13.59 -7.18 25.92
CA SER C 313 14.42 -7.01 24.74
C SER C 313 15.13 -5.66 24.86
N VAL C 314 16.44 -5.70 25.08
CA VAL C 314 17.23 -4.50 25.34
C VAL C 314 18.57 -4.63 24.64
N ARG C 315 19.33 -3.53 24.68
CA ARG C 315 20.73 -3.30 24.35
C ARG C 315 21.58 -3.52 25.60
N PRO C 316 22.77 -4.14 25.47
CA PRO C 316 23.41 -4.55 24.22
C PRO C 316 22.93 -5.89 23.68
N SER C 317 23.72 -6.49 22.80
CA SER C 317 23.34 -7.71 22.09
C SER C 317 23.94 -8.97 22.69
N PHE C 318 24.45 -8.90 23.92
CA PHE C 318 25.13 -10.05 24.52
C PHE C 318 24.17 -11.14 24.98
N GLY C 319 22.87 -10.89 24.95
CA GLY C 319 21.89 -11.87 25.39
C GLY C 319 21.39 -12.73 24.24
N LEU C 320 20.23 -13.33 24.47
CA LEU C 320 19.57 -14.14 23.45
C LEU C 320 19.07 -13.26 22.32
N HIS C 321 19.13 -13.79 21.11
CA HIS C 321 18.58 -13.07 19.97
C HIS C 321 17.08 -12.86 20.18
N PRO C 322 16.56 -11.67 19.86
CA PRO C 322 15.14 -11.39 20.13
C PRO C 322 14.17 -12.34 19.45
N LYS C 323 14.63 -13.15 18.49
CA LYS C 323 13.75 -14.13 17.84
C LYS C 323 13.27 -15.19 18.84
N PHE C 324 14.03 -15.44 19.90
CA PHE C 324 13.65 -16.42 20.90
C PHE C 324 12.55 -15.94 21.84
N TYR C 325 12.11 -14.69 21.72
CA TYR C 325 11.25 -14.11 22.74
C TYR C 325 9.96 -14.91 22.91
N GLN C 326 9.33 -15.27 21.79
CA GLN C 326 8.09 -16.06 21.85
C GLN C 326 8.37 -17.48 22.29
N GLU C 327 9.44 -18.08 21.78
CA GLU C 327 9.79 -19.45 22.16
C GLU C 327 10.21 -19.52 23.64
N LEU C 328 10.93 -18.51 24.12
CA LEU C 328 11.38 -18.50 25.51
C LEU C 328 10.22 -18.28 26.47
N LEU C 329 9.28 -17.41 26.10
CA LEU C 329 8.17 -17.10 26.99
C LEU C 329 7.36 -18.36 27.27
N GLY C 330 7.10 -18.61 28.54
CA GLY C 330 6.40 -19.80 28.98
C GLY C 330 7.29 -20.97 29.33
N LYS C 331 8.57 -20.91 28.98
CA LYS C 331 9.52 -21.96 29.33
C LYS C 331 10.01 -21.76 30.76
N LYS C 332 10.73 -22.75 31.26
CA LYS C 332 11.15 -22.78 32.65
C LYS C 332 12.64 -22.49 32.77
N ALA C 333 13.00 -21.71 33.80
CA ALA C 333 14.41 -21.44 34.06
C ALA C 333 15.09 -22.67 34.61
N THR C 334 16.29 -22.96 34.11
CA THR C 334 17.07 -24.11 34.58
C THR C 334 18.07 -23.75 35.65
N LYS C 335 18.21 -22.47 35.98
CA LYS C 335 19.18 -21.99 36.96
C LYS C 335 18.64 -20.70 37.55
N ASP C 336 19.29 -20.23 38.61
CA ASP C 336 18.96 -18.92 39.17
C ASP C 336 19.53 -17.83 38.26
N ILE C 337 18.68 -16.91 37.84
CA ILE C 337 19.08 -15.83 36.94
C ILE C 337 18.86 -14.49 37.64
N LYS C 338 19.92 -13.71 37.77
CA LYS C 338 19.85 -12.42 38.43
C LYS C 338 19.45 -11.32 37.45
N PHE C 339 18.95 -10.22 38.01
CA PHE C 339 18.55 -9.07 37.21
C PHE C 339 19.76 -8.49 36.49
N GLY C 340 19.60 -8.22 35.20
CA GLY C 340 20.69 -7.75 34.38
C GLY C 340 21.53 -8.85 33.74
N ASP C 341 21.11 -10.11 33.87
CA ASP C 341 21.85 -11.21 33.30
C ASP C 341 21.49 -11.39 31.84
N ALA C 342 22.51 -11.61 31.01
CA ALA C 342 22.26 -11.92 29.61
C ALA C 342 21.73 -13.33 29.49
N LEU C 343 20.58 -13.48 28.84
CA LEU C 343 19.97 -14.79 28.68
C LEU C 343 20.73 -15.61 27.65
N LYS C 344 20.85 -16.91 27.90
CA LYS C 344 21.50 -17.82 26.98
C LYS C 344 20.64 -19.05 26.78
N GLN C 345 20.98 -19.82 25.74
CA GLN C 345 20.38 -21.13 25.58
C GLN C 345 20.92 -22.02 26.69
N GLY C 346 20.05 -22.76 27.34
CA GLY C 346 20.40 -23.46 28.55
C GLY C 346 19.91 -22.78 29.80
N ASP C 347 19.62 -21.47 29.72
CA ASP C 347 18.90 -20.80 30.79
C ASP C 347 17.45 -21.25 30.81
N PHE C 348 16.97 -21.90 29.74
CA PHE C 348 15.63 -22.47 29.70
C PHE C 348 15.70 -23.85 29.04
N GLN D 8 3.09 6.99 -0.71
CA GLN D 8 2.90 8.34 -0.19
C GLN D 8 3.10 8.37 1.32
N ILE D 9 3.92 9.31 1.80
CA ILE D 9 4.14 9.54 3.22
C ILE D 9 3.41 10.82 3.60
N GLY D 10 2.30 10.68 4.31
CA GLY D 10 1.46 11.83 4.60
C GLY D 10 0.86 12.38 3.33
N ASN D 11 1.21 13.63 3.01
CA ASN D 11 0.81 14.28 1.77
C ASN D 11 1.92 14.26 0.73
N PHE D 12 3.04 13.60 1.03
CA PHE D 12 4.23 13.63 0.20
C PHE D 12 4.26 12.46 -0.78
N ASN D 13 4.44 12.78 -2.07
CA ASN D 13 4.60 11.77 -3.11
C ASN D 13 6.09 11.48 -3.27
N THR D 14 6.52 10.30 -2.84
CA THR D 14 7.93 9.96 -2.86
C THR D 14 8.42 9.47 -4.21
N ASP D 15 7.52 9.27 -5.17
CA ASP D 15 7.93 8.96 -6.54
C ASP D 15 8.19 10.21 -7.37
N LYS D 16 7.79 11.39 -6.88
CA LYS D 16 8.01 12.65 -7.58
C LYS D 16 9.14 13.47 -6.97
N LYS D 17 9.31 13.42 -5.66
CA LYS D 17 10.32 14.20 -4.96
C LYS D 17 11.04 13.29 -3.97
N VAL D 18 12.32 13.58 -3.74
CA VAL D 18 13.08 12.84 -2.74
C VAL D 18 12.67 13.33 -1.35
N PHE D 19 12.36 12.39 -0.46
CA PHE D 19 11.92 12.72 0.89
C PHE D 19 13.15 12.97 1.75
N ILE D 20 13.42 14.25 2.04
CA ILE D 20 14.57 14.66 2.82
C ILE D 20 14.14 14.84 4.27
N ILE D 21 14.75 14.08 5.17
CA ILE D 21 14.39 14.07 6.58
C ILE D 21 15.52 14.72 7.38
N ALA D 22 15.16 15.68 8.23
CA ALA D 22 16.09 16.28 9.18
C ALA D 22 15.88 15.65 10.54
N GLU D 23 16.90 14.94 11.03
CA GLU D 23 16.82 14.23 12.31
C GLU D 23 17.15 15.18 13.45
N LEU D 24 16.14 15.50 14.27
CA LEU D 24 16.39 16.33 15.44
C LEU D 24 17.28 15.61 16.44
N SER D 25 17.10 14.29 16.58
CA SER D 25 17.94 13.42 17.41
C SER D 25 17.99 14.02 18.81
N ALA D 26 19.16 14.11 19.44
CA ALA D 26 19.32 14.78 20.73
C ALA D 26 19.93 16.17 20.59
N ASN D 27 19.82 16.77 19.40
CA ASN D 27 20.41 18.07 19.12
C ASN D 27 19.58 19.22 19.67
N HIS D 28 18.54 18.95 20.47
CA HIS D 28 17.86 20.01 21.21
C HIS D 28 18.57 20.39 22.50
N ALA D 29 19.53 19.56 22.95
CA ALA D 29 20.32 19.83 24.15
C ALA D 29 19.46 20.02 25.39
N GLY D 30 18.31 19.35 25.44
CA GLY D 30 17.44 19.41 26.60
C GLY D 30 16.64 20.68 26.75
N SER D 31 16.51 21.47 25.69
CA SER D 31 15.74 22.72 25.73
C SER D 31 14.67 22.66 24.66
N LEU D 32 13.41 22.81 25.08
CA LEU D 32 12.29 22.75 24.13
C LEU D 32 12.32 23.93 23.16
N GLU D 33 12.75 25.10 23.61
CA GLU D 33 12.78 26.25 22.71
C GLU D 33 13.75 26.02 21.56
N MET D 34 14.91 25.41 21.85
CA MET D 34 15.84 25.10 20.76
C MET D 34 15.27 24.04 19.84
N ALA D 35 14.53 23.07 20.40
CA ALA D 35 13.90 22.06 19.58
C ALA D 35 12.89 22.70 18.62
N LEU D 36 12.06 23.59 19.14
CA LEU D 36 11.08 24.28 18.31
C LEU D 36 11.77 25.23 17.33
N LYS D 37 12.87 25.86 17.73
CA LYS D 37 13.63 26.67 16.78
C LYS D 37 14.25 25.80 15.69
N SER D 38 14.62 24.56 16.03
CA SER D 38 15.19 23.65 15.04
C SER D 38 14.16 23.25 13.99
N ILE D 39 12.90 23.13 14.39
CA ILE D 39 11.84 22.77 13.44
C ILE D 39 11.67 23.86 12.40
N LYS D 40 11.73 25.13 12.83
CA LYS D 40 11.58 26.22 11.87
C LYS D 40 12.76 26.32 10.93
N ALA D 41 13.97 25.99 11.41
CA ALA D 41 15.16 26.06 10.56
C ALA D 41 15.21 24.91 9.58
N ALA D 42 14.68 23.75 9.96
CA ALA D 42 14.65 22.61 9.04
C ALA D 42 13.78 22.94 7.83
N LYS D 43 12.69 23.68 8.04
CA LYS D 43 11.86 24.09 6.91
C LYS D 43 12.60 25.10 6.03
N LYS D 44 13.34 26.03 6.63
CA LYS D 44 14.11 26.99 5.85
C LYS D 44 15.25 26.32 5.11
N ALA D 45 15.86 25.28 5.70
CA ALA D 45 16.94 24.57 5.04
C ALA D 45 16.47 23.80 3.82
N GLY D 46 15.17 23.52 3.72
CA GLY D 46 14.63 22.76 2.63
C GLY D 46 14.26 21.34 2.94
N ALA D 47 14.27 20.95 4.21
CA ALA D 47 13.85 19.61 4.59
C ALA D 47 12.35 19.46 4.44
N ASP D 48 11.91 18.24 4.17
CA ASP D 48 10.50 17.94 3.99
C ASP D 48 9.85 17.39 5.25
N ALA D 49 10.63 16.86 6.19
CA ALA D 49 10.10 16.36 7.43
C ALA D 49 11.17 16.46 8.50
N ILE D 50 10.74 16.59 9.75
CA ILE D 50 11.61 16.56 10.91
C ILE D 50 11.30 15.27 11.66
N LYS D 51 12.34 14.56 12.07
CA LYS D 51 12.19 13.27 12.73
C LYS D 51 12.76 13.37 14.12
N ILE D 52 11.91 13.15 15.12
CA ILE D 52 12.33 13.16 16.50
C ILE D 52 12.43 11.73 17.01
N GLN D 53 13.03 11.56 18.19
CA GLN D 53 13.17 10.27 18.85
C GLN D 53 12.25 10.22 20.06
N THR D 54 11.44 9.17 20.14
CA THR D 54 10.51 9.00 21.26
C THR D 54 10.95 7.80 22.09
N TYR D 55 11.51 8.06 23.27
CA TYR D 55 11.88 6.96 24.16
C TYR D 55 12.05 7.46 25.58
N THR D 56 12.05 6.50 26.50
CA THR D 56 12.54 6.62 27.86
C THR D 56 13.72 5.67 28.00
N PRO D 57 14.54 5.81 29.04
CA PRO D 57 15.64 4.86 29.22
C PRO D 57 15.17 3.42 29.34
N ASP D 58 13.99 3.19 29.94
CA ASP D 58 13.43 1.84 30.00
C ASP D 58 13.20 1.26 28.61
N SER D 59 12.88 2.12 27.64
CA SER D 59 12.61 1.66 26.29
C SER D 59 13.83 1.00 25.66
N LEU D 60 15.03 1.41 26.08
CA LEU D 60 16.27 1.04 25.39
C LEU D 60 17.08 -0.01 26.13
N THR D 61 17.28 0.13 27.43
CA THR D 61 18.27 -0.68 28.15
C THR D 61 17.79 -0.87 29.58
N LEU D 62 18.64 -1.45 30.41
CA LEU D 62 18.31 -1.74 31.79
C LEU D 62 19.06 -0.81 32.73
N ASN D 63 18.43 -0.49 33.85
CA ASN D 63 19.04 0.33 34.89
C ASN D 63 19.84 -0.60 35.80
N SER D 64 21.04 -0.96 35.33
CA SER D 64 21.88 -1.94 36.00
C SER D 64 23.33 -1.48 35.99
N ASP D 65 24.09 -1.93 37.00
CA ASP D 65 25.51 -1.62 37.13
C ASP D 65 26.41 -2.65 36.45
N LYS D 66 25.85 -3.71 35.86
CA LYS D 66 26.66 -4.76 35.27
C LYS D 66 27.53 -4.24 34.13
N GLU D 67 28.58 -5.00 33.82
CA GLU D 67 29.55 -4.56 32.81
C GLU D 67 28.87 -4.30 31.47
N ASP D 68 27.87 -5.11 31.12
CA ASP D 68 27.20 -4.95 29.84
C ASP D 68 26.52 -3.58 29.74
N PHE D 69 26.11 -3.01 30.86
CA PHE D 69 25.31 -1.78 30.87
C PHE D 69 26.12 -0.55 31.27
N ILE D 70 27.44 -0.65 31.36
CA ILE D 70 28.29 0.50 31.66
C ILE D 70 29.02 0.92 30.38
N ILE D 71 29.15 2.23 30.18
CA ILE D 71 29.78 2.78 28.99
C ILE D 71 31.29 2.67 29.14
N LYS D 72 31.97 2.47 28.02
CA LYS D 72 33.43 2.28 28.02
C LYS D 72 34.11 3.44 27.29
N GLY D 73 35.00 4.12 27.99
CA GLY D 73 35.98 4.99 27.38
C GLY D 73 35.60 6.41 27.06
N GLY D 74 34.34 6.66 26.69
CA GLY D 74 33.93 7.96 26.21
C GLY D 74 33.88 9.07 27.25
N LEU D 75 33.14 10.13 26.97
CA LEU D 75 32.86 11.14 27.99
C LEU D 75 32.15 10.52 29.18
N TRP D 76 31.31 9.50 28.93
CA TRP D 76 30.67 8.73 29.99
C TRP D 76 31.52 7.50 30.31
N ASP D 77 32.77 7.75 30.71
CA ASP D 77 33.78 6.72 30.75
C ASP D 77 33.46 5.61 31.75
N LYS D 78 32.55 5.85 32.70
CA LYS D 78 32.18 4.80 33.64
C LYS D 78 30.71 4.83 34.02
N ARG D 79 29.86 5.57 33.30
CA ARG D 79 28.45 5.68 33.66
C ARG D 79 27.63 4.62 32.92
N LYS D 80 26.34 4.56 33.23
CA LYS D 80 25.46 3.55 32.67
C LYS D 80 24.91 3.97 31.31
N LEU D 81 24.49 2.97 30.54
CA LEU D 81 23.71 3.22 29.33
C LEU D 81 22.41 3.92 29.66
N TYR D 82 21.81 3.57 30.80
CA TYR D 82 20.57 4.19 31.25
C TYR D 82 20.75 5.70 31.47
N GLU D 83 21.92 6.10 31.98
CA GLU D 83 22.18 7.51 32.24
C GLU D 83 22.36 8.30 30.96
N LEU D 84 23.05 7.71 29.97
CA LEU D 84 23.24 8.39 28.69
C LEU D 84 21.90 8.63 28.01
N TYR D 85 21.09 7.58 27.91
CA TYR D 85 19.78 7.71 27.28
C TYR D 85 18.83 8.60 28.08
N GLU D 86 19.05 8.71 29.39
CA GLU D 86 18.20 9.56 30.21
C GLU D 86 18.45 11.04 29.91
N SER D 87 19.70 11.42 29.71
CA SER D 87 20.03 12.82 29.47
C SER D 87 19.71 13.23 28.05
N ALA D 88 19.83 12.32 27.09
CA ALA D 88 19.59 12.63 25.68
C ALA D 88 18.14 12.45 25.25
N LYS D 89 17.26 11.99 26.14
CA LYS D 89 15.89 11.70 25.75
C LYS D 89 15.15 12.98 25.32
N THR D 90 14.20 12.81 24.41
CA THR D 90 13.25 13.88 24.08
C THR D 90 12.01 13.68 24.93
N PRO D 91 11.69 14.59 25.85
CA PRO D 91 10.58 14.35 26.79
C PRO D 91 9.24 14.18 26.08
N TYR D 92 8.37 13.37 26.68
CA TYR D 92 7.01 13.22 26.19
C TYR D 92 6.23 14.53 26.26
N GLU D 93 6.57 15.39 27.24
CA GLU D 93 5.85 16.64 27.41
C GLU D 93 6.05 17.58 26.21
N TRP D 94 7.17 17.44 25.50
CA TRP D 94 7.45 18.32 24.37
C TRP D 94 6.69 17.93 23.11
N HIS D 95 6.18 16.71 23.03
CA HIS D 95 5.68 16.18 21.77
C HIS D 95 4.52 17.00 21.22
N SER D 96 3.60 17.42 22.09
CA SER D 96 2.46 18.22 21.63
C SER D 96 2.92 19.51 20.96
N GLN D 97 3.82 20.23 21.60
CA GLN D 97 4.32 21.48 21.02
C GLN D 97 5.14 21.22 19.77
N ILE D 98 5.94 20.15 19.76
CA ILE D 98 6.77 19.85 18.60
C ILE D 98 5.90 19.58 17.38
N PHE D 99 4.88 18.73 17.53
CA PHE D 99 4.01 18.41 16.42
C PHE D 99 3.20 19.63 15.98
N GLU D 100 2.73 20.43 16.95
CA GLU D 100 1.96 21.62 16.61
C GLU D 100 2.84 22.67 15.93
N THR D 101 4.11 22.77 16.34
CA THR D 101 5.03 23.70 15.68
C THR D 101 5.36 23.24 14.27
N ALA D 102 5.50 21.92 14.06
CA ALA D 102 5.81 21.43 12.73
C ALA D 102 4.67 21.69 11.76
N GLN D 103 3.43 21.45 12.18
CA GLN D 103 2.29 21.71 11.30
C GLN D 103 2.14 23.19 11.00
N ASN D 104 2.38 24.05 12.00
CA ASN D 104 2.26 25.49 11.79
C ASN D 104 3.31 25.96 10.79
N GLU D 105 4.53 25.44 10.88
CA GLU D 105 5.60 25.79 9.95
C GLU D 105 5.49 25.07 8.62
N GLY D 106 4.62 24.07 8.51
CA GLY D 106 4.41 23.38 7.26
C GLY D 106 5.31 22.19 7.02
N ILE D 107 6.16 21.85 7.96
CA ILE D 107 7.06 20.72 7.80
C ILE D 107 6.41 19.49 8.39
N LEU D 108 6.70 18.32 7.81
CA LEU D 108 6.15 17.08 8.32
C LEU D 108 6.92 16.66 9.57
N CYS D 109 6.26 15.83 10.38
CA CYS D 109 6.85 15.37 11.62
C CYS D 109 6.46 13.91 11.86
N PHE D 110 7.47 13.10 12.16
CA PHE D 110 7.25 11.73 12.60
C PHE D 110 8.39 11.37 13.53
N SER D 111 8.27 10.24 14.21
CA SER D 111 9.17 9.92 15.30
C SER D 111 9.75 8.52 15.14
N SER D 112 10.88 8.32 15.83
CA SER D 112 11.54 7.03 15.92
C SER D 112 11.27 6.44 17.30
N PRO D 113 10.34 5.51 17.43
CA PRO D 113 10.10 4.87 18.73
C PRO D 113 11.10 3.76 19.01
N PHE D 114 11.25 3.44 20.30
CA PHE D 114 12.19 2.41 20.71
C PHE D 114 11.59 1.34 21.61
N ALA D 115 10.31 1.40 21.94
CA ALA D 115 9.67 0.34 22.70
C ALA D 115 8.17 0.36 22.42
N LYS D 116 7.48 -0.64 22.95
CA LYS D 116 6.03 -0.71 22.81
C LYS D 116 5.36 0.49 23.48
N GLU D 117 5.88 0.91 24.62
CA GLU D 117 5.31 2.05 25.34
C GLU D 117 5.40 3.33 24.51
N ASP D 118 6.48 3.49 23.73
CA ASP D 118 6.61 4.68 22.90
C ASP D 118 5.59 4.69 21.77
N VAL D 119 5.28 3.52 21.22
CA VAL D 119 4.32 3.43 20.13
C VAL D 119 2.92 3.80 20.60
N GLU D 120 2.51 3.25 21.75
CA GLU D 120 1.18 3.55 22.28
C GLU D 120 1.04 5.04 22.61
N PHE D 121 2.13 5.67 23.06
CA PHE D 121 2.08 7.11 23.29
C PHE D 121 1.98 7.89 21.99
N LEU D 122 2.68 7.43 20.94
CA LEU D 122 2.69 8.14 19.66
C LEU D 122 1.37 8.00 18.91
N LYS D 123 0.59 6.94 19.18
CA LYS D 123 -0.61 6.69 18.39
C LYS D 123 -1.62 7.83 18.48
N ARG D 124 -1.60 8.61 19.56
CA ARG D 124 -2.52 9.73 19.72
C ARG D 124 -2.18 10.91 18.81
N PHE D 125 -0.96 10.95 18.26
CA PHE D 125 -0.59 12.03 17.36
C PHE D 125 -0.82 11.67 15.90
N ASP D 126 -1.20 10.42 15.61
CA ASP D 126 -1.42 9.91 14.26
C ASP D 126 -0.22 10.22 13.37
N PRO D 127 0.94 9.61 13.63
CA PRO D 127 2.14 9.97 12.86
C PRO D 127 2.04 9.46 11.44
N ILE D 128 2.53 10.28 10.50
CA ILE D 128 2.48 9.91 9.09
C ILE D 128 3.34 8.70 8.81
N ALA D 129 4.40 8.49 9.60
CA ALA D 129 5.33 7.40 9.36
C ALA D 129 5.99 6.98 10.66
N TYR D 130 6.68 5.84 10.60
CA TYR D 130 7.50 5.36 11.70
C TYR D 130 8.90 5.07 11.19
N LYS D 131 9.87 5.20 12.08
CA LYS D 131 11.27 4.93 11.80
C LYS D 131 11.80 3.91 12.78
N ILE D 132 12.35 2.82 12.27
CA ILE D 132 12.96 1.79 13.09
C ILE D 132 14.47 1.96 12.97
N ALA D 133 15.11 2.30 14.07
CA ALA D 133 16.55 2.51 14.06
C ALA D 133 17.28 1.20 13.78
N SER D 134 18.55 1.32 13.39
CA SER D 134 19.33 0.15 13.00
C SER D 134 19.40 -0.86 14.14
N PHE D 135 19.53 -0.37 15.38
CA PHE D 135 19.70 -1.27 16.52
C PHE D 135 18.44 -2.07 16.83
N GLU D 136 17.27 -1.60 16.40
CA GLU D 136 16.03 -2.33 16.63
C GLU D 136 15.63 -3.21 15.46
N ALA D 137 16.45 -3.27 14.41
CA ALA D 137 16.06 -4.01 13.21
C ALA D 137 16.01 -5.51 13.44
N ASN D 138 16.77 -6.02 14.41
CA ASN D 138 16.79 -7.45 14.66
C ASN D 138 15.72 -7.92 15.65
N ASP D 139 14.87 -7.04 16.16
CA ASP D 139 13.81 -7.40 17.11
C ASP D 139 12.50 -7.59 16.35
N GLU D 140 12.15 -8.84 16.06
CA GLU D 140 10.98 -9.12 15.24
C GLU D 140 9.69 -8.74 15.93
N ASN D 141 9.60 -8.92 17.26
CA ASN D 141 8.38 -8.53 17.97
C ASN D 141 8.18 -7.03 17.94
N PHE D 142 9.26 -6.26 18.07
CA PHE D 142 9.16 -4.82 17.94
C PHE D 142 8.83 -4.42 16.51
N VAL D 143 9.45 -5.09 15.52
CA VAL D 143 9.17 -4.80 14.11
C VAL D 143 7.73 -5.14 13.78
N ARG D 144 7.22 -6.26 14.29
CA ARG D 144 5.83 -6.63 14.05
C ARG D 144 4.87 -5.62 14.65
N LEU D 145 5.20 -5.11 15.84
CA LEU D 145 4.35 -4.10 16.48
C LEU D 145 4.26 -2.84 15.64
N ILE D 146 5.36 -2.44 14.99
CA ILE D 146 5.36 -1.24 14.18
C ILE D 146 4.64 -1.47 12.86
N ALA D 147 4.79 -2.65 12.28
CA ALA D 147 4.12 -2.95 11.01
C ALA D 147 2.62 -2.98 11.17
N LYS D 148 2.11 -3.40 12.33
CA LYS D 148 0.67 -3.45 12.55
C LYS D 148 0.03 -2.08 12.56
N GLU D 149 0.81 -1.00 12.59
CA GLU D 149 0.27 0.35 12.57
C GLU D 149 -0.22 0.80 11.20
N LYS D 150 0.10 0.05 10.13
CA LYS D 150 -0.38 0.33 8.78
C LYS D 150 0.07 1.70 8.26
N LYS D 151 1.23 2.15 8.71
CA LYS D 151 1.84 3.40 8.26
C LYS D 151 3.17 3.13 7.57
N PRO D 152 3.61 4.03 6.70
CA PRO D 152 4.94 3.88 6.08
C PRO D 152 6.02 3.77 7.14
N THR D 153 6.82 2.72 7.05
CA THR D 153 7.85 2.45 8.04
C THR D 153 9.22 2.49 7.38
N ILE D 154 10.10 3.35 7.90
CA ILE D 154 11.48 3.45 7.45
C ILE D 154 12.37 2.67 8.41
N VAL D 155 13.20 1.79 7.85
CA VAL D 155 14.08 0.94 8.65
C VAL D 155 15.52 1.14 8.21
N SER D 156 16.40 1.40 9.18
CA SER D 156 17.83 1.51 8.92
C SER D 156 18.46 0.13 8.95
N THR D 157 19.20 -0.21 7.89
CA THR D 157 19.79 -1.54 7.75
C THR D 157 21.25 -1.60 8.19
N GLY D 158 21.67 -0.68 9.08
CA GLY D 158 23.09 -0.57 9.40
C GLY D 158 23.70 -1.83 9.97
N ILE D 159 22.99 -2.49 10.89
CA ILE D 159 23.52 -3.68 11.55
C ILE D 159 22.75 -4.96 11.24
N ALA D 160 21.62 -4.86 10.54
CA ALA D 160 20.81 -6.05 10.29
C ALA D 160 21.45 -6.96 9.25
N THR D 161 21.34 -8.26 9.49
CA THR D 161 21.81 -9.25 8.53
C THR D 161 20.74 -9.49 7.46
N GLU D 162 21.13 -10.21 6.41
CA GLU D 162 20.19 -10.54 5.35
C GLU D 162 19.02 -11.34 5.87
N GLU D 163 19.27 -12.32 6.75
CA GLU D 163 18.19 -13.10 7.32
C GLU D 163 17.22 -12.20 8.09
N GLU D 164 17.76 -11.22 8.83
CA GLU D 164 16.89 -10.32 9.59
C GLU D 164 16.10 -9.41 8.65
N LEU D 165 16.71 -8.98 7.55
CA LEU D 165 15.99 -8.15 6.58
C LEU D 165 14.85 -8.92 5.93
N PHE D 166 15.06 -10.21 5.65
CA PHE D 166 14.01 -11.02 5.05
C PHE D 166 12.82 -11.17 6.01
N LYS D 167 13.10 -11.37 7.29
CA LYS D 167 12.02 -11.50 8.26
C LYS D 167 11.22 -10.22 8.39
N ILE D 168 11.87 -9.06 8.25
CA ILE D 168 11.14 -7.80 8.25
C ILE D 168 10.19 -7.74 7.08
N CYS D 169 10.64 -8.19 5.90
CA CYS D 169 9.78 -8.17 4.73
C CYS D 169 8.56 -9.06 4.92
N GLU D 170 8.79 -10.30 5.38
CA GLU D 170 7.68 -11.21 5.62
C GLU D 170 6.71 -10.67 6.66
N ILE D 171 7.23 -10.02 7.70
CA ILE D 171 6.37 -9.46 8.74
C ILE D 171 5.49 -8.37 8.16
N PHE D 172 6.08 -7.47 7.35
CA PHE D 172 5.28 -6.42 6.73
C PHE D 172 4.33 -7.00 5.70
N LYS D 173 4.74 -8.06 5.02
CA LYS D 173 3.82 -8.78 4.13
C LYS D 173 2.74 -9.49 4.92
N GLU D 174 3.09 -10.07 6.07
CA GLU D 174 2.09 -10.73 6.90
C GLU D 174 1.03 -9.74 7.39
N GLU D 175 1.48 -8.58 7.87
CA GLU D 175 0.55 -7.57 8.39
C GLU D 175 -0.02 -6.68 7.30
N LYS D 176 0.24 -7.01 6.02
CA LYS D 176 -0.33 -6.29 4.88
C LYS D 176 0.04 -4.81 4.92
N ASN D 177 1.29 -4.52 5.26
CA ASN D 177 1.80 -3.16 5.20
C ASN D 177 2.80 -3.07 4.06
N PRO D 178 2.44 -2.45 2.94
CA PRO D 178 3.32 -2.45 1.76
C PRO D 178 4.32 -1.31 1.72
N ASP D 179 4.22 -0.34 2.63
CA ASP D 179 5.09 0.85 2.58
C ASP D 179 6.29 0.60 3.49
N LEU D 180 7.21 -0.22 3.00
CA LEU D 180 8.45 -0.54 3.71
C LEU D 180 9.62 0.09 2.97
N ILE D 181 10.44 0.84 3.70
CA ILE D 181 11.61 1.51 3.14
C ILE D 181 12.83 1.05 3.92
N PHE D 182 13.87 0.65 3.20
CA PHE D 182 15.14 0.24 3.79
C PHE D 182 16.18 1.32 3.49
N LEU D 183 16.91 1.73 4.52
CA LEU D 183 17.96 2.73 4.34
C LEU D 183 19.32 2.05 4.38
N LYS D 184 20.19 2.46 3.47
CA LYS D 184 21.59 2.10 3.57
C LYS D 184 22.26 3.12 4.49
N CYS D 185 23.06 2.64 5.44
CA CYS D 185 23.73 3.50 6.40
C CYS D 185 25.18 3.72 6.03
N THR D 186 25.64 4.96 6.21
CA THR D 186 27.05 5.29 6.08
C THR D 186 27.53 5.79 7.44
N SER D 187 28.61 5.21 7.94
CA SER D 187 29.12 5.58 9.25
C SER D 187 29.86 6.91 9.21
N ALA D 188 29.94 7.56 10.38
CA ALA D 188 30.65 8.82 10.48
C ALA D 188 32.16 8.56 10.59
N TYR D 189 32.94 9.62 10.50
CA TYR D 189 34.38 9.51 10.70
C TYR D 189 34.65 8.80 12.03
N PRO D 190 35.68 7.95 12.11
CA PRO D 190 36.73 7.68 11.11
C PRO D 190 36.37 6.75 9.95
N ALA D 191 35.09 6.50 9.70
CA ALA D 191 34.72 5.70 8.54
C ALA D 191 35.21 6.34 7.25
N ALA D 192 35.80 5.53 6.38
CA ALA D 192 36.38 5.97 5.14
C ALA D 192 35.31 6.00 4.04
N ILE D 193 35.58 6.78 2.99
CA ILE D 193 34.64 6.83 1.87
C ILE D 193 34.54 5.46 1.20
N GLU D 194 35.62 4.68 1.23
CA GLU D 194 35.60 3.34 0.66
C GLU D 194 34.66 2.39 1.40
N ASP D 195 34.36 2.68 2.66
CA ASP D 195 33.48 1.84 3.45
C ASP D 195 32.01 2.15 3.23
N MET D 196 31.70 3.13 2.36
CA MET D 196 30.32 3.52 2.14
C MET D 196 29.54 2.40 1.46
N ASN D 197 30.08 1.85 0.36
CA ASN D 197 29.43 0.79 -0.40
C ASN D 197 28.02 1.18 -0.80
N LEU D 198 27.91 2.34 -1.45
CA LEU D 198 26.59 2.87 -1.78
C LEU D 198 25.87 2.04 -2.84
N LYS D 199 26.57 1.17 -3.57
CA LYS D 199 25.88 0.32 -4.53
C LYS D 199 24.96 -0.69 -3.86
N GLY D 200 25.10 -0.87 -2.55
CA GLY D 200 24.16 -1.70 -1.80
C GLY D 200 22.74 -1.15 -1.80
N ILE D 201 22.58 0.15 -2.13
CA ILE D 201 21.26 0.73 -2.29
C ILE D 201 20.50 0.01 -3.40
N VAL D 202 21.17 -0.27 -4.52
CA VAL D 202 20.53 -1.03 -5.58
C VAL D 202 20.21 -2.44 -5.09
N SER D 203 21.16 -3.06 -4.41
CA SER D 203 20.97 -4.43 -3.93
C SER D 203 19.82 -4.49 -2.93
N LEU D 204 19.70 -3.48 -2.07
CA LEU D 204 18.60 -3.43 -1.13
C LEU D 204 17.25 -3.37 -1.84
N LYS D 205 17.17 -2.60 -2.93
CA LYS D 205 15.91 -2.49 -3.68
C LYS D 205 15.59 -3.80 -4.42
N GLU D 206 16.59 -4.38 -5.07
CA GLU D 206 16.34 -5.58 -5.87
C GLU D 206 16.03 -6.79 -5.00
N LYS D 207 16.84 -7.01 -3.96
CA LYS D 207 16.75 -8.27 -3.22
C LYS D 207 15.46 -8.36 -2.40
N PHE D 208 15.05 -7.25 -1.78
CA PHE D 208 13.93 -7.27 -0.85
C PHE D 208 12.68 -6.60 -1.39
N ASN D 209 12.72 -6.05 -2.61
CA ASN D 209 11.56 -5.45 -3.26
C ASN D 209 10.91 -4.41 -2.36
N VAL D 210 11.74 -3.49 -1.86
CA VAL D 210 11.29 -2.38 -1.03
C VAL D 210 11.82 -1.09 -1.64
N GLU D 211 11.29 0.02 -1.17
CA GLU D 211 11.88 1.31 -1.50
C GLU D 211 13.12 1.53 -0.64
N VAL D 212 14.06 2.30 -1.16
CA VAL D 212 15.36 2.43 -0.54
C VAL D 212 15.66 3.91 -0.27
N GLY D 213 16.56 4.13 0.67
CA GLY D 213 16.98 5.48 1.01
C GLY D 213 18.36 5.43 1.64
N LEU D 214 18.84 6.61 2.03
CA LEU D 214 20.19 6.75 2.56
C LEU D 214 20.12 7.43 3.92
N SER D 215 20.75 6.82 4.91
CA SER D 215 20.93 7.41 6.23
C SER D 215 22.41 7.82 6.32
N ASP D 216 22.68 9.10 6.15
CA ASP D 216 24.04 9.59 5.96
C ASP D 216 24.55 10.26 7.23
N HIS D 217 25.60 9.70 7.81
CA HIS D 217 26.34 10.32 8.91
C HIS D 217 27.68 10.88 8.45
N SER D 218 27.90 10.99 7.14
CA SER D 218 29.11 11.49 6.55
C SER D 218 28.96 12.94 6.11
N PHE D 219 30.10 13.58 5.85
CA PHE D 219 30.14 14.98 5.45
C PHE D 219 30.30 15.08 3.93
N GLY D 220 29.73 16.14 3.38
CA GLY D 220 29.84 16.42 1.96
C GLY D 220 28.54 16.12 1.22
N PHE D 221 28.66 16.09 -0.10
CA PHE D 221 27.54 15.83 -0.99
C PHE D 221 27.66 14.51 -1.74
N LEU D 222 28.81 13.83 -1.64
CA LEU D 222 29.05 12.63 -2.42
C LEU D 222 28.00 11.56 -2.12
N ALA D 223 27.79 11.25 -0.84
CA ALA D 223 26.84 10.20 -0.50
C ALA D 223 25.41 10.55 -0.90
N PRO D 224 24.88 11.74 -0.57
CA PRO D 224 23.49 12.02 -0.99
C PRO D 224 23.33 12.15 -2.49
N VAL D 225 24.30 12.76 -3.18
CA VAL D 225 24.18 12.95 -4.62
C VAL D 225 24.24 11.61 -5.35
N MET D 226 25.12 10.71 -4.91
CA MET D 226 25.18 9.38 -5.52
C MET D 226 23.96 8.55 -5.14
N ALA D 227 23.42 8.74 -3.93
CA ALA D 227 22.24 8.00 -3.52
C ALA D 227 21.06 8.33 -4.43
N VAL D 228 20.91 9.61 -4.81
CA VAL D 228 19.85 10.00 -5.74
C VAL D 228 20.00 9.23 -7.04
N ALA D 229 21.21 9.19 -7.59
CA ALA D 229 21.45 8.47 -8.84
C ALA D 229 21.19 6.98 -8.67
N LEU D 230 21.48 6.43 -7.49
CA LEU D 230 21.30 5.01 -7.24
C LEU D 230 19.86 4.63 -6.91
N GLY D 231 18.95 5.60 -6.88
CA GLY D 231 17.54 5.29 -6.69
C GLY D 231 17.00 5.56 -5.30
N ALA D 232 17.78 6.17 -4.42
CA ALA D 232 17.30 6.44 -3.07
C ALA D 232 16.23 7.52 -3.13
N ARG D 233 15.11 7.29 -2.48
CA ARG D 233 14.03 8.26 -2.46
C ARG D 233 13.81 8.84 -1.06
N VAL D 234 14.62 8.45 -0.08
CA VAL D 234 14.59 9.00 1.26
C VAL D 234 16.02 9.28 1.69
N ILE D 235 16.32 10.52 2.06
CA ILE D 235 17.64 10.90 2.55
C ILE D 235 17.49 11.41 3.97
N GLU D 236 18.27 10.83 4.88
CA GLU D 236 18.20 11.12 6.31
C GLU D 236 19.54 11.67 6.76
N LYS D 237 19.51 12.87 7.36
CA LYS D 237 20.71 13.51 7.86
C LYS D 237 20.41 14.15 9.21
N HIS D 238 21.38 14.09 10.12
CA HIS D 238 21.22 14.68 11.44
C HIS D 238 21.37 16.20 11.36
N PHE D 239 20.50 16.89 12.07
CA PHE D 239 20.36 18.34 11.97
C PHE D 239 20.56 18.99 13.33
N MET D 240 21.31 20.08 13.35
CA MET D 240 21.52 20.88 14.55
C MET D 240 21.44 22.36 14.17
N LEU D 241 20.96 23.17 15.11
CA LEU D 241 20.71 24.57 14.81
C LEU D 241 22.00 25.33 14.55
N ASP D 242 23.00 25.18 15.42
CA ASP D 242 24.26 25.87 15.25
C ASP D 242 25.40 24.96 15.68
N LYS D 243 26.62 25.33 15.28
CA LYS D 243 27.81 24.58 15.69
C LYS D 243 28.11 24.73 17.17
N SER D 244 27.37 25.58 17.88
CA SER D 244 27.49 25.71 19.32
C SER D 244 26.81 24.57 20.08
N ILE D 245 25.99 23.76 19.40
CA ILE D 245 25.23 22.71 20.06
C ILE D 245 26.11 21.50 20.32
N GLU D 246 26.03 20.95 21.52
CA GLU D 246 26.79 19.78 21.93
C GLU D 246 25.82 18.65 22.26
N SER D 247 25.90 17.56 21.52
CA SER D 247 25.08 16.38 21.75
C SER D 247 25.88 15.15 21.36
N GLU D 248 25.28 13.97 21.56
CA GLU D 248 25.94 12.74 21.18
C GLU D 248 26.09 12.60 19.67
N ASP D 249 25.27 13.31 18.90
CA ASP D 249 25.29 13.25 17.44
C ASP D 249 25.87 14.50 16.81
N SER D 250 26.26 15.49 17.61
CA SER D 250 26.73 16.76 17.06
C SER D 250 27.97 16.59 16.19
N LYS D 251 28.81 15.60 16.50
CA LYS D 251 30.07 15.42 15.79
C LYS D 251 29.84 15.15 14.30
N PHE D 252 28.76 14.45 13.94
CA PHE D 252 28.48 14.17 12.54
C PHE D 252 27.21 14.85 12.02
N SER D 253 26.68 15.83 12.74
CA SER D 253 25.50 16.54 12.28
C SER D 253 25.88 17.75 11.44
N LEU D 254 24.88 18.32 10.78
CA LEU D 254 25.05 19.51 9.95
C LEU D 254 24.28 20.67 10.57
N ASP D 255 24.87 21.86 10.54
CA ASP D 255 24.16 23.05 10.99
C ASP D 255 23.21 23.51 9.89
N PHE D 256 22.55 24.66 10.10
CA PHE D 256 21.59 25.15 9.12
C PHE D 256 22.23 25.36 7.75
N ASP D 257 23.43 25.93 7.72
CA ASP D 257 24.09 26.22 6.45
C ASP D 257 24.49 24.94 5.72
N GLU D 258 25.12 24.01 6.44
CA GLU D 258 25.57 22.77 5.80
C GLU D 258 24.39 21.91 5.37
N PHE D 259 23.30 21.92 6.15
CA PHE D 259 22.12 21.14 5.78
C PHE D 259 21.42 21.75 4.57
N LYS D 260 21.26 23.07 4.56
CA LYS D 260 20.65 23.74 3.41
C LYS D 260 21.45 23.48 2.15
N ALA D 261 22.78 23.52 2.26
CA ALA D 261 23.62 23.25 1.10
C ALA D 261 23.45 21.81 0.62
N MET D 262 23.27 20.88 1.57
CA MET D 262 23.03 19.49 1.18
C MET D 262 21.67 19.33 0.50
N VAL D 263 20.64 20.01 1.01
CA VAL D 263 19.32 19.92 0.40
C VAL D 263 19.38 20.42 -1.04
N ASP D 264 20.04 21.55 -1.26
CA ASP D 264 20.18 22.07 -2.62
C ASP D 264 20.96 21.11 -3.49
N ALA D 265 21.96 20.43 -2.90
CA ALA D 265 22.73 19.44 -3.66
C ALA D 265 21.86 18.26 -4.05
N VAL D 266 20.99 17.82 -3.15
CA VAL D 266 20.10 16.70 -3.48
C VAL D 266 19.10 17.09 -4.54
N ARG D 267 18.52 18.29 -4.43
CA ARG D 267 17.53 18.70 -5.42
C ARG D 267 18.17 18.87 -6.79
N GLN D 268 19.42 19.33 -6.83
CA GLN D 268 20.15 19.40 -8.09
C GLN D 268 20.34 18.03 -8.70
N ALA D 269 20.67 17.03 -7.86
CA ALA D 269 20.82 15.67 -8.36
C ALA D 269 19.52 15.12 -8.92
N GLU D 270 18.39 15.44 -8.27
CA GLU D 270 17.10 14.98 -8.74
C GLU D 270 16.79 15.49 -10.14
N SER D 271 16.96 16.80 -10.35
CA SER D 271 16.61 17.38 -11.64
C SER D 271 17.55 16.91 -12.74
N ALA D 272 18.82 16.67 -12.41
CA ALA D 272 19.75 16.18 -13.42
C ALA D 272 19.53 14.72 -13.76
N LEU D 273 18.74 14.00 -12.96
CA LEU D 273 18.41 12.62 -13.29
C LEU D 273 17.43 12.57 -14.45
N GLY D 274 16.42 13.43 -14.45
CA GLY D 274 15.49 13.57 -15.56
C GLY D 274 14.73 12.28 -15.82
N ASP D 275 14.46 12.00 -17.09
CA ASP D 275 13.68 10.83 -17.49
C ASP D 275 14.55 9.83 -18.25
N ASP D 276 14.09 8.58 -18.24
CA ASP D 276 14.74 7.53 -19.01
C ASP D 276 14.53 7.70 -20.51
N LYS D 277 13.42 8.32 -20.92
CA LYS D 277 13.09 8.46 -22.34
C LYS D 277 14.26 9.02 -23.14
N LEU D 278 14.51 8.42 -24.31
CA LEU D 278 15.62 8.79 -25.18
C LEU D 278 15.19 9.65 -26.36
N ASP D 279 14.10 10.39 -26.23
CA ASP D 279 13.70 11.32 -27.29
C ASP D 279 14.61 12.55 -27.30
N LEU D 280 14.66 13.18 -28.48
CA LEU D 280 15.52 14.32 -28.72
C LEU D 280 14.91 15.58 -28.10
N ASP D 281 15.70 16.26 -27.25
CA ASP D 281 15.26 17.47 -26.59
C ASP D 281 15.37 18.66 -27.55
N GLU D 282 14.96 19.84 -27.07
CA GLU D 282 15.04 21.05 -27.89
C GLU D 282 16.48 21.34 -28.27
N LYS D 283 17.42 21.15 -27.34
CA LYS D 283 18.83 21.34 -27.66
C LYS D 283 19.35 20.24 -28.56
N ALA D 284 18.88 19.01 -28.37
CA ALA D 284 19.32 17.91 -29.22
C ALA D 284 18.86 18.11 -30.66
N LEU D 285 17.66 18.66 -30.86
CA LEU D 285 17.21 18.93 -32.22
C LEU D 285 18.01 20.07 -32.84
N LYS D 286 18.45 21.03 -32.03
CA LYS D 286 19.28 22.12 -32.54
C LYS D 286 20.64 21.61 -32.98
N ASN D 287 21.19 20.63 -32.26
CA ASN D 287 22.48 20.08 -32.65
C ASN D 287 22.36 19.09 -33.79
N ARG D 288 21.15 18.59 -34.07
CA ARG D 288 21.00 17.65 -35.17
C ARG D 288 21.09 18.37 -36.51
N VAL D 289 21.08 19.70 -36.49
CA VAL D 289 21.28 20.46 -37.72
C VAL D 289 22.59 20.05 -38.37
N PHE D 290 23.62 19.82 -37.57
CA PHE D 290 24.92 19.43 -38.09
C PHE D 290 25.11 17.92 -38.19
N ALA D 291 24.02 17.15 -38.20
CA ALA D 291 24.14 15.73 -38.43
C ALA D 291 24.37 15.45 -39.91
N ARG D 292 24.75 14.23 -40.22
CA ARG D 292 25.04 13.86 -41.60
C ARG D 292 23.77 13.86 -42.45
N SER D 293 23.93 14.24 -43.71
CA SER D 293 22.86 14.14 -44.69
C SER D 293 23.49 13.99 -46.06
N LEU D 294 22.67 13.56 -47.03
CA LEU D 294 23.15 13.34 -48.38
C LEU D 294 23.01 14.62 -49.19
N TYR D 295 24.11 15.05 -49.81
CA TYR D 295 24.15 16.25 -50.62
C TYR D 295 24.77 15.92 -51.97
N ALA D 296 24.56 16.82 -52.92
CA ALA D 296 25.17 16.71 -54.24
C ALA D 296 26.53 17.38 -54.17
N SER D 297 27.59 16.58 -54.36
CA SER D 297 28.94 17.12 -54.31
C SER D 297 29.42 17.65 -55.65
N LYS D 298 28.60 17.59 -56.68
CA LYS D 298 28.85 18.23 -57.97
C LYS D 298 27.51 18.46 -58.64
N ASP D 299 27.54 19.13 -59.79
CA ASP D 299 26.32 19.28 -60.56
C ASP D 299 25.92 17.97 -61.22
N ILE D 300 24.61 17.69 -61.21
CA ILE D 300 24.04 16.46 -61.74
C ILE D 300 22.90 16.83 -62.67
N LYS D 301 23.03 16.50 -63.95
CA LYS D 301 21.99 16.79 -64.93
C LYS D 301 20.88 15.75 -64.87
N LYS D 302 19.70 16.12 -65.38
CA LYS D 302 18.57 15.20 -65.42
C LYS D 302 18.92 13.99 -66.27
N GLY D 303 18.63 12.80 -65.74
CA GLY D 303 18.95 11.56 -66.40
C GLY D 303 20.32 11.00 -66.06
N GLU D 304 21.15 11.77 -65.37
CA GLU D 304 22.43 11.27 -64.89
C GLU D 304 22.22 10.38 -63.67
N ILE D 305 23.04 9.36 -63.56
CA ILE D 305 22.90 8.41 -62.45
C ILE D 305 23.74 8.90 -61.28
N PHE D 306 23.26 8.60 -60.07
CA PHE D 306 23.96 8.97 -58.85
C PHE D 306 25.06 7.96 -58.56
N SER D 307 26.13 8.44 -57.94
CA SER D 307 27.28 7.60 -57.64
C SER D 307 28.00 8.14 -56.41
N GLU D 308 29.07 7.46 -56.02
CA GLU D 308 29.91 7.96 -54.95
C GLU D 308 30.57 9.27 -55.33
N GLU D 309 30.78 9.51 -56.62
CA GLU D 309 31.51 10.68 -57.07
C GLU D 309 30.69 11.96 -56.97
N ASN D 310 29.36 11.85 -57.06
CA ASN D 310 28.51 13.04 -57.03
C ASN D 310 27.58 13.13 -55.84
N VAL D 311 27.61 12.16 -54.93
CA VAL D 311 26.84 12.19 -53.70
C VAL D 311 27.80 12.02 -52.53
N LYS D 312 27.67 12.88 -51.52
CA LYS D 312 28.53 12.82 -50.35
C LYS D 312 27.69 13.01 -49.09
N SER D 313 27.99 12.22 -48.07
CA SER D 313 27.37 12.36 -46.77
C SER D 313 28.12 13.42 -45.99
N VAL D 314 27.48 14.55 -45.75
CA VAL D 314 28.12 15.70 -45.13
C VAL D 314 27.13 16.36 -44.16
N ARG D 315 27.65 17.35 -43.43
CA ARG D 315 26.93 18.31 -42.61
C ARG D 315 26.52 19.51 -43.46
N PRO D 316 25.32 20.07 -43.28
CA PRO D 316 24.31 19.79 -42.26
C PRO D 316 23.39 18.61 -42.56
N SER D 317 22.26 18.56 -41.88
CA SER D 317 21.33 17.44 -41.97
C SER D 317 20.12 17.73 -42.87
N PHE D 318 20.17 18.80 -43.66
CA PHE D 318 19.01 19.20 -44.46
C PHE D 318 18.77 18.32 -45.68
N GLY D 319 19.70 17.42 -46.00
CA GLY D 319 19.57 16.57 -47.15
C GLY D 319 18.92 15.24 -46.82
N LEU D 320 19.12 14.27 -47.70
CA LEU D 320 18.59 12.94 -47.48
C LEU D 320 19.29 12.27 -46.30
N HIS D 321 18.55 11.47 -45.56
CA HIS D 321 19.13 10.72 -44.47
C HIS D 321 20.21 9.79 -45.01
N PRO D 322 21.35 9.65 -44.32
CA PRO D 322 22.42 8.80 -44.86
C PRO D 322 22.02 7.35 -45.04
N LYS D 323 20.90 6.92 -44.45
CA LYS D 323 20.42 5.56 -44.69
C LYS D 323 20.01 5.35 -46.14
N PHE D 324 19.65 6.41 -46.84
CA PHE D 324 19.21 6.32 -48.24
C PHE D 324 20.38 6.13 -49.21
N TYR D 325 21.62 6.16 -48.71
CA TYR D 325 22.79 6.22 -49.58
C TYR D 325 22.88 5.00 -50.49
N GLN D 326 22.65 3.80 -49.93
CA GLN D 326 22.75 2.60 -50.75
C GLN D 326 21.60 2.53 -51.76
N GLU D 327 20.38 2.83 -51.33
CA GLU D 327 19.24 2.79 -52.24
C GLU D 327 19.35 3.88 -53.30
N LEU D 328 19.87 5.05 -52.93
CA LEU D 328 19.98 6.14 -53.89
C LEU D 328 21.03 5.87 -54.95
N LEU D 329 22.15 5.26 -54.57
CA LEU D 329 23.22 5.01 -55.51
C LEU D 329 22.74 4.10 -56.65
N GLY D 330 23.00 4.53 -57.88
CA GLY D 330 22.56 3.82 -59.07
C GLY D 330 21.26 4.31 -59.68
N LYS D 331 20.51 5.16 -58.97
CA LYS D 331 19.28 5.72 -59.50
C LYS D 331 19.57 6.93 -60.39
N LYS D 332 18.53 7.40 -61.07
CA LYS D 332 18.65 8.50 -62.02
C LYS D 332 18.00 9.76 -61.46
N ALA D 333 18.62 10.90 -61.74
CA ALA D 333 18.08 12.19 -61.33
C ALA D 333 16.85 12.56 -62.16
N THR D 334 15.88 13.16 -61.51
CA THR D 334 14.65 13.55 -62.22
C THR D 334 14.68 15.04 -62.53
N LYS D 335 15.73 15.71 -62.11
CA LYS D 335 15.88 17.14 -62.36
C LYS D 335 17.36 17.48 -62.43
N ASP D 336 17.65 18.68 -62.88
CA ASP D 336 19.01 19.19 -62.82
C ASP D 336 19.33 19.58 -61.38
N ILE D 337 20.41 19.01 -60.84
CA ILE D 337 20.83 19.27 -59.46
C ILE D 337 22.21 19.90 -59.50
N LYS D 338 22.34 21.07 -58.91
CA LYS D 338 23.60 21.79 -58.89
C LYS D 338 24.34 21.55 -57.58
N PHE D 339 25.63 21.84 -57.60
CA PHE D 339 26.51 21.58 -56.46
C PHE D 339 26.06 22.33 -55.23
N GLY D 340 26.05 21.64 -54.09
CA GLY D 340 25.61 22.19 -52.83
C GLY D 340 24.14 22.04 -52.53
N ASP D 341 23.39 21.33 -53.37
CA ASP D 341 21.96 21.16 -53.17
C ASP D 341 21.70 20.00 -52.22
N ALA D 342 20.78 20.21 -51.28
CA ALA D 342 20.35 19.12 -50.42
C ALA D 342 19.46 18.18 -51.21
N LEU D 343 19.79 16.88 -51.18
CA LEU D 343 18.98 15.92 -51.91
C LEU D 343 17.65 15.70 -51.19
N LYS D 344 16.58 15.60 -51.97
CA LYS D 344 15.23 15.46 -51.46
C LYS D 344 14.50 14.35 -52.19
N GLN D 345 13.32 14.01 -51.67
CA GLN D 345 12.43 13.07 -52.34
C GLN D 345 11.94 13.70 -53.63
N GLY D 346 11.97 12.93 -54.71
CA GLY D 346 11.68 13.44 -56.03
C GLY D 346 12.90 13.69 -56.88
N ASP D 347 14.08 13.82 -56.26
CA ASP D 347 15.32 13.94 -57.03
C ASP D 347 15.71 12.62 -57.69
N PHE D 348 15.14 11.50 -57.25
CA PHE D 348 15.44 10.20 -57.85
C PHE D 348 14.19 9.35 -58.00
#